data_5BZO
# 
_entry.id   5BZO 
# 
_audit_conform.dict_name       mmcif_pdbx.dic 
_audit_conform.dict_version    5.399 
_audit_conform.dict_location   http://mmcif.pdb.org/dictionaries/ascii/mmcif_pdbx.dic 
# 
loop_
_database_2.database_id 
_database_2.database_code 
_database_2.pdbx_database_accession 
_database_2.pdbx_DOI 
PDB   5BZO         pdb_00005bzo 10.2210/pdb5bzo/pdb 
WWPDB D_1000210189 ?            ?                   
# 
loop_
_pdbx_audit_revision_history.ordinal 
_pdbx_audit_revision_history.data_content_type 
_pdbx_audit_revision_history.major_revision 
_pdbx_audit_revision_history.minor_revision 
_pdbx_audit_revision_history.revision_date 
1 'Structure model' 1 0 2016-06-29 
2 'Structure model' 1 1 2024-11-20 
# 
_pdbx_audit_revision_details.ordinal             1 
_pdbx_audit_revision_details.revision_ordinal    1 
_pdbx_audit_revision_details.data_content_type   'Structure model' 
_pdbx_audit_revision_details.provider            repository 
_pdbx_audit_revision_details.type                'Initial release' 
_pdbx_audit_revision_details.description         ? 
_pdbx_audit_revision_details.details             ? 
# 
loop_
_pdbx_audit_revision_group.ordinal 
_pdbx_audit_revision_group.revision_ordinal 
_pdbx_audit_revision_group.data_content_type 
_pdbx_audit_revision_group.group 
1 2 'Structure model' 'Data collection'      
2 2 'Structure model' 'Database references'  
3 2 'Structure model' 'Derived calculations' 
4 2 'Structure model' 'Structure summary'    
# 
loop_
_pdbx_audit_revision_category.ordinal 
_pdbx_audit_revision_category.revision_ordinal 
_pdbx_audit_revision_category.data_content_type 
_pdbx_audit_revision_category.category 
1 2 'Structure model' chem_comp_atom              
2 2 'Structure model' chem_comp_bond              
3 2 'Structure model' citation                    
4 2 'Structure model' database_2                  
5 2 'Structure model' diffrn_radiation_wavelength 
6 2 'Structure model' pdbx_entry_details          
7 2 'Structure model' pdbx_modification_feature   
8 2 'Structure model' pdbx_struct_oper_list       
# 
loop_
_pdbx_audit_revision_item.ordinal 
_pdbx_audit_revision_item.revision_ordinal 
_pdbx_audit_revision_item.data_content_type 
_pdbx_audit_revision_item.item 
1 2 'Structure model' '_citation.journal_id_CSD'                  
2 2 'Structure model' '_database_2.pdbx_DOI'                      
3 2 'Structure model' '_database_2.pdbx_database_accession'       
4 2 'Structure model' '_pdbx_struct_oper_list.symmetry_operation' 
# 
_pdbx_database_status.status_code                     REL 
_pdbx_database_status.status_code_sf                  REL 
_pdbx_database_status.status_code_mr                  ? 
_pdbx_database_status.entry_id                        5BZO 
_pdbx_database_status.recvd_initial_deposition_date   2015-06-11 
_pdbx_database_status.SG_entry                        N 
_pdbx_database_status.deposit_site                    RCSB 
_pdbx_database_status.process_site                    RCSB 
_pdbx_database_status.status_code_cs                  ? 
_pdbx_database_status.methods_development_category    ? 
_pdbx_database_status.pdb_format_compatible           Y 
_pdbx_database_status.status_code_nmr_data            ? 
# 
loop_
_pdbx_database_related.content_type 
_pdbx_database_related.db_id 
_pdbx_database_related.db_name 
_pdbx_database_related.details 
unspecified 5BZC PDB . 
unspecified 5BZE PDB . 
unspecified 5BZF PDB . 
unspecified 5BZG PDB . 
unspecified 5BZH PDB . 
unspecified 5BZI PDB . 
unspecified 5BZJ PDB . 
unspecified 5BZM PDB . 
unspecified 5BZN PDB . 
unspecified 5BZQ PDB . 
unspecified 5BZP PDB . 
unspecified 5BZR PDB . 
unspecified 5BZS PDB . 
unspecified 5BZT PDB . 
# 
loop_
_audit_author.name 
_audit_author.pdbx_ordinal 
'Liu, L.K.'    1 
'Finzel, B.C.' 2 
# 
_citation.abstract                  ? 
_citation.abstract_id_CAS           ? 
_citation.book_id_ISBN              ? 
_citation.book_publisher            ? 
_citation.book_publisher_city       ? 
_citation.book_title                ? 
_citation.coordinate_linkage        ? 
_citation.country                   ? 
_citation.database_id_Medline       ? 
_citation.details                   ? 
_citation.id                        primary 
_citation.journal_abbrev            'To Be Published' 
_citation.journal_id_ASTM           ? 
_citation.journal_id_CSD            0353 
_citation.journal_id_ISSN           ? 
_citation.journal_full              ? 
_citation.journal_issue             ? 
_citation.journal_volume            ? 
_citation.language                  ? 
_citation.page_first                ? 
_citation.page_last                 ? 
_citation.title                     'Crystal structure of the murine cd44 hyaluronan binding domain complex with a small molecule' 
_citation.year                      ? 
_citation.database_id_CSD           ? 
_citation.pdbx_database_id_DOI      ? 
_citation.pdbx_database_id_PubMed   ? 
_citation.unpublished_flag          ? 
# 
loop_
_citation_author.citation_id 
_citation_author.name 
_citation_author.ordinal 
_citation_author.identifier_ORCID 
primary 'Liu, L.K.'    1 ? 
primary 'Finzel, B.C.' 2 ? 
# 
loop_
_entity.id 
_entity.type 
_entity.src_method 
_entity.pdbx_description 
_entity.formula_weight 
_entity.pdbx_number_of_molecules 
_entity.pdbx_ec 
_entity.pdbx_mutation 
_entity.pdbx_fragment 
_entity.details 
1 polymer     man 'CD44 antigen'                                                    16855.803 1  ? 'H23M; Q24N' 
'HYALURONAN BINDING DOMAIN, RESIDUES 21-171' ? 
2 non-polymer syn '3-(8-amino-3,4-dihydroisoquinolin-2(1H)-yl)-N-methylpropanamide' 233.309   1  ? ?            ? ? 
3 non-polymer syn 'DIMETHYL SULFOXIDE'                                              78.133    1  ? ?            ? ? 
4 non-polymer syn 'SULFATE ION'                                                     96.063    1  ? ?            ? ? 
5 water       nat water                                                             18.015    88 ? ?            ? ? 
# 
_entity_name_com.entity_id   1 
_entity_name_com.name        
;Extracellular matrix receptor III,ECMR-III,GP90 lymphocyte homing/adhesion receptor,HUTCH-I,Hermes antigen,Hyaluronate receptor,Lymphocyte antigen 24,Ly-24,Phagocytic glycoprotein 1,PGP-1,Phagocytic glycoprotein I,PGP-I
;
# 
_entity_poly.entity_id                      1 
_entity_poly.type                           'polypeptide(L)' 
_entity_poly.nstd_linkage                   no 
_entity_poly.nstd_monomer                   no 
_entity_poly.pdbx_seq_one_letter_code       
;MNQIDLNVTCRYAGVFHVEKNGRYSISRTEAADLCQAFNSTLPTMDQMKLALSKGFETCRYGFIEGNVVIPRIHPNAICA
ANHTGVYILVTSNTSHYDTYCFNASAPPEEDCTSVTDLPNSFDGPVTITIVNRDGTRYSKKGEYRTHQEDI
;
_entity_poly.pdbx_seq_one_letter_code_can   
;MNQIDLNVTCRYAGVFHVEKNGRYSISRTEAADLCQAFNSTLPTMDQMKLALSKGFETCRYGFIEGNVVIPRIHPNAICA
ANHTGVYILVTSNTSHYDTYCFNASAPPEEDCTSVTDLPNSFDGPVTITIVNRDGTRYSKKGEYRTHQEDI
;
_entity_poly.pdbx_strand_id                 A 
_entity_poly.pdbx_target_identifier         ? 
# 
loop_
_pdbx_entity_nonpoly.entity_id 
_pdbx_entity_nonpoly.name 
_pdbx_entity_nonpoly.comp_id 
2 '3-(8-amino-3,4-dihydroisoquinolin-2(1H)-yl)-N-methylpropanamide' 4XC 
3 'DIMETHYL SULFOXIDE'                                              DMS 
4 'SULFATE ION'                                                     SO4 
5 water                                                             HOH 
# 
loop_
_entity_poly_seq.entity_id 
_entity_poly_seq.num 
_entity_poly_seq.mon_id 
_entity_poly_seq.hetero 
1 1   MET n 
1 2   ASN n 
1 3   GLN n 
1 4   ILE n 
1 5   ASP n 
1 6   LEU n 
1 7   ASN n 
1 8   VAL n 
1 9   THR n 
1 10  CYS n 
1 11  ARG n 
1 12  TYR n 
1 13  ALA n 
1 14  GLY n 
1 15  VAL n 
1 16  PHE n 
1 17  HIS n 
1 18  VAL n 
1 19  GLU n 
1 20  LYS n 
1 21  ASN n 
1 22  GLY n 
1 23  ARG n 
1 24  TYR n 
1 25  SER n 
1 26  ILE n 
1 27  SER n 
1 28  ARG n 
1 29  THR n 
1 30  GLU n 
1 31  ALA n 
1 32  ALA n 
1 33  ASP n 
1 34  LEU n 
1 35  CYS n 
1 36  GLN n 
1 37  ALA n 
1 38  PHE n 
1 39  ASN n 
1 40  SER n 
1 41  THR n 
1 42  LEU n 
1 43  PRO n 
1 44  THR n 
1 45  MET n 
1 46  ASP n 
1 47  GLN n 
1 48  MET n 
1 49  LYS n 
1 50  LEU n 
1 51  ALA n 
1 52  LEU n 
1 53  SER n 
1 54  LYS n 
1 55  GLY n 
1 56  PHE n 
1 57  GLU n 
1 58  THR n 
1 59  CYS n 
1 60  ARG n 
1 61  TYR n 
1 62  GLY n 
1 63  PHE n 
1 64  ILE n 
1 65  GLU n 
1 66  GLY n 
1 67  ASN n 
1 68  VAL n 
1 69  VAL n 
1 70  ILE n 
1 71  PRO n 
1 72  ARG n 
1 73  ILE n 
1 74  HIS n 
1 75  PRO n 
1 76  ASN n 
1 77  ALA n 
1 78  ILE n 
1 79  CYS n 
1 80  ALA n 
1 81  ALA n 
1 82  ASN n 
1 83  HIS n 
1 84  THR n 
1 85  GLY n 
1 86  VAL n 
1 87  TYR n 
1 88  ILE n 
1 89  LEU n 
1 90  VAL n 
1 91  THR n 
1 92  SER n 
1 93  ASN n 
1 94  THR n 
1 95  SER n 
1 96  HIS n 
1 97  TYR n 
1 98  ASP n 
1 99  THR n 
1 100 TYR n 
1 101 CYS n 
1 102 PHE n 
1 103 ASN n 
1 104 ALA n 
1 105 SER n 
1 106 ALA n 
1 107 PRO n 
1 108 PRO n 
1 109 GLU n 
1 110 GLU n 
1 111 ASP n 
1 112 CYS n 
1 113 THR n 
1 114 SER n 
1 115 VAL n 
1 116 THR n 
1 117 ASP n 
1 118 LEU n 
1 119 PRO n 
1 120 ASN n 
1 121 SER n 
1 122 PHE n 
1 123 ASP n 
1 124 GLY n 
1 125 PRO n 
1 126 VAL n 
1 127 THR n 
1 128 ILE n 
1 129 THR n 
1 130 ILE n 
1 131 VAL n 
1 132 ASN n 
1 133 ARG n 
1 134 ASP n 
1 135 GLY n 
1 136 THR n 
1 137 ARG n 
1 138 TYR n 
1 139 SER n 
1 140 LYS n 
1 141 LYS n 
1 142 GLY n 
1 143 GLU n 
1 144 TYR n 
1 145 ARG n 
1 146 THR n 
1 147 HIS n 
1 148 GLN n 
1 149 GLU n 
1 150 ASP n 
1 151 ILE n 
# 
_entity_src_gen.entity_id                          1 
_entity_src_gen.pdbx_src_id                        1 
_entity_src_gen.pdbx_alt_source_flag               sample 
_entity_src_gen.pdbx_seq_type                      'Biological sequence' 
_entity_src_gen.pdbx_beg_seq_num                   1 
_entity_src_gen.pdbx_end_seq_num                   151 
_entity_src_gen.gene_src_common_name               Mouse 
_entity_src_gen.gene_src_genus                     ? 
_entity_src_gen.pdbx_gene_src_gene                 'Cd44, Ly-24' 
_entity_src_gen.gene_src_species                   ? 
_entity_src_gen.gene_src_strain                    ? 
_entity_src_gen.gene_src_tissue                    ? 
_entity_src_gen.gene_src_tissue_fraction           ? 
_entity_src_gen.gene_src_details                   ? 
_entity_src_gen.pdbx_gene_src_fragment             ? 
_entity_src_gen.pdbx_gene_src_scientific_name      'Mus musculus' 
_entity_src_gen.pdbx_gene_src_ncbi_taxonomy_id     10090 
_entity_src_gen.pdbx_gene_src_variant              ? 
_entity_src_gen.pdbx_gene_src_cell_line            ? 
_entity_src_gen.pdbx_gene_src_atcc                 ? 
_entity_src_gen.pdbx_gene_src_organ                ? 
_entity_src_gen.pdbx_gene_src_organelle            ? 
_entity_src_gen.pdbx_gene_src_cell                 ? 
_entity_src_gen.pdbx_gene_src_cellular_location    ? 
_entity_src_gen.host_org_common_name               ? 
_entity_src_gen.pdbx_host_org_scientific_name      'Escherichia coli' 
_entity_src_gen.pdbx_host_org_ncbi_taxonomy_id     469008 
_entity_src_gen.host_org_genus                     ? 
_entity_src_gen.pdbx_host_org_gene                 ? 
_entity_src_gen.pdbx_host_org_organ                ? 
_entity_src_gen.host_org_species                   ? 
_entity_src_gen.pdbx_host_org_tissue               ? 
_entity_src_gen.pdbx_host_org_tissue_fraction      ? 
_entity_src_gen.pdbx_host_org_strain               'BL21(DE3)' 
_entity_src_gen.pdbx_host_org_variant              ? 
_entity_src_gen.pdbx_host_org_cell_line            ? 
_entity_src_gen.pdbx_host_org_atcc                 ? 
_entity_src_gen.pdbx_host_org_culture_collection   ? 
_entity_src_gen.pdbx_host_org_cell                 ? 
_entity_src_gen.pdbx_host_org_organelle            ? 
_entity_src_gen.pdbx_host_org_cellular_location    ? 
_entity_src_gen.pdbx_host_org_vector_type          plasmid 
_entity_src_gen.pdbx_host_org_vector               ? 
_entity_src_gen.host_org_details                   ? 
_entity_src_gen.expression_system_id               ? 
_entity_src_gen.plasmid_name                       pMCSG7 
_entity_src_gen.plasmid_details                    ? 
_entity_src_gen.pdbx_description                   ? 
# 
loop_
_chem_comp.id 
_chem_comp.type 
_chem_comp.mon_nstd_flag 
_chem_comp.name 
_chem_comp.pdbx_synonyms 
_chem_comp.formula 
_chem_comp.formula_weight 
4XC non-polymer         . '3-(8-amino-3,4-dihydroisoquinolin-2(1H)-yl)-N-methylpropanamide' ? 'C13 H19 N3 O'   233.309 
ALA 'L-peptide linking' y ALANINE                                                           ? 'C3 H7 N O2'     89.093  
ARG 'L-peptide linking' y ARGININE                                                          ? 'C6 H15 N4 O2 1' 175.209 
ASN 'L-peptide linking' y ASPARAGINE                                                        ? 'C4 H8 N2 O3'    132.118 
ASP 'L-peptide linking' y 'ASPARTIC ACID'                                                   ? 'C4 H7 N O4'     133.103 
CYS 'L-peptide linking' y CYSTEINE                                                          ? 'C3 H7 N O2 S'   121.158 
DMS non-polymer         . 'DIMETHYL SULFOXIDE'                                              ? 'C2 H6 O S'      78.133  
GLN 'L-peptide linking' y GLUTAMINE                                                         ? 'C5 H10 N2 O3'   146.144 
GLU 'L-peptide linking' y 'GLUTAMIC ACID'                                                   ? 'C5 H9 N O4'     147.129 
GLY 'peptide linking'   y GLYCINE                                                           ? 'C2 H5 N O2'     75.067  
HIS 'L-peptide linking' y HISTIDINE                                                         ? 'C6 H10 N3 O2 1' 156.162 
HOH non-polymer         . WATER                                                             ? 'H2 O'           18.015  
ILE 'L-peptide linking' y ISOLEUCINE                                                        ? 'C6 H13 N O2'    131.173 
LEU 'L-peptide linking' y LEUCINE                                                           ? 'C6 H13 N O2'    131.173 
LYS 'L-peptide linking' y LYSINE                                                            ? 'C6 H15 N2 O2 1' 147.195 
MET 'L-peptide linking' y METHIONINE                                                        ? 'C5 H11 N O2 S'  149.211 
PHE 'L-peptide linking' y PHENYLALANINE                                                     ? 'C9 H11 N O2'    165.189 
PRO 'L-peptide linking' y PROLINE                                                           ? 'C5 H9 N O2'     115.130 
SER 'L-peptide linking' y SERINE                                                            ? 'C3 H7 N O3'     105.093 
SO4 non-polymer         . 'SULFATE ION'                                                     ? 'O4 S -2'        96.063  
THR 'L-peptide linking' y THREONINE                                                         ? 'C4 H9 N O3'     119.119 
TYR 'L-peptide linking' y TYROSINE                                                          ? 'C9 H11 N O3'    181.189 
VAL 'L-peptide linking' y VALINE                                                            ? 'C5 H11 N O2'    117.146 
# 
loop_
_pdbx_poly_seq_scheme.asym_id 
_pdbx_poly_seq_scheme.entity_id 
_pdbx_poly_seq_scheme.seq_id 
_pdbx_poly_seq_scheme.mon_id 
_pdbx_poly_seq_scheme.ndb_seq_num 
_pdbx_poly_seq_scheme.pdb_seq_num 
_pdbx_poly_seq_scheme.auth_seq_num 
_pdbx_poly_seq_scheme.pdb_mon_id 
_pdbx_poly_seq_scheme.auth_mon_id 
_pdbx_poly_seq_scheme.pdb_strand_id 
_pdbx_poly_seq_scheme.pdb_ins_code 
_pdbx_poly_seq_scheme.hetero 
A 1 1   MET 1   23  ?   ?   ?   A . n 
A 1 2   ASN 2   24  24  ASN ASN A . n 
A 1 3   GLN 3   25  25  GLN GLN A . n 
A 1 4   ILE 4   26  26  ILE ILE A . n 
A 1 5   ASP 5   27  27  ASP ASP A . n 
A 1 6   LEU 6   28  28  LEU LEU A . n 
A 1 7   ASN 7   29  29  ASN ASN A . n 
A 1 8   VAL 8   30  30  VAL VAL A . n 
A 1 9   THR 9   31  31  THR THR A . n 
A 1 10  CYS 10  32  32  CYS CYS A . n 
A 1 11  ARG 11  33  33  ARG ARG A . n 
A 1 12  TYR 12  34  34  TYR TYR A . n 
A 1 13  ALA 13  35  35  ALA ALA A . n 
A 1 14  GLY 14  36  36  GLY GLY A . n 
A 1 15  VAL 15  37  37  VAL VAL A . n 
A 1 16  PHE 16  38  38  PHE PHE A . n 
A 1 17  HIS 17  39  39  HIS HIS A . n 
A 1 18  VAL 18  40  40  VAL VAL A . n 
A 1 19  GLU 19  41  41  GLU GLU A . n 
A 1 20  LYS 20  42  42  LYS LYS A . n 
A 1 21  ASN 21  43  43  ASN ASN A . n 
A 1 22  GLY 22  44  44  GLY GLY A . n 
A 1 23  ARG 23  45  45  ARG ARG A . n 
A 1 24  TYR 24  46  46  TYR TYR A . n 
A 1 25  SER 25  47  47  SER SER A . n 
A 1 26  ILE 26  48  48  ILE ILE A . n 
A 1 27  SER 27  49  49  SER SER A . n 
A 1 28  ARG 28  50  50  ARG ARG A . n 
A 1 29  THR 29  51  51  THR THR A . n 
A 1 30  GLU 30  52  52  GLU GLU A . n 
A 1 31  ALA 31  53  53  ALA ALA A . n 
A 1 32  ALA 32  54  54  ALA ALA A . n 
A 1 33  ASP 33  55  55  ASP ASP A . n 
A 1 34  LEU 34  56  56  LEU LEU A . n 
A 1 35  CYS 35  57  57  CYS CYS A . n 
A 1 36  GLN 36  58  58  GLN GLN A . n 
A 1 37  ALA 37  59  59  ALA ALA A . n 
A 1 38  PHE 38  60  60  PHE PHE A . n 
A 1 39  ASN 39  61  61  ASN ASN A . n 
A 1 40  SER 40  62  62  SER SER A . n 
A 1 41  THR 41  63  63  THR THR A . n 
A 1 42  LEU 42  64  64  LEU LEU A . n 
A 1 43  PRO 43  65  65  PRO PRO A . n 
A 1 44  THR 44  66  66  THR THR A . n 
A 1 45  MET 45  67  67  MET MET A . n 
A 1 46  ASP 46  68  68  ASP ASP A . n 
A 1 47  GLN 47  69  69  GLN GLN A . n 
A 1 48  MET 48  70  70  MET MET A . n 
A 1 49  LYS 49  71  71  LYS LYS A . n 
A 1 50  LEU 50  72  72  LEU LEU A . n 
A 1 51  ALA 51  73  73  ALA ALA A . n 
A 1 52  LEU 52  74  74  LEU LEU A . n 
A 1 53  SER 53  75  75  SER SER A . n 
A 1 54  LYS 54  76  76  LYS LYS A . n 
A 1 55  GLY 55  77  77  GLY GLY A . n 
A 1 56  PHE 56  78  78  PHE PHE A . n 
A 1 57  GLU 57  79  79  GLU GLU A . n 
A 1 58  THR 58  80  80  THR THR A . n 
A 1 59  CYS 59  81  81  CYS CYS A . n 
A 1 60  ARG 60  82  82  ARG ARG A . n 
A 1 61  TYR 61  83  83  TYR TYR A . n 
A 1 62  GLY 62  84  84  GLY GLY A . n 
A 1 63  PHE 63  85  85  PHE PHE A . n 
A 1 64  ILE 64  86  86  ILE ILE A . n 
A 1 65  GLU 65  87  87  GLU GLU A . n 
A 1 66  GLY 66  88  88  GLY GLY A . n 
A 1 67  ASN 67  89  89  ASN ASN A . n 
A 1 68  VAL 68  90  90  VAL VAL A . n 
A 1 69  VAL 69  91  91  VAL VAL A . n 
A 1 70  ILE 70  92  92  ILE ILE A . n 
A 1 71  PRO 71  93  93  PRO PRO A . n 
A 1 72  ARG 72  94  94  ARG ARG A . n 
A 1 73  ILE 73  95  95  ILE ILE A . n 
A 1 74  HIS 74  96  96  HIS HIS A . n 
A 1 75  PRO 75  97  97  PRO PRO A . n 
A 1 76  ASN 76  98  98  ASN ASN A . n 
A 1 77  ALA 77  99  99  ALA ALA A . n 
A 1 78  ILE 78  100 100 ILE ILE A . n 
A 1 79  CYS 79  101 101 CYS CYS A . n 
A 1 80  ALA 80  102 102 ALA ALA A . n 
A 1 81  ALA 81  103 103 ALA ALA A . n 
A 1 82  ASN 82  104 104 ASN ASN A . n 
A 1 83  HIS 83  105 105 HIS HIS A . n 
A 1 84  THR 84  106 106 THR THR A . n 
A 1 85  GLY 85  107 107 GLY GLY A . n 
A 1 86  VAL 86  108 108 VAL VAL A . n 
A 1 87  TYR 87  109 109 TYR TYR A . n 
A 1 88  ILE 88  110 110 ILE ILE A . n 
A 1 89  LEU 89  111 111 LEU LEU A . n 
A 1 90  VAL 90  112 112 VAL VAL A . n 
A 1 91  THR 91  113 113 THR THR A . n 
A 1 92  SER 92  114 114 SER SER A . n 
A 1 93  ASN 93  115 115 ASN ASN A . n 
A 1 94  THR 94  116 116 THR THR A . n 
A 1 95  SER 95  117 117 SER SER A . n 
A 1 96  HIS 96  118 118 HIS HIS A . n 
A 1 97  TYR 97  119 119 TYR TYR A . n 
A 1 98  ASP 98  120 120 ASP ASP A . n 
A 1 99  THR 99  121 121 THR THR A . n 
A 1 100 TYR 100 122 122 TYR TYR A . n 
A 1 101 CYS 101 123 123 CYS CYS A . n 
A 1 102 PHE 102 124 124 PHE PHE A . n 
A 1 103 ASN 103 125 125 ASN ASN A . n 
A 1 104 ALA 104 126 126 ALA ALA A . n 
A 1 105 SER 105 127 127 SER SER A . n 
A 1 106 ALA 106 128 128 ALA ALA A . n 
A 1 107 PRO 107 129 129 PRO PRO A . n 
A 1 108 PRO 108 130 130 PRO PRO A . n 
A 1 109 GLU 109 131 131 GLU GLU A . n 
A 1 110 GLU 110 132 132 GLU GLU A . n 
A 1 111 ASP 111 133 133 ASP ASP A . n 
A 1 112 CYS 112 134 134 CYS CYS A . n 
A 1 113 THR 113 135 135 THR THR A . n 
A 1 114 SER 114 136 136 SER SER A . n 
A 1 115 VAL 115 137 137 VAL VAL A . n 
A 1 116 THR 116 138 138 THR THR A . n 
A 1 117 ASP 117 139 139 ASP ASP A . n 
A 1 118 LEU 118 140 140 LEU LEU A . n 
A 1 119 PRO 119 141 141 PRO PRO A . n 
A 1 120 ASN 120 142 142 ASN ASN A . n 
A 1 121 SER 121 143 143 SER SER A . n 
A 1 122 PHE 122 144 144 PHE PHE A . n 
A 1 123 ASP 123 145 145 ASP ASP A . n 
A 1 124 GLY 124 146 146 GLY GLY A . n 
A 1 125 PRO 125 147 147 PRO PRO A . n 
A 1 126 VAL 126 148 148 VAL VAL A . n 
A 1 127 THR 127 149 149 THR THR A . n 
A 1 128 ILE 128 150 150 ILE ILE A . n 
A 1 129 THR 129 151 151 THR THR A . n 
A 1 130 ILE 130 152 152 ILE ILE A . n 
A 1 131 VAL 131 153 153 VAL VAL A . n 
A 1 132 ASN 132 154 154 ASN ASN A . n 
A 1 133 ARG 133 155 155 ARG ARG A . n 
A 1 134 ASP 134 156 156 ASP ASP A . n 
A 1 135 GLY 135 157 157 GLY GLY A . n 
A 1 136 THR 136 158 158 THR THR A . n 
A 1 137 ARG 137 159 159 ARG ARG A . n 
A 1 138 TYR 138 160 160 TYR TYR A . n 
A 1 139 SER 139 161 161 SER SER A . n 
A 1 140 LYS 140 162 162 LYS LYS A . n 
A 1 141 LYS 141 163 163 LYS LYS A . n 
A 1 142 GLY 142 164 164 GLY GLY A . n 
A 1 143 GLU 143 165 165 GLU GLU A . n 
A 1 144 TYR 144 166 166 TYR TYR A . n 
A 1 145 ARG 145 167 167 ARG ARG A . n 
A 1 146 THR 146 168 168 THR THR A . n 
A 1 147 HIS 147 169 169 HIS HIS A . n 
A 1 148 GLN 148 170 170 GLN GLN A . n 
A 1 149 GLU 149 171 171 GLU GLU A . n 
A 1 150 ASP 150 172 172 ASP ASP A . n 
A 1 151 ILE 151 173 173 ILE ILE A . n 
# 
loop_
_pdbx_nonpoly_scheme.asym_id 
_pdbx_nonpoly_scheme.entity_id 
_pdbx_nonpoly_scheme.mon_id 
_pdbx_nonpoly_scheme.ndb_seq_num 
_pdbx_nonpoly_scheme.pdb_seq_num 
_pdbx_nonpoly_scheme.auth_seq_num 
_pdbx_nonpoly_scheme.pdb_mon_id 
_pdbx_nonpoly_scheme.auth_mon_id 
_pdbx_nonpoly_scheme.pdb_strand_id 
_pdbx_nonpoly_scheme.pdb_ins_code 
B 2 4XC 1  201 1  4XC DRG A . 
C 3 DMS 1  202 1  DMS DMS A . 
D 4 SO4 1  203 1  SO4 SO4 A . 
E 5 HOH 1  301 88 HOH HOH A . 
E 5 HOH 2  302 87 HOH HOH A . 
E 5 HOH 3  303 39 HOH HOH A . 
E 5 HOH 4  304 12 HOH HOH A . 
E 5 HOH 5  305 36 HOH HOH A . 
E 5 HOH 6  306 22 HOH HOH A . 
E 5 HOH 7  307 73 HOH HOH A . 
E 5 HOH 8  308 33 HOH HOH A . 
E 5 HOH 9  309 78 HOH HOH A . 
E 5 HOH 10 310 75 HOH HOH A . 
E 5 HOH 11 311 7  HOH HOH A . 
E 5 HOH 12 312 60 HOH HOH A . 
E 5 HOH 13 313 25 HOH HOH A . 
E 5 HOH 14 314 59 HOH HOH A . 
E 5 HOH 15 315 79 HOH HOH A . 
E 5 HOH 16 316 2  HOH HOH A . 
E 5 HOH 17 317 65 HOH HOH A . 
E 5 HOH 18 318 10 HOH HOH A . 
E 5 HOH 19 319 81 HOH HOH A . 
E 5 HOH 20 320 49 HOH HOH A . 
E 5 HOH 21 321 15 HOH HOH A . 
E 5 HOH 22 322 45 HOH HOH A . 
E 5 HOH 23 323 1  HOH HOH A . 
E 5 HOH 24 324 31 HOH HOH A . 
E 5 HOH 25 325 8  HOH HOH A . 
E 5 HOH 26 326 16 HOH HOH A . 
E 5 HOH 27 327 82 HOH HOH A . 
E 5 HOH 28 328 24 HOH HOH A . 
E 5 HOH 29 329 46 HOH HOH A . 
E 5 HOH 30 330 18 HOH HOH A . 
E 5 HOH 31 331 41 HOH HOH A . 
E 5 HOH 32 332 63 HOH HOH A . 
E 5 HOH 33 333 51 HOH HOH A . 
E 5 HOH 34 334 6  HOH HOH A . 
E 5 HOH 35 335 34 HOH HOH A . 
E 5 HOH 36 336 61 HOH HOH A . 
E 5 HOH 37 337 70 HOH HOH A . 
E 5 HOH 38 338 3  HOH HOH A . 
E 5 HOH 39 339 56 HOH HOH A . 
E 5 HOH 40 340 80 HOH HOH A . 
E 5 HOH 41 341 21 HOH HOH A . 
E 5 HOH 42 342 58 HOH HOH A . 
E 5 HOH 43 343 13 HOH HOH A . 
E 5 HOH 44 344 35 HOH HOH A . 
E 5 HOH 45 345 48 HOH HOH A . 
E 5 HOH 46 346 47 HOH HOH A . 
E 5 HOH 47 347 30 HOH HOH A . 
E 5 HOH 48 348 55 HOH HOH A . 
E 5 HOH 49 349 77 HOH HOH A . 
E 5 HOH 50 350 28 HOH HOH A . 
E 5 HOH 51 351 66 HOH HOH A . 
E 5 HOH 52 352 54 HOH HOH A . 
E 5 HOH 53 353 67 HOH HOH A . 
E 5 HOH 54 354 43 HOH HOH A . 
E 5 HOH 55 355 44 HOH HOH A . 
E 5 HOH 56 356 5  HOH HOH A . 
E 5 HOH 57 357 53 HOH HOH A . 
E 5 HOH 58 358 27 HOH HOH A . 
E 5 HOH 59 359 71 HOH HOH A . 
E 5 HOH 60 360 23 HOH HOH A . 
E 5 HOH 61 361 29 HOH HOH A . 
E 5 HOH 62 362 52 HOH HOH A . 
E 5 HOH 63 363 40 HOH HOH A . 
E 5 HOH 64 364 68 HOH HOH A . 
E 5 HOH 65 365 17 HOH HOH A . 
E 5 HOH 66 366 9  HOH HOH A . 
E 5 HOH 67 367 86 HOH HOH A . 
E 5 HOH 68 368 32 HOH HOH A . 
E 5 HOH 69 369 19 HOH HOH A . 
E 5 HOH 70 370 4  HOH HOH A . 
E 5 HOH 71 371 72 HOH HOH A . 
E 5 HOH 72 372 11 HOH HOH A . 
E 5 HOH 73 373 74 HOH HOH A . 
E 5 HOH 74 374 20 HOH HOH A . 
E 5 HOH 75 375 42 HOH HOH A . 
E 5 HOH 76 376 64 HOH HOH A . 
E 5 HOH 77 377 37 HOH HOH A . 
E 5 HOH 78 378 76 HOH HOH A . 
E 5 HOH 79 379 57 HOH HOH A . 
E 5 HOH 80 380 38 HOH HOH A . 
E 5 HOH 81 381 84 HOH HOH A . 
E 5 HOH 82 382 26 HOH HOH A . 
E 5 HOH 83 383 62 HOH HOH A . 
E 5 HOH 84 384 14 HOH HOH A . 
E 5 HOH 85 385 50 HOH HOH A . 
E 5 HOH 86 386 83 HOH HOH A . 
E 5 HOH 87 387 69 HOH HOH A . 
E 5 HOH 88 388 85 HOH HOH A . 
# 
loop_
_software.citation_id 
_software.classification 
_software.compiler_name 
_software.compiler_version 
_software.contact_author 
_software.contact_author_email 
_software.date 
_software.description 
_software.dependencies 
_software.hardware 
_software.language 
_software.location 
_software.mods 
_software.name 
_software.os 
_software.os_version 
_software.type 
_software.version 
_software.pdbx_ordinal 
? 'data scaling'    ? ? ? ? ? ? ? ? ? ? ? SCALA       ? ? ? .     1 
? phasing           ? ? ? ? ? ? ? ? ? ? ? PHASER      ? ? ? 2.1.4 2 
? refinement        ? ? ? ? ? ? ? ? ? ? ? REFMAC      ? ? ? .     3 
? 'data extraction' ? ? ? ? ? ? ? ? ? ? ? PDB_EXTRACT ? ? ? 3.15  4 
# 
_cell.angle_alpha                  90.000 
_cell.angle_alpha_esd              ? 
_cell.angle_beta                   117.840 
_cell.angle_beta_esd               ? 
_cell.angle_gamma                  90.000 
_cell.angle_gamma_esd              ? 
_cell.entry_id                     5BZO 
_cell.details                      ? 
_cell.formula_units_Z              ? 
_cell.length_a                     30.900 
_cell.length_a_esd                 ? 
_cell.length_b                     81.594 
_cell.length_b_esd                 ? 
_cell.length_c                     32.061 
_cell.length_c_esd                 ? 
_cell.volume                       ? 
_cell.volume_esd                   ? 
_cell.Z_PDB                        2 
_cell.reciprocal_angle_alpha       ? 
_cell.reciprocal_angle_beta        ? 
_cell.reciprocal_angle_gamma       ? 
_cell.reciprocal_angle_alpha_esd   ? 
_cell.reciprocal_angle_beta_esd    ? 
_cell.reciprocal_angle_gamma_esd   ? 
_cell.reciprocal_length_a          ? 
_cell.reciprocal_length_b          ? 
_cell.reciprocal_length_c          ? 
_cell.reciprocal_length_a_esd      ? 
_cell.reciprocal_length_b_esd      ? 
_cell.reciprocal_length_c_esd      ? 
_cell.pdbx_unique_axis             ? 
# 
_symmetry.entry_id                         5BZO 
_symmetry.cell_setting                     ? 
_symmetry.Int_Tables_number                4 
_symmetry.space_group_name_Hall            ? 
_symmetry.space_group_name_H-M             'P 1 21 1' 
_symmetry.pdbx_full_space_group_name_H-M   ? 
# 
_exptl.absorpt_coefficient_mu     ? 
_exptl.absorpt_correction_T_max   ? 
_exptl.absorpt_correction_T_min   ? 
_exptl.absorpt_correction_type    ? 
_exptl.absorpt_process_details    ? 
_exptl.entry_id                   5BZO 
_exptl.crystals_number            1 
_exptl.details                    ? 
_exptl.method                     'X-RAY DIFFRACTION' 
_exptl.method_details             ? 
# 
_exptl_crystal.colour                      ? 
_exptl_crystal.density_diffrn              ? 
_exptl_crystal.density_Matthews            2.14 
_exptl_crystal.density_method              ? 
_exptl_crystal.density_percent_sol         42.44 
_exptl_crystal.description                 ? 
_exptl_crystal.F_000                       ? 
_exptl_crystal.id                          1 
_exptl_crystal.preparation                 ? 
_exptl_crystal.size_max                    ? 
_exptl_crystal.size_mid                    ? 
_exptl_crystal.size_min                    ? 
_exptl_crystal.size_rad                    ? 
_exptl_crystal.colour_lustre               ? 
_exptl_crystal.colour_modifier             ? 
_exptl_crystal.colour_primary              ? 
_exptl_crystal.density_meas                ? 
_exptl_crystal.density_meas_esd            ? 
_exptl_crystal.density_meas_gt             ? 
_exptl_crystal.density_meas_lt             ? 
_exptl_crystal.density_meas_temp           ? 
_exptl_crystal.density_meas_temp_esd       ? 
_exptl_crystal.density_meas_temp_gt        ? 
_exptl_crystal.density_meas_temp_lt        ? 
_exptl_crystal.pdbx_crystal_image_url      ? 
_exptl_crystal.pdbx_crystal_image_format   ? 
_exptl_crystal.pdbx_mosaicity              ? 
_exptl_crystal.pdbx_mosaicity_esd          ? 
# 
_exptl_crystal_grow.apparatus       ? 
_exptl_crystal_grow.atmosphere      ? 
_exptl_crystal_grow.crystal_id      1 
_exptl_crystal_grow.details         ? 
_exptl_crystal_grow.method          'VAPOR DIFFUSION, HANGING DROP' 
_exptl_crystal_grow.method_ref      ? 
_exptl_crystal_grow.pH              6.5 
_exptl_crystal_grow.pressure        ? 
_exptl_crystal_grow.pressure_esd    ? 
_exptl_crystal_grow.seeding         ? 
_exptl_crystal_grow.seeding_ref     ? 
_exptl_crystal_grow.temp            298 
_exptl_crystal_grow.temp_details    ? 
_exptl_crystal_grow.temp_esd        ? 
_exptl_crystal_grow.time            ? 
_exptl_crystal_grow.pdbx_details    'PEG MME 5000, MES, (NH4)2SO4' 
_exptl_crystal_grow.pdbx_pH_range   ? 
# 
_diffrn.ambient_environment    ? 
_diffrn.ambient_temp           100 
_diffrn.ambient_temp_details   ? 
_diffrn.ambient_temp_esd       ? 
_diffrn.crystal_id             1 
_diffrn.crystal_support        ? 
_diffrn.crystal_treatment      ? 
_diffrn.details                ? 
_diffrn.id                     1 
_diffrn.ambient_pressure       ? 
_diffrn.ambient_pressure_esd   ? 
_diffrn.ambient_pressure_gt    ? 
_diffrn.ambient_pressure_lt    ? 
_diffrn.ambient_temp_gt        ? 
_diffrn.ambient_temp_lt        ? 
# 
_diffrn_detector.details                      ? 
_diffrn_detector.detector                     PIXEL 
_diffrn_detector.diffrn_id                    1 
_diffrn_detector.type                         'DECTRIS PILATUS 6M' 
_diffrn_detector.area_resol_mean              ? 
_diffrn_detector.dtime                        ? 
_diffrn_detector.pdbx_frames_total            ? 
_diffrn_detector.pdbx_collection_time_total   ? 
_diffrn_detector.pdbx_collection_date         2013-12-15 
# 
_diffrn_radiation.collimation                      ? 
_diffrn_radiation.diffrn_id                        1 
_diffrn_radiation.filter_edge                      ? 
_diffrn_radiation.inhomogeneity                    ? 
_diffrn_radiation.monochromator                    'Si(111)' 
_diffrn_radiation.polarisn_norm                    ? 
_diffrn_radiation.polarisn_ratio                   ? 
_diffrn_radiation.probe                            ? 
_diffrn_radiation.type                             ? 
_diffrn_radiation.xray_symbol                      ? 
_diffrn_radiation.wavelength_id                    1 
_diffrn_radiation.pdbx_monochromatic_or_laue_m_l   M 
_diffrn_radiation.pdbx_wavelength_list             ? 
_diffrn_radiation.pdbx_wavelength                  ? 
_diffrn_radiation.pdbx_diffrn_protocol             'SINGLE WAVELENGTH' 
_diffrn_radiation.pdbx_analyzer                    ? 
_diffrn_radiation.pdbx_scattering_type             x-ray 
# 
_diffrn_radiation_wavelength.id           1 
_diffrn_radiation_wavelength.wavelength   1.000 
_diffrn_radiation_wavelength.wt           1.0 
# 
_diffrn_source.current                     ? 
_diffrn_source.details                     ? 
_diffrn_source.diffrn_id                   1 
_diffrn_source.power                       ? 
_diffrn_source.size                        ? 
_diffrn_source.source                      SYNCHROTRON 
_diffrn_source.target                      ? 
_diffrn_source.type                        'APS BEAMLINE 17-ID' 
_diffrn_source.voltage                     ? 
_diffrn_source.take-off_angle              ? 
_diffrn_source.pdbx_wavelength_list        1.000 
_diffrn_source.pdbx_wavelength             ? 
_diffrn_source.pdbx_synchrotron_beamline   17-ID 
_diffrn_source.pdbx_synchrotron_site       APS 
# 
_reflns.B_iso_Wilson_estimate            ? 
_reflns.entry_id                         5BZO 
_reflns.data_reduction_details           ? 
_reflns.data_reduction_method            ? 
_reflns.d_resolution_high                1.220 
_reflns.d_resolution_low                 81.594 
_reflns.details                          ? 
_reflns.limit_h_max                      ? 
_reflns.limit_h_min                      ? 
_reflns.limit_k_max                      ? 
_reflns.limit_k_min                      ? 
_reflns.limit_l_max                      ? 
_reflns.limit_l_min                      ? 
_reflns.number_all                       ? 
_reflns.number_obs                       39061 
_reflns.observed_criterion               ? 
_reflns.observed_criterion_F_max         ? 
_reflns.observed_criterion_F_min         ? 
_reflns.observed_criterion_I_max         ? 
_reflns.observed_criterion_I_min         ? 
_reflns.observed_criterion_sigma_F       ? 
_reflns.observed_criterion_sigma_I       ? 
_reflns.percent_possible_obs             93.700 
_reflns.R_free_details                   ? 
_reflns.Rmerge_F_all                     ? 
_reflns.Rmerge_F_obs                     ? 
_reflns.Friedel_coverage                 ? 
_reflns.number_gt                        ? 
_reflns.threshold_expression             ? 
_reflns.pdbx_redundancy                  3.300 
_reflns.pdbx_Rmerge_I_obs                0.044 
_reflns.pdbx_Rmerge_I_all                ? 
_reflns.pdbx_Rsym_value                  ? 
_reflns.pdbx_netI_over_av_sigmaI         ? 
_reflns.pdbx_netI_over_sigmaI            19.3 
_reflns.pdbx_res_netI_over_av_sigmaI_2   ? 
_reflns.pdbx_res_netI_over_sigmaI_2      ? 
_reflns.pdbx_chi_squared                 ? 
_reflns.pdbx_scaling_rejects             ? 
_reflns.pdbx_d_res_high_opt              ? 
_reflns.pdbx_d_res_low_opt               ? 
_reflns.pdbx_d_res_opt_method            ? 
_reflns.phase_calculation_details        ? 
_reflns.pdbx_Rrim_I_all                  ? 
_reflns.pdbx_Rpim_I_all                  ? 
_reflns.pdbx_d_opt                       ? 
_reflns.pdbx_number_measured_all         130300 
_reflns.pdbx_diffrn_id                   1 
_reflns.pdbx_ordinal                     1 
_reflns.pdbx_CC_half                     ? 
_reflns.pdbx_R_split                     ? 
# 
loop_
_reflns_shell.d_res_high 
_reflns_shell.d_res_low 
_reflns_shell.meanI_over_sigI_all 
_reflns_shell.meanI_over_sigI_obs 
_reflns_shell.number_measured_all 
_reflns_shell.number_measured_obs 
_reflns_shell.number_possible 
_reflns_shell.number_unique_all 
_reflns_shell.number_unique_obs 
_reflns_shell.percent_possible_all 
_reflns_shell.percent_possible_obs 
_reflns_shell.Rmerge_F_all 
_reflns_shell.Rmerge_F_obs 
_reflns_shell.Rmerge_I_all 
_reflns_shell.Rmerge_I_obs 
_reflns_shell.meanI_over_sigI_gt 
_reflns_shell.meanI_over_uI_all 
_reflns_shell.meanI_over_uI_gt 
_reflns_shell.number_measured_gt 
_reflns_shell.number_unique_gt 
_reflns_shell.percent_possible_gt 
_reflns_shell.Rmerge_F_gt 
_reflns_shell.Rmerge_I_gt 
_reflns_shell.pdbx_redundancy 
_reflns_shell.pdbx_Rsym_value 
_reflns_shell.pdbx_chi_squared 
_reflns_shell.pdbx_netI_over_sigmaI_all 
_reflns_shell.pdbx_netI_over_sigmaI_obs 
_reflns_shell.pdbx_Rrim_I_all 
_reflns_shell.pdbx_Rpim_I_all 
_reflns_shell.pdbx_rejects 
_reflns_shell.pdbx_ordinal 
_reflns_shell.pdbx_diffrn_id 
_reflns_shell.pdbx_CC_half 
_reflns_shell.pdbx_R_split 
1.220 1.224  ? ? 987  ? ? 330 ? 76.900 ? ? ? ? 0.128 ? ? ? ? ? ? ? ? 3.000 ? ? ? ? ? ? 0 1 1 ? ? 
5.662 81.594 ? ? 1308 ? ? 403 ? 91.600 ? ? ? ? 0.039 ? ? ? ? ? ? ? ? 3.200 ? ? ? ? ? ? 0 2 1 ? ? 
# 
_refine.aniso_B[1][1]                            -0.1300 
_refine.aniso_B[1][2]                            0.0000 
_refine.aniso_B[1][3]                            -0.1100 
_refine.aniso_B[2][2]                            0.1700 
_refine.aniso_B[2][3]                            0.0000 
_refine.aniso_B[3][3]                            -0.1400 
_refine.B_iso_max                                44.170 
_refine.B_iso_mean                               10.9710 
_refine.B_iso_min                                3.870 
_refine.correlation_coeff_Fo_to_Fc               0.9650 
_refine.correlation_coeff_Fo_to_Fc_free          0.9530 
_refine.details                                  
'HYDROGENS HAVE BEEN ADDED IN THE RIDING POSITIONS U VALUES      : REFINED INDIVIDUALLY' 
_refine.diff_density_max                         ? 
_refine.diff_density_max_esd                     ? 
_refine.diff_density_min                         ? 
_refine.diff_density_min_esd                     ? 
_refine.diff_density_rms                         ? 
_refine.diff_density_rms_esd                     ? 
_refine.entry_id                                 5BZO 
_refine.pdbx_refine_id                           'X-RAY DIFFRACTION' 
_refine.ls_abs_structure_details                 ? 
_refine.ls_abs_structure_Flack                   ? 
_refine.ls_abs_structure_Flack_esd               ? 
_refine.ls_abs_structure_Rogers                  ? 
_refine.ls_abs_structure_Rogers_esd              ? 
_refine.ls_d_res_high                            1.2200 
_refine.ls_d_res_low                             40.8700 
_refine.ls_extinction_coef                       ? 
_refine.ls_extinction_coef_esd                   ? 
_refine.ls_extinction_expression                 ? 
_refine.ls_extinction_method                     ? 
_refine.ls_goodness_of_fit_all                   ? 
_refine.ls_goodness_of_fit_all_esd               ? 
_refine.ls_goodness_of_fit_obs                   ? 
_refine.ls_goodness_of_fit_obs_esd               ? 
_refine.ls_hydrogen_treatment                    ? 
_refine.ls_matrix_type                           ? 
_refine.ls_number_constraints                    ? 
_refine.ls_number_parameters                     ? 
_refine.ls_number_reflns_all                     ? 
_refine.ls_number_reflns_obs                     37015 
_refine.ls_number_reflns_R_free                  1998 
_refine.ls_number_reflns_R_work                  ? 
_refine.ls_number_restraints                     ? 
_refine.ls_percent_reflns_obs                    93.6100 
_refine.ls_percent_reflns_R_free                 5.1000 
_refine.ls_R_factor_all                          ? 
_refine.ls_R_factor_obs                          0.1680 
_refine.ls_R_factor_R_free                       0.1821 
_refine.ls_R_factor_R_free_error                 ? 
_refine.ls_R_factor_R_free_error_details         ? 
_refine.ls_R_factor_R_work                       0.1672 
_refine.ls_R_Fsqd_factor_obs                     ? 
_refine.ls_R_I_factor_obs                        ? 
_refine.ls_redundancy_reflns_all                 ? 
_refine.ls_redundancy_reflns_obs                 ? 
_refine.ls_restrained_S_all                      ? 
_refine.ls_restrained_S_obs                      ? 
_refine.ls_shift_over_esd_max                    ? 
_refine.ls_shift_over_esd_mean                   ? 
_refine.ls_structure_factor_coef                 ? 
_refine.ls_weighting_details                     ? 
_refine.ls_weighting_scheme                      ? 
_refine.ls_wR_factor_all                         ? 
_refine.ls_wR_factor_obs                         ? 
_refine.ls_wR_factor_R_free                      0.1970 
_refine.ls_wR_factor_R_work                      0.1855 
_refine.occupancy_max                            ? 
_refine.occupancy_min                            ? 
_refine.solvent_model_details                    MASK 
_refine.solvent_model_param_bsol                 ? 
_refine.solvent_model_param_ksol                 ? 
_refine.ls_R_factor_gt                           ? 
_refine.ls_goodness_of_fit_gt                    ? 
_refine.ls_goodness_of_fit_ref                   ? 
_refine.ls_shift_over_su_max                     ? 
_refine.ls_shift_over_su_max_lt                  ? 
_refine.ls_shift_over_su_mean                    ? 
_refine.ls_shift_over_su_mean_lt                 ? 
_refine.pdbx_ls_sigma_I                          ? 
_refine.pdbx_ls_sigma_F                          0.000 
_refine.pdbx_ls_sigma_Fsqd                       ? 
_refine.pdbx_data_cutoff_high_absF               ? 
_refine.pdbx_data_cutoff_high_rms_absF           ? 
_refine.pdbx_data_cutoff_low_absF                ? 
_refine.pdbx_isotropic_thermal_model             ? 
_refine.pdbx_ls_cross_valid_method               THROUGHOUT 
_refine.pdbx_method_to_determine_struct          'MOLECULAR REPLACEMENT' 
_refine.pdbx_starting_model                      ? 
_refine.pdbx_stereochemistry_target_values       'MAXIMUM LIKELIHOOD' 
_refine.pdbx_R_Free_selection_details            RANDOM 
_refine.pdbx_stereochem_target_val_spec_case     ? 
_refine.pdbx_overall_ESU_R                       0.0440 
_refine.pdbx_overall_ESU_R_Free                  0.0440 
_refine.pdbx_solvent_vdw_probe_radii             1.4000 
_refine.pdbx_solvent_ion_probe_radii             0.8000 
_refine.pdbx_solvent_shrinkage_radii             0.8000 
_refine.pdbx_real_space_R                        ? 
_refine.pdbx_density_correlation                 ? 
_refine.pdbx_pd_number_of_powder_patterns        ? 
_refine.pdbx_pd_number_of_points                 ? 
_refine.pdbx_pd_meas_number_of_points            ? 
_refine.pdbx_pd_proc_ls_prof_R_factor            ? 
_refine.pdbx_pd_proc_ls_prof_wR_factor           ? 
_refine.pdbx_pd_Marquardt_correlation_coeff      ? 
_refine.pdbx_pd_Fsqrd_R_factor                   ? 
_refine.pdbx_pd_ls_matrix_band_width             ? 
_refine.pdbx_overall_phase_error                 ? 
_refine.pdbx_overall_SU_R_free_Cruickshank_DPI   ? 
_refine.pdbx_overall_SU_R_free_Blow_DPI          ? 
_refine.pdbx_overall_SU_R_Blow_DPI               ? 
_refine.pdbx_TLS_residual_ADP_flag               ? 
_refine.pdbx_diffrn_id                           1 
_refine.overall_SU_B                             0.5260 
_refine.overall_SU_ML                            0.0250 
_refine.overall_SU_R_Cruickshank_DPI             0.0439 
_refine.overall_SU_R_free                        0.0442 
_refine.overall_FOM_free_R_set                   ? 
_refine.overall_FOM_work_R_set                   0.9117 
_refine.pdbx_average_fsc_overall                 ? 
_refine.pdbx_average_fsc_work                    ? 
_refine.pdbx_average_fsc_free                    ? 
# 
_refine_hist.cycle_id                         final 
_refine_hist.pdbx_refine_id                   'X-RAY DIFFRACTION' 
_refine_hist.d_res_high                       1.2200 
_refine_hist.d_res_low                        40.8700 
_refine_hist.pdbx_number_atoms_ligand         26 
_refine_hist.number_atoms_solvent             88 
_refine_hist.number_atoms_total               1285 
_refine_hist.pdbx_number_residues_total       150 
_refine_hist.pdbx_B_iso_mean_ligand           17.63 
_refine_hist.pdbx_B_iso_mean_solvent          16.57 
_refine_hist.pdbx_number_atoms_protein        1171 
_refine_hist.pdbx_number_atoms_nucleic_acid   0 
# 
loop_
_refine_ls_restr.pdbx_refine_id 
_refine_ls_restr.criterion 
_refine_ls_restr.dev_ideal 
_refine_ls_restr.dev_ideal_target 
_refine_ls_restr.number 
_refine_ls_restr.rejects 
_refine_ls_restr.type 
_refine_ls_restr.weight 
_refine_ls_restr.pdbx_restraint_function 
'X-RAY DIFFRACTION' ? 0.009  0.021  1300 ? r_bond_refined_d       ? ? 
'X-RAY DIFFRACTION' ? 1.281  1.951  1783 ? r_angle_refined_deg    ? ? 
'X-RAY DIFFRACTION' ? 7.158  5.000  166  ? r_dihedral_angle_1_deg ? ? 
'X-RAY DIFFRACTION' ? 34.812 24.444 63   ? r_dihedral_angle_2_deg ? ? 
'X-RAY DIFFRACTION' ? 10.594 15.000 200  ? r_dihedral_angle_3_deg ? ? 
'X-RAY DIFFRACTION' ? 17.418 15.000 8    ? r_dihedral_angle_4_deg ? ? 
'X-RAY DIFFRACTION' ? 0.085  0.200  196  ? r_chiral_restr         ? ? 
'X-RAY DIFFRACTION' ? 0.007  0.021  1026 ? r_gen_planes_refined   ? ? 
'X-RAY DIFFRACTION' ? 0.687  1.500  801  ? r_mcbond_it            ? ? 
'X-RAY DIFFRACTION' ? 1.276  2.000  1317 ? r_mcangle_it           ? ? 
'X-RAY DIFFRACTION' ? 1.887  3.000  499  ? r_scbond_it            ? ? 
'X-RAY DIFFRACTION' ? 3.015  4.500  466  ? r_scangle_it           ? ? 
# 
_refine_ls_shell.pdbx_refine_id                   'X-RAY DIFFRACTION' 
_refine_ls_shell.d_res_high                       1.2200 
_refine_ls_shell.d_res_low                        1.2520 
_refine_ls_shell.number_reflns_all                2657 
_refine_ls_shell.number_reflns_obs                ? 
_refine_ls_shell.number_reflns_R_free             146 
_refine_ls_shell.number_reflns_R_work             2511 
_refine_ls_shell.percent_reflns_obs               86.1300 
_refine_ls_shell.percent_reflns_R_free            ? 
_refine_ls_shell.R_factor_all                     ? 
_refine_ls_shell.R_factor_obs                     ? 
_refine_ls_shell.R_factor_R_free                  0.2050 
_refine_ls_shell.R_factor_R_free_error            ? 
_refine_ls_shell.R_factor_R_work                  0.1790 
_refine_ls_shell.redundancy_reflns_all            ? 
_refine_ls_shell.redundancy_reflns_obs            ? 
_refine_ls_shell.wR_factor_all                    ? 
_refine_ls_shell.wR_factor_obs                    ? 
_refine_ls_shell.wR_factor_R_free                 ? 
_refine_ls_shell.wR_factor_R_work                 ? 
_refine_ls_shell.pdbx_total_number_of_bins_used   20 
_refine_ls_shell.pdbx_phase_error                 ? 
_refine_ls_shell.pdbx_fsc_work                    ? 
_refine_ls_shell.pdbx_fsc_free                    ? 
# 
_struct.entry_id                     5BZO 
_struct.title                        'Crystal structure of the murine cd44 hyaluronan binding domain complex with a small molecule' 
_struct.pdbx_model_details           ? 
_struct.pdbx_formula_weight          ? 
_struct.pdbx_formula_weight_method   ? 
_struct.pdbx_model_type_details      ? 
_struct.pdbx_CASP_flag               ? 
# 
_struct_keywords.entry_id        5BZO 
_struct_keywords.text            'Link module, PROTEIN BINDING' 
_struct_keywords.pdbx_keywords   'PROTEIN BINDING' 
# 
loop_
_struct_asym.id 
_struct_asym.pdbx_blank_PDB_chainid_flag 
_struct_asym.pdbx_modified 
_struct_asym.entity_id 
_struct_asym.details 
A N N 1 ? 
B N N 2 ? 
C N N 3 ? 
D N N 4 ? 
E N N 5 ? 
# 
_struct_ref.id                         1 
_struct_ref.db_name                    UNP 
_struct_ref.db_code                    CD44_MOUSE 
_struct_ref.pdbx_db_accession          P15379 
_struct_ref.pdbx_db_isoform            ? 
_struct_ref.entity_id                  1 
_struct_ref.pdbx_seq_one_letter_code   
;HQQIDLNVTCRYAGVFHVEKNGRYSISRTEAADLCQAFNSTLPTMDQMKLALSKGFETCRYGFIEGNVVIPRIHPNAICA
ANHTGVYILVTSNTSHYDTYCFNASAPPEEDCTSVTDLPNSFDGPVTITIVNRDGTRYSKKGEYRTHQEDI
;
_struct_ref.pdbx_align_begin           21 
# 
_struct_ref_seq.align_id                      1 
_struct_ref_seq.ref_id                        1 
_struct_ref_seq.pdbx_PDB_id_code              5BZO 
_struct_ref_seq.pdbx_strand_id                A 
_struct_ref_seq.seq_align_beg                 1 
_struct_ref_seq.pdbx_seq_align_beg_ins_code   ? 
_struct_ref_seq.seq_align_end                 151 
_struct_ref_seq.pdbx_seq_align_end_ins_code   ? 
_struct_ref_seq.pdbx_db_accession             P15379 
_struct_ref_seq.db_align_beg                  21 
_struct_ref_seq.pdbx_db_align_beg_ins_code    ? 
_struct_ref_seq.db_align_end                  171 
_struct_ref_seq.pdbx_db_align_end_ins_code    ? 
_struct_ref_seq.pdbx_auth_seq_align_beg       23 
_struct_ref_seq.pdbx_auth_seq_align_end       173 
# 
loop_
_struct_ref_seq_dif.align_id 
_struct_ref_seq_dif.pdbx_pdb_id_code 
_struct_ref_seq_dif.mon_id 
_struct_ref_seq_dif.pdbx_pdb_strand_id 
_struct_ref_seq_dif.seq_num 
_struct_ref_seq_dif.pdbx_pdb_ins_code 
_struct_ref_seq_dif.pdbx_seq_db_name 
_struct_ref_seq_dif.pdbx_seq_db_accession_code 
_struct_ref_seq_dif.db_mon_id 
_struct_ref_seq_dif.pdbx_seq_db_seq_num 
_struct_ref_seq_dif.details 
_struct_ref_seq_dif.pdbx_auth_seq_num 
_struct_ref_seq_dif.pdbx_ordinal 
1 5BZO MET A 1 ? UNP P15379 HIS 21 'engineered mutation' 23 1 
1 5BZO ASN A 2 ? UNP P15379 GLN 22 'engineered mutation' 24 2 
# 
_pdbx_struct_assembly.id                   1 
_pdbx_struct_assembly.details              author_and_software_defined_assembly 
_pdbx_struct_assembly.method_details       PISA 
_pdbx_struct_assembly.oligomeric_details   monomeric 
_pdbx_struct_assembly.oligomeric_count     1 
# 
_pdbx_struct_assembly_gen.assembly_id       1 
_pdbx_struct_assembly_gen.oper_expression   1 
_pdbx_struct_assembly_gen.asym_id_list      A,B,C,D,E 
# 
_pdbx_struct_oper_list.id                   1 
_pdbx_struct_oper_list.type                 'identity operation' 
_pdbx_struct_oper_list.name                 1_555 
_pdbx_struct_oper_list.symmetry_operation   x,y,z 
_pdbx_struct_oper_list.matrix[1][1]         1.0000000000 
_pdbx_struct_oper_list.matrix[1][2]         0.0000000000 
_pdbx_struct_oper_list.matrix[1][3]         0.0000000000 
_pdbx_struct_oper_list.vector[1]            0.0000000000 
_pdbx_struct_oper_list.matrix[2][1]         0.0000000000 
_pdbx_struct_oper_list.matrix[2][2]         1.0000000000 
_pdbx_struct_oper_list.matrix[2][3]         0.0000000000 
_pdbx_struct_oper_list.vector[2]            0.0000000000 
_pdbx_struct_oper_list.matrix[3][1]         0.0000000000 
_pdbx_struct_oper_list.matrix[3][2]         0.0000000000 
_pdbx_struct_oper_list.matrix[3][3]         1.0000000000 
_pdbx_struct_oper_list.vector[3]            0.0000000000 
# 
loop_
_struct_conf.conf_type_id 
_struct_conf.id 
_struct_conf.pdbx_PDB_helix_id 
_struct_conf.beg_label_comp_id 
_struct_conf.beg_label_asym_id 
_struct_conf.beg_label_seq_id 
_struct_conf.pdbx_beg_PDB_ins_code 
_struct_conf.end_label_comp_id 
_struct_conf.end_label_asym_id 
_struct_conf.end_label_seq_id 
_struct_conf.pdbx_end_PDB_ins_code 
_struct_conf.beg_auth_comp_id 
_struct_conf.beg_auth_asym_id 
_struct_conf.beg_auth_seq_id 
_struct_conf.end_auth_comp_id 
_struct_conf.end_auth_asym_id 
_struct_conf.end_auth_seq_id 
_struct_conf.pdbx_PDB_helix_class 
_struct_conf.details 
_struct_conf.pdbx_PDB_helix_length 
HELX_P HELX_P1 AA1 SER A 27  ? PHE A 38  ? SER A 49  PHE A 60  1 ? 12 
HELX_P HELX_P2 AA2 THR A 44  ? LYS A 54  ? THR A 66  LYS A 76  1 ? 11 
HELX_P HELX_P3 AA3 CYS A 79  ? HIS A 83  ? CYS A 101 HIS A 105 5 ? 5  
HELX_P HELX_P4 AA4 HIS A 147 ? ILE A 151 ? HIS A 169 ILE A 173 5 ? 5  
# 
_struct_conf_type.id          HELX_P 
_struct_conf_type.criteria    ? 
_struct_conf_type.reference   ? 
# 
loop_
_struct_conn.id 
_struct_conn.conn_type_id 
_struct_conn.pdbx_leaving_atom_flag 
_struct_conn.pdbx_PDB_id 
_struct_conn.ptnr1_label_asym_id 
_struct_conn.ptnr1_label_comp_id 
_struct_conn.ptnr1_label_seq_id 
_struct_conn.ptnr1_label_atom_id 
_struct_conn.pdbx_ptnr1_label_alt_id 
_struct_conn.pdbx_ptnr1_PDB_ins_code 
_struct_conn.pdbx_ptnr1_standard_comp_id 
_struct_conn.ptnr1_symmetry 
_struct_conn.ptnr2_label_asym_id 
_struct_conn.ptnr2_label_comp_id 
_struct_conn.ptnr2_label_seq_id 
_struct_conn.ptnr2_label_atom_id 
_struct_conn.pdbx_ptnr2_label_alt_id 
_struct_conn.pdbx_ptnr2_PDB_ins_code 
_struct_conn.ptnr1_auth_asym_id 
_struct_conn.ptnr1_auth_comp_id 
_struct_conn.ptnr1_auth_seq_id 
_struct_conn.ptnr2_auth_asym_id 
_struct_conn.ptnr2_auth_comp_id 
_struct_conn.ptnr2_auth_seq_id 
_struct_conn.ptnr2_symmetry 
_struct_conn.pdbx_ptnr3_label_atom_id 
_struct_conn.pdbx_ptnr3_label_seq_id 
_struct_conn.pdbx_ptnr3_label_comp_id 
_struct_conn.pdbx_ptnr3_label_asym_id 
_struct_conn.pdbx_ptnr3_label_alt_id 
_struct_conn.pdbx_ptnr3_PDB_ins_code 
_struct_conn.details 
_struct_conn.pdbx_dist_value 
_struct_conn.pdbx_value_order 
_struct_conn.pdbx_role 
disulf1 disulf ? ? A CYS 10 SG ? ? ? 1_555 A CYS 112 SG ? ? A CYS 32 A CYS 134 1_555 ? ? ? ? ? ? ? 2.056 ? ? 
disulf2 disulf ? ? A CYS 35 SG ? ? ? 1_555 A CYS 101 SG ? ? A CYS 57 A CYS 123 1_555 ? ? ? ? ? ? ? 2.082 ? ? 
disulf3 disulf ? ? A CYS 59 SG ? ? ? 1_555 A CYS 79  SG ? ? A CYS 81 A CYS 101 1_555 ? ? ? ? ? ? ? 2.048 ? ? 
# 
_struct_conn_type.id          disulf 
_struct_conn_type.criteria    ? 
_struct_conn_type.reference   ? 
# 
loop_
_pdbx_modification_feature.ordinal 
_pdbx_modification_feature.label_comp_id 
_pdbx_modification_feature.label_asym_id 
_pdbx_modification_feature.label_seq_id 
_pdbx_modification_feature.label_alt_id 
_pdbx_modification_feature.modified_residue_label_comp_id 
_pdbx_modification_feature.modified_residue_label_asym_id 
_pdbx_modification_feature.modified_residue_label_seq_id 
_pdbx_modification_feature.modified_residue_label_alt_id 
_pdbx_modification_feature.auth_comp_id 
_pdbx_modification_feature.auth_asym_id 
_pdbx_modification_feature.auth_seq_id 
_pdbx_modification_feature.PDB_ins_code 
_pdbx_modification_feature.symmetry 
_pdbx_modification_feature.modified_residue_auth_comp_id 
_pdbx_modification_feature.modified_residue_auth_asym_id 
_pdbx_modification_feature.modified_residue_auth_seq_id 
_pdbx_modification_feature.modified_residue_PDB_ins_code 
_pdbx_modification_feature.modified_residue_symmetry 
_pdbx_modification_feature.comp_id_linking_atom 
_pdbx_modification_feature.modified_residue_id_linking_atom 
_pdbx_modification_feature.modified_residue_id 
_pdbx_modification_feature.ref_pcm_id 
_pdbx_modification_feature.ref_comp_id 
_pdbx_modification_feature.type 
_pdbx_modification_feature.category 
1 CYS A 10 ? CYS A 112 ? CYS A 32 ? 1_555 CYS A 134 ? 1_555 SG SG . . . None 'Disulfide bridge' 
2 CYS A 35 ? CYS A 101 ? CYS A 57 ? 1_555 CYS A 123 ? 1_555 SG SG . . . None 'Disulfide bridge' 
3 CYS A 59 ? CYS A 79  ? CYS A 81 ? 1_555 CYS A 101 ? 1_555 SG SG . . . None 'Disulfide bridge' 
# 
loop_
_struct_sheet.id 
_struct_sheet.type 
_struct_sheet.number_strands 
_struct_sheet.details 
AA1 ? 8 ? 
AA2 ? 2 ? 
# 
loop_
_struct_sheet_order.sheet_id 
_struct_sheet_order.range_id_1 
_struct_sheet_order.range_id_2 
_struct_sheet_order.offset 
_struct_sheet_order.sense 
AA1 1 2 ? anti-parallel 
AA1 2 3 ? anti-parallel 
AA1 3 4 ? parallel      
AA1 4 5 ? anti-parallel 
AA1 5 6 ? anti-parallel 
AA1 6 7 ? parallel      
AA1 7 8 ? anti-parallel 
AA2 1 2 ? anti-parallel 
# 
loop_
_struct_sheet_range.sheet_id 
_struct_sheet_range.id 
_struct_sheet_range.beg_label_comp_id 
_struct_sheet_range.beg_label_asym_id 
_struct_sheet_range.beg_label_seq_id 
_struct_sheet_range.pdbx_beg_PDB_ins_code 
_struct_sheet_range.end_label_comp_id 
_struct_sheet_range.end_label_asym_id 
_struct_sheet_range.end_label_seq_id 
_struct_sheet_range.pdbx_end_PDB_ins_code 
_struct_sheet_range.beg_auth_comp_id 
_struct_sheet_range.beg_auth_asym_id 
_struct_sheet_range.beg_auth_seq_id 
_struct_sheet_range.end_auth_comp_id 
_struct_sheet_range.end_auth_asym_id 
_struct_sheet_range.end_auth_seq_id 
AA1 1 GLY A 85  ? ILE A 88  ? GLY A 107 ILE A 110 
AA1 2 VAL A 68  ? ARG A 72  ? VAL A 90  ARG A 94  
AA1 3 GLY A 62  ? PHE A 63  ? GLY A 84  PHE A 85  
AA1 4 ASP A 98  ? PHE A 102 ? ASP A 120 PHE A 124 
AA1 5 VAL A 15  ? LYS A 20  ? VAL A 37  LYS A 42  
AA1 6 GLN A 3   ? VAL A 8   ? GLN A 25  VAL A 30  
AA1 7 PHE A 122 ? ASN A 132 ? PHE A 144 ASN A 154 
AA1 8 ARG A 137 ? GLU A 143 ? ARG A 159 GLU A 165 
AA2 1 ARG A 11  ? TYR A 12  ? ARG A 33  TYR A 34  
AA2 2 GLU A 110 ? ASP A 111 ? GLU A 132 ASP A 133 
# 
loop_
_pdbx_struct_sheet_hbond.sheet_id 
_pdbx_struct_sheet_hbond.range_id_1 
_pdbx_struct_sheet_hbond.range_id_2 
_pdbx_struct_sheet_hbond.range_1_label_atom_id 
_pdbx_struct_sheet_hbond.range_1_label_comp_id 
_pdbx_struct_sheet_hbond.range_1_label_asym_id 
_pdbx_struct_sheet_hbond.range_1_label_seq_id 
_pdbx_struct_sheet_hbond.range_1_PDB_ins_code 
_pdbx_struct_sheet_hbond.range_1_auth_atom_id 
_pdbx_struct_sheet_hbond.range_1_auth_comp_id 
_pdbx_struct_sheet_hbond.range_1_auth_asym_id 
_pdbx_struct_sheet_hbond.range_1_auth_seq_id 
_pdbx_struct_sheet_hbond.range_2_label_atom_id 
_pdbx_struct_sheet_hbond.range_2_label_comp_id 
_pdbx_struct_sheet_hbond.range_2_label_asym_id 
_pdbx_struct_sheet_hbond.range_2_label_seq_id 
_pdbx_struct_sheet_hbond.range_2_PDB_ins_code 
_pdbx_struct_sheet_hbond.range_2_auth_atom_id 
_pdbx_struct_sheet_hbond.range_2_auth_comp_id 
_pdbx_struct_sheet_hbond.range_2_auth_asym_id 
_pdbx_struct_sheet_hbond.range_2_auth_seq_id 
AA1 1 2 O GLY A 85  ? O GLY A 107 N ARG A 72  ? N ARG A 94  
AA1 2 3 O VAL A 69  ? O VAL A 91  N GLY A 62  ? N GLY A 84  
AA1 3 4 N PHE A 63  ? N PHE A 85  O TYR A 100 ? O TYR A 122 
AA1 4 5 O THR A 99  ? O THR A 121 N VAL A 18  ? N VAL A 40  
AA1 5 6 O GLU A 19  ? O GLU A 41  N ASN A 7   ? N ASN A 29  
AA1 6 7 N LEU A 6   ? N LEU A 28  O THR A 129 ? O THR A 151 
AA1 7 8 N ILE A 130 ? N ILE A 152 O TYR A 138 ? O TYR A 160 
AA2 1 2 N ARG A 11  ? N ARG A 33  O ASP A 111 ? O ASP A 133 
# 
loop_
_struct_site.id 
_struct_site.pdbx_evidence_code 
_struct_site.pdbx_auth_asym_id 
_struct_site.pdbx_auth_comp_id 
_struct_site.pdbx_auth_seq_id 
_struct_site.pdbx_auth_ins_code 
_struct_site.pdbx_num_residues 
_struct_site.details 
AC1 Software A 4XC 201 ? 11 'binding site for residue 4XC A 201' 
AC2 Software A DMS 202 ? 8  'binding site for residue DMS A 202' 
AC3 Software A SO4 203 ? 6  'binding site for residue SO4 A 203' 
# 
loop_
_struct_site_gen.id 
_struct_site_gen.site_id 
_struct_site_gen.pdbx_num_res 
_struct_site_gen.label_comp_id 
_struct_site_gen.label_asym_id 
_struct_site_gen.label_seq_id 
_struct_site_gen.pdbx_auth_ins_code 
_struct_site_gen.auth_comp_id 
_struct_site_gen.auth_asym_id 
_struct_site_gen.auth_seq_id 
_struct_site_gen.label_atom_id 
_struct_site_gen.label_alt_id 
_struct_site_gen.symmetry 
_struct_site_gen.details 
1  AC1 11 ASN A 7   ? ASN A 29  . ? 1_555 ? 
2  AC1 11 VAL A 8   ? VAL A 30  . ? 1_555 ? 
3  AC1 11 GLU A 19  ? GLU A 41  . ? 1_555 ? 
4  AC1 11 ASP A 46  ? ASP A 68  . ? 1_655 ? 
5  AC1 11 VAL A 131 ? VAL A 153 . ? 1_555 ? 
6  AC1 11 ASN A 132 ? ASN A 154 . ? 1_555 ? 
7  AC1 11 ARG A 133 ? ARG A 155 . ? 1_555 ? 
8  AC1 11 HOH E .   ? HOH A 305 . ? 1_555 ? 
9  AC1 11 HOH E .   ? HOH A 336 . ? 1_655 ? 
10 AC1 11 HOH E .   ? HOH A 356 . ? 1_555 ? 
11 AC1 11 HOH E .   ? HOH A 360 . ? 1_555 ? 
12 AC2 8  CYS A 10  ? CYS A 32  . ? 1_555 ? 
13 AC2 8  ASN A 67  ? ASN A 89  . ? 1_554 ? 
14 AC2 8  CYS A 112 ? CYS A 134 . ? 1_555 ? 
15 AC2 8  SER A 114 ? SER A 136 . ? 1_555 ? 
16 AC2 8  ARG A 133 ? ARG A 155 . ? 1_555 ? 
17 AC2 8  ASP A 134 ? ASP A 156 . ? 1_555 ? 
18 AC2 8  HOH E .   ? HOH A 318 . ? 1_555 ? 
19 AC2 8  HOH E .   ? HOH A 334 . ? 1_555 ? 
20 AC3 6  ARG A 11  ? ARG A 33  . ? 1_555 ? 
21 AC3 6  PHE A 16  ? PHE A 38  . ? 1_555 ? 
22 AC3 6  PHE A 38  ? PHE A 60  . ? 1_555 ? 
23 AC3 6  SER A 40  ? SER A 62  . ? 1_555 ? 
24 AC3 6  ASN A 103 ? ASN A 125 . ? 1_555 ? 
25 AC3 6  VAL A 115 ? VAL A 137 . ? 1_555 ? 
# 
_pdbx_entry_details.entry_id                   5BZO 
_pdbx_entry_details.compound_details           ? 
_pdbx_entry_details.source_details             ? 
_pdbx_entry_details.nonpolymer_details         ? 
_pdbx_entry_details.sequence_details           ? 
_pdbx_entry_details.has_ligand_of_interest     ? 
_pdbx_entry_details.has_protein_modification   Y 
# 
loop_
_pdbx_validate_torsion.id 
_pdbx_validate_torsion.PDB_model_num 
_pdbx_validate_torsion.auth_comp_id 
_pdbx_validate_torsion.auth_asym_id 
_pdbx_validate_torsion.auth_seq_id 
_pdbx_validate_torsion.PDB_ins_code 
_pdbx_validate_torsion.label_alt_id 
_pdbx_validate_torsion.phi 
_pdbx_validate_torsion.psi 
1 1 CYS A 32  ? ? -46.41  151.96  
2 1 SER A 47  ? ? -159.51 14.13   
3 1 GLU A 131 ? ? -119.23 -132.94 
# 
_phasing.method   MR 
# 
_pdbx_unobs_or_zero_occ_residues.id               1 
_pdbx_unobs_or_zero_occ_residues.PDB_model_num    1 
_pdbx_unobs_or_zero_occ_residues.polymer_flag     Y 
_pdbx_unobs_or_zero_occ_residues.occupancy_flag   1 
_pdbx_unobs_or_zero_occ_residues.auth_asym_id     A 
_pdbx_unobs_or_zero_occ_residues.auth_comp_id     MET 
_pdbx_unobs_or_zero_occ_residues.auth_seq_id      23 
_pdbx_unobs_or_zero_occ_residues.PDB_ins_code     ? 
_pdbx_unobs_or_zero_occ_residues.label_asym_id    A 
_pdbx_unobs_or_zero_occ_residues.label_comp_id    MET 
_pdbx_unobs_or_zero_occ_residues.label_seq_id     1 
# 
loop_
_chem_comp_atom.comp_id 
_chem_comp_atom.atom_id 
_chem_comp_atom.type_symbol 
_chem_comp_atom.pdbx_aromatic_flag 
_chem_comp_atom.pdbx_stereo_config 
_chem_comp_atom.pdbx_ordinal 
4XC CAJ  C N N 1   
4XC CAH  C N N 2   
4XC CAO  C Y N 3   
4XC CAF  C Y N 4   
4XC CAD  C Y N 5   
4XC CAE  C Y N 6   
4XC CAN  C Y N 7   
4XC NAB  N N N 8   
4XC CAP  C Y N 9   
4XC CAK  C N N 10  
4XC NAQ  N N N 11  
4XC CAI  C N N 12  
4XC CAG  C N N 13  
4XC CAM  C N N 14  
4XC OAC  O N N 15  
4XC NAL  N N N 16  
4XC CAA  C N N 17  
4XC H1   H N N 18  
4XC H2   H N N 19  
4XC H3   H N N 20  
4XC H4   H N N 21  
4XC H5   H N N 22  
4XC H6   H N N 23  
4XC H7   H N N 24  
4XC H8   H N N 25  
4XC H9   H N N 26  
4XC H10  H N N 27  
4XC H11  H N N 28  
4XC H13  H N N 29  
4XC H14  H N N 30  
4XC H15  H N N 31  
4XC H16  H N N 32  
4XC H17  H N N 33  
4XC H18  H N N 34  
4XC H19  H N N 35  
4XC H20  H N N 36  
ALA N    N N N 37  
ALA CA   C N S 38  
ALA C    C N N 39  
ALA O    O N N 40  
ALA CB   C N N 41  
ALA OXT  O N N 42  
ALA H    H N N 43  
ALA H2   H N N 44  
ALA HA   H N N 45  
ALA HB1  H N N 46  
ALA HB2  H N N 47  
ALA HB3  H N N 48  
ALA HXT  H N N 49  
ARG N    N N N 50  
ARG CA   C N S 51  
ARG C    C N N 52  
ARG O    O N N 53  
ARG CB   C N N 54  
ARG CG   C N N 55  
ARG CD   C N N 56  
ARG NE   N N N 57  
ARG CZ   C N N 58  
ARG NH1  N N N 59  
ARG NH2  N N N 60  
ARG OXT  O N N 61  
ARG H    H N N 62  
ARG H2   H N N 63  
ARG HA   H N N 64  
ARG HB2  H N N 65  
ARG HB3  H N N 66  
ARG HG2  H N N 67  
ARG HG3  H N N 68  
ARG HD2  H N N 69  
ARG HD3  H N N 70  
ARG HE   H N N 71  
ARG HH11 H N N 72  
ARG HH12 H N N 73  
ARG HH21 H N N 74  
ARG HH22 H N N 75  
ARG HXT  H N N 76  
ASN N    N N N 77  
ASN CA   C N S 78  
ASN C    C N N 79  
ASN O    O N N 80  
ASN CB   C N N 81  
ASN CG   C N N 82  
ASN OD1  O N N 83  
ASN ND2  N N N 84  
ASN OXT  O N N 85  
ASN H    H N N 86  
ASN H2   H N N 87  
ASN HA   H N N 88  
ASN HB2  H N N 89  
ASN HB3  H N N 90  
ASN HD21 H N N 91  
ASN HD22 H N N 92  
ASN HXT  H N N 93  
ASP N    N N N 94  
ASP CA   C N S 95  
ASP C    C N N 96  
ASP O    O N N 97  
ASP CB   C N N 98  
ASP CG   C N N 99  
ASP OD1  O N N 100 
ASP OD2  O N N 101 
ASP OXT  O N N 102 
ASP H    H N N 103 
ASP H2   H N N 104 
ASP HA   H N N 105 
ASP HB2  H N N 106 
ASP HB3  H N N 107 
ASP HD2  H N N 108 
ASP HXT  H N N 109 
CYS N    N N N 110 
CYS CA   C N R 111 
CYS C    C N N 112 
CYS O    O N N 113 
CYS CB   C N N 114 
CYS SG   S N N 115 
CYS OXT  O N N 116 
CYS H    H N N 117 
CYS H2   H N N 118 
CYS HA   H N N 119 
CYS HB2  H N N 120 
CYS HB3  H N N 121 
CYS HG   H N N 122 
CYS HXT  H N N 123 
DMS S    S N N 124 
DMS O    O N N 125 
DMS C1   C N N 126 
DMS C2   C N N 127 
DMS H11  H N N 128 
DMS H12  H N N 129 
DMS H13  H N N 130 
DMS H21  H N N 131 
DMS H22  H N N 132 
DMS H23  H N N 133 
GLN N    N N N 134 
GLN CA   C N S 135 
GLN C    C N N 136 
GLN O    O N N 137 
GLN CB   C N N 138 
GLN CG   C N N 139 
GLN CD   C N N 140 
GLN OE1  O N N 141 
GLN NE2  N N N 142 
GLN OXT  O N N 143 
GLN H    H N N 144 
GLN H2   H N N 145 
GLN HA   H N N 146 
GLN HB2  H N N 147 
GLN HB3  H N N 148 
GLN HG2  H N N 149 
GLN HG3  H N N 150 
GLN HE21 H N N 151 
GLN HE22 H N N 152 
GLN HXT  H N N 153 
GLU N    N N N 154 
GLU CA   C N S 155 
GLU C    C N N 156 
GLU O    O N N 157 
GLU CB   C N N 158 
GLU CG   C N N 159 
GLU CD   C N N 160 
GLU OE1  O N N 161 
GLU OE2  O N N 162 
GLU OXT  O N N 163 
GLU H    H N N 164 
GLU H2   H N N 165 
GLU HA   H N N 166 
GLU HB2  H N N 167 
GLU HB3  H N N 168 
GLU HG2  H N N 169 
GLU HG3  H N N 170 
GLU HE2  H N N 171 
GLU HXT  H N N 172 
GLY N    N N N 173 
GLY CA   C N N 174 
GLY C    C N N 175 
GLY O    O N N 176 
GLY OXT  O N N 177 
GLY H    H N N 178 
GLY H2   H N N 179 
GLY HA2  H N N 180 
GLY HA3  H N N 181 
GLY HXT  H N N 182 
HIS N    N N N 183 
HIS CA   C N S 184 
HIS C    C N N 185 
HIS O    O N N 186 
HIS CB   C N N 187 
HIS CG   C Y N 188 
HIS ND1  N Y N 189 
HIS CD2  C Y N 190 
HIS CE1  C Y N 191 
HIS NE2  N Y N 192 
HIS OXT  O N N 193 
HIS H    H N N 194 
HIS H2   H N N 195 
HIS HA   H N N 196 
HIS HB2  H N N 197 
HIS HB3  H N N 198 
HIS HD1  H N N 199 
HIS HD2  H N N 200 
HIS HE1  H N N 201 
HIS HE2  H N N 202 
HIS HXT  H N N 203 
HOH O    O N N 204 
HOH H1   H N N 205 
HOH H2   H N N 206 
ILE N    N N N 207 
ILE CA   C N S 208 
ILE C    C N N 209 
ILE O    O N N 210 
ILE CB   C N S 211 
ILE CG1  C N N 212 
ILE CG2  C N N 213 
ILE CD1  C N N 214 
ILE OXT  O N N 215 
ILE H    H N N 216 
ILE H2   H N N 217 
ILE HA   H N N 218 
ILE HB   H N N 219 
ILE HG12 H N N 220 
ILE HG13 H N N 221 
ILE HG21 H N N 222 
ILE HG22 H N N 223 
ILE HG23 H N N 224 
ILE HD11 H N N 225 
ILE HD12 H N N 226 
ILE HD13 H N N 227 
ILE HXT  H N N 228 
LEU N    N N N 229 
LEU CA   C N S 230 
LEU C    C N N 231 
LEU O    O N N 232 
LEU CB   C N N 233 
LEU CG   C N N 234 
LEU CD1  C N N 235 
LEU CD2  C N N 236 
LEU OXT  O N N 237 
LEU H    H N N 238 
LEU H2   H N N 239 
LEU HA   H N N 240 
LEU HB2  H N N 241 
LEU HB3  H N N 242 
LEU HG   H N N 243 
LEU HD11 H N N 244 
LEU HD12 H N N 245 
LEU HD13 H N N 246 
LEU HD21 H N N 247 
LEU HD22 H N N 248 
LEU HD23 H N N 249 
LEU HXT  H N N 250 
LYS N    N N N 251 
LYS CA   C N S 252 
LYS C    C N N 253 
LYS O    O N N 254 
LYS CB   C N N 255 
LYS CG   C N N 256 
LYS CD   C N N 257 
LYS CE   C N N 258 
LYS NZ   N N N 259 
LYS OXT  O N N 260 
LYS H    H N N 261 
LYS H2   H N N 262 
LYS HA   H N N 263 
LYS HB2  H N N 264 
LYS HB3  H N N 265 
LYS HG2  H N N 266 
LYS HG3  H N N 267 
LYS HD2  H N N 268 
LYS HD3  H N N 269 
LYS HE2  H N N 270 
LYS HE3  H N N 271 
LYS HZ1  H N N 272 
LYS HZ2  H N N 273 
LYS HZ3  H N N 274 
LYS HXT  H N N 275 
MET N    N N N 276 
MET CA   C N S 277 
MET C    C N N 278 
MET O    O N N 279 
MET CB   C N N 280 
MET CG   C N N 281 
MET SD   S N N 282 
MET CE   C N N 283 
MET OXT  O N N 284 
MET H    H N N 285 
MET H2   H N N 286 
MET HA   H N N 287 
MET HB2  H N N 288 
MET HB3  H N N 289 
MET HG2  H N N 290 
MET HG3  H N N 291 
MET HE1  H N N 292 
MET HE2  H N N 293 
MET HE3  H N N 294 
MET HXT  H N N 295 
PHE N    N N N 296 
PHE CA   C N S 297 
PHE C    C N N 298 
PHE O    O N N 299 
PHE CB   C N N 300 
PHE CG   C Y N 301 
PHE CD1  C Y N 302 
PHE CD2  C Y N 303 
PHE CE1  C Y N 304 
PHE CE2  C Y N 305 
PHE CZ   C Y N 306 
PHE OXT  O N N 307 
PHE H    H N N 308 
PHE H2   H N N 309 
PHE HA   H N N 310 
PHE HB2  H N N 311 
PHE HB3  H N N 312 
PHE HD1  H N N 313 
PHE HD2  H N N 314 
PHE HE1  H N N 315 
PHE HE2  H N N 316 
PHE HZ   H N N 317 
PHE HXT  H N N 318 
PRO N    N N N 319 
PRO CA   C N S 320 
PRO C    C N N 321 
PRO O    O N N 322 
PRO CB   C N N 323 
PRO CG   C N N 324 
PRO CD   C N N 325 
PRO OXT  O N N 326 
PRO H    H N N 327 
PRO HA   H N N 328 
PRO HB2  H N N 329 
PRO HB3  H N N 330 
PRO HG2  H N N 331 
PRO HG3  H N N 332 
PRO HD2  H N N 333 
PRO HD3  H N N 334 
PRO HXT  H N N 335 
SER N    N N N 336 
SER CA   C N S 337 
SER C    C N N 338 
SER O    O N N 339 
SER CB   C N N 340 
SER OG   O N N 341 
SER OXT  O N N 342 
SER H    H N N 343 
SER H2   H N N 344 
SER HA   H N N 345 
SER HB2  H N N 346 
SER HB3  H N N 347 
SER HG   H N N 348 
SER HXT  H N N 349 
SO4 S    S N N 350 
SO4 O1   O N N 351 
SO4 O2   O N N 352 
SO4 O3   O N N 353 
SO4 O4   O N N 354 
THR N    N N N 355 
THR CA   C N S 356 
THR C    C N N 357 
THR O    O N N 358 
THR CB   C N R 359 
THR OG1  O N N 360 
THR CG2  C N N 361 
THR OXT  O N N 362 
THR H    H N N 363 
THR H2   H N N 364 
THR HA   H N N 365 
THR HB   H N N 366 
THR HG1  H N N 367 
THR HG21 H N N 368 
THR HG22 H N N 369 
THR HG23 H N N 370 
THR HXT  H N N 371 
TYR N    N N N 372 
TYR CA   C N S 373 
TYR C    C N N 374 
TYR O    O N N 375 
TYR CB   C N N 376 
TYR CG   C Y N 377 
TYR CD1  C Y N 378 
TYR CD2  C Y N 379 
TYR CE1  C Y N 380 
TYR CE2  C Y N 381 
TYR CZ   C Y N 382 
TYR OH   O N N 383 
TYR OXT  O N N 384 
TYR H    H N N 385 
TYR H2   H N N 386 
TYR HA   H N N 387 
TYR HB2  H N N 388 
TYR HB3  H N N 389 
TYR HD1  H N N 390 
TYR HD2  H N N 391 
TYR HE1  H N N 392 
TYR HE2  H N N 393 
TYR HH   H N N 394 
TYR HXT  H N N 395 
VAL N    N N N 396 
VAL CA   C N S 397 
VAL C    C N N 398 
VAL O    O N N 399 
VAL CB   C N N 400 
VAL CG1  C N N 401 
VAL CG2  C N N 402 
VAL OXT  O N N 403 
VAL H    H N N 404 
VAL H2   H N N 405 
VAL HA   H N N 406 
VAL HB   H N N 407 
VAL HG11 H N N 408 
VAL HG12 H N N 409 
VAL HG13 H N N 410 
VAL HG21 H N N 411 
VAL HG22 H N N 412 
VAL HG23 H N N 413 
VAL HXT  H N N 414 
# 
loop_
_chem_comp_bond.comp_id 
_chem_comp_bond.atom_id_1 
_chem_comp_bond.atom_id_2 
_chem_comp_bond.value_order 
_chem_comp_bond.pdbx_aromatic_flag 
_chem_comp_bond.pdbx_stereo_config 
_chem_comp_bond.pdbx_ordinal 
4XC CAE CAD  doub Y N 1   
4XC CAE CAN  sing Y N 2   
4XC CAD CAF  sing Y N 3   
4XC NAB CAN  sing N N 4   
4XC CAN CAP  doub Y N 5   
4XC CAF CAO  doub Y N 6   
4XC CAP CAO  sing Y N 7   
4XC CAP CAK  sing N N 8   
4XC CAO CAH  sing N N 9   
4XC CAK NAQ  sing N N 10  
4XC CAH CAJ  sing N N 11  
4XC CAJ NAQ  sing N N 12  
4XC NAQ CAI  sing N N 13  
4XC CAI CAG  sing N N 14  
4XC CAG CAM  sing N N 15  
4XC OAC CAM  doub N N 16  
4XC CAM NAL  sing N N 17  
4XC NAL CAA  sing N N 18  
4XC CAJ H1   sing N N 19  
4XC CAJ H2   sing N N 20  
4XC CAH H3   sing N N 21  
4XC CAH H4   sing N N 22  
4XC CAF H5   sing N N 23  
4XC CAD H6   sing N N 24  
4XC CAE H7   sing N N 25  
4XC NAB H8   sing N N 26  
4XC NAB H9   sing N N 27  
4XC CAK H10  sing N N 28  
4XC CAK H11  sing N N 29  
4XC CAI H13  sing N N 30  
4XC CAI H14  sing N N 31  
4XC CAG H15  sing N N 32  
4XC CAG H16  sing N N 33  
4XC NAL H17  sing N N 34  
4XC CAA H18  sing N N 35  
4XC CAA H19  sing N N 36  
4XC CAA H20  sing N N 37  
ALA N   CA   sing N N 38  
ALA N   H    sing N N 39  
ALA N   H2   sing N N 40  
ALA CA  C    sing N N 41  
ALA CA  CB   sing N N 42  
ALA CA  HA   sing N N 43  
ALA C   O    doub N N 44  
ALA C   OXT  sing N N 45  
ALA CB  HB1  sing N N 46  
ALA CB  HB2  sing N N 47  
ALA CB  HB3  sing N N 48  
ALA OXT HXT  sing N N 49  
ARG N   CA   sing N N 50  
ARG N   H    sing N N 51  
ARG N   H2   sing N N 52  
ARG CA  C    sing N N 53  
ARG CA  CB   sing N N 54  
ARG CA  HA   sing N N 55  
ARG C   O    doub N N 56  
ARG C   OXT  sing N N 57  
ARG CB  CG   sing N N 58  
ARG CB  HB2  sing N N 59  
ARG CB  HB3  sing N N 60  
ARG CG  CD   sing N N 61  
ARG CG  HG2  sing N N 62  
ARG CG  HG3  sing N N 63  
ARG CD  NE   sing N N 64  
ARG CD  HD2  sing N N 65  
ARG CD  HD3  sing N N 66  
ARG NE  CZ   sing N N 67  
ARG NE  HE   sing N N 68  
ARG CZ  NH1  sing N N 69  
ARG CZ  NH2  doub N N 70  
ARG NH1 HH11 sing N N 71  
ARG NH1 HH12 sing N N 72  
ARG NH2 HH21 sing N N 73  
ARG NH2 HH22 sing N N 74  
ARG OXT HXT  sing N N 75  
ASN N   CA   sing N N 76  
ASN N   H    sing N N 77  
ASN N   H2   sing N N 78  
ASN CA  C    sing N N 79  
ASN CA  CB   sing N N 80  
ASN CA  HA   sing N N 81  
ASN C   O    doub N N 82  
ASN C   OXT  sing N N 83  
ASN CB  CG   sing N N 84  
ASN CB  HB2  sing N N 85  
ASN CB  HB3  sing N N 86  
ASN CG  OD1  doub N N 87  
ASN CG  ND2  sing N N 88  
ASN ND2 HD21 sing N N 89  
ASN ND2 HD22 sing N N 90  
ASN OXT HXT  sing N N 91  
ASP N   CA   sing N N 92  
ASP N   H    sing N N 93  
ASP N   H2   sing N N 94  
ASP CA  C    sing N N 95  
ASP CA  CB   sing N N 96  
ASP CA  HA   sing N N 97  
ASP C   O    doub N N 98  
ASP C   OXT  sing N N 99  
ASP CB  CG   sing N N 100 
ASP CB  HB2  sing N N 101 
ASP CB  HB3  sing N N 102 
ASP CG  OD1  doub N N 103 
ASP CG  OD2  sing N N 104 
ASP OD2 HD2  sing N N 105 
ASP OXT HXT  sing N N 106 
CYS N   CA   sing N N 107 
CYS N   H    sing N N 108 
CYS N   H2   sing N N 109 
CYS CA  C    sing N N 110 
CYS CA  CB   sing N N 111 
CYS CA  HA   sing N N 112 
CYS C   O    doub N N 113 
CYS C   OXT  sing N N 114 
CYS CB  SG   sing N N 115 
CYS CB  HB2  sing N N 116 
CYS CB  HB3  sing N N 117 
CYS SG  HG   sing N N 118 
CYS OXT HXT  sing N N 119 
DMS S   O    doub N N 120 
DMS S   C1   sing N N 121 
DMS S   C2   sing N N 122 
DMS C1  H11  sing N N 123 
DMS C1  H12  sing N N 124 
DMS C1  H13  sing N N 125 
DMS C2  H21  sing N N 126 
DMS C2  H22  sing N N 127 
DMS C2  H23  sing N N 128 
GLN N   CA   sing N N 129 
GLN N   H    sing N N 130 
GLN N   H2   sing N N 131 
GLN CA  C    sing N N 132 
GLN CA  CB   sing N N 133 
GLN CA  HA   sing N N 134 
GLN C   O    doub N N 135 
GLN C   OXT  sing N N 136 
GLN CB  CG   sing N N 137 
GLN CB  HB2  sing N N 138 
GLN CB  HB3  sing N N 139 
GLN CG  CD   sing N N 140 
GLN CG  HG2  sing N N 141 
GLN CG  HG3  sing N N 142 
GLN CD  OE1  doub N N 143 
GLN CD  NE2  sing N N 144 
GLN NE2 HE21 sing N N 145 
GLN NE2 HE22 sing N N 146 
GLN OXT HXT  sing N N 147 
GLU N   CA   sing N N 148 
GLU N   H    sing N N 149 
GLU N   H2   sing N N 150 
GLU CA  C    sing N N 151 
GLU CA  CB   sing N N 152 
GLU CA  HA   sing N N 153 
GLU C   O    doub N N 154 
GLU C   OXT  sing N N 155 
GLU CB  CG   sing N N 156 
GLU CB  HB2  sing N N 157 
GLU CB  HB3  sing N N 158 
GLU CG  CD   sing N N 159 
GLU CG  HG2  sing N N 160 
GLU CG  HG3  sing N N 161 
GLU CD  OE1  doub N N 162 
GLU CD  OE2  sing N N 163 
GLU OE2 HE2  sing N N 164 
GLU OXT HXT  sing N N 165 
GLY N   CA   sing N N 166 
GLY N   H    sing N N 167 
GLY N   H2   sing N N 168 
GLY CA  C    sing N N 169 
GLY CA  HA2  sing N N 170 
GLY CA  HA3  sing N N 171 
GLY C   O    doub N N 172 
GLY C   OXT  sing N N 173 
GLY OXT HXT  sing N N 174 
HIS N   CA   sing N N 175 
HIS N   H    sing N N 176 
HIS N   H2   sing N N 177 
HIS CA  C    sing N N 178 
HIS CA  CB   sing N N 179 
HIS CA  HA   sing N N 180 
HIS C   O    doub N N 181 
HIS C   OXT  sing N N 182 
HIS CB  CG   sing N N 183 
HIS CB  HB2  sing N N 184 
HIS CB  HB3  sing N N 185 
HIS CG  ND1  sing Y N 186 
HIS CG  CD2  doub Y N 187 
HIS ND1 CE1  doub Y N 188 
HIS ND1 HD1  sing N N 189 
HIS CD2 NE2  sing Y N 190 
HIS CD2 HD2  sing N N 191 
HIS CE1 NE2  sing Y N 192 
HIS CE1 HE1  sing N N 193 
HIS NE2 HE2  sing N N 194 
HIS OXT HXT  sing N N 195 
HOH O   H1   sing N N 196 
HOH O   H2   sing N N 197 
ILE N   CA   sing N N 198 
ILE N   H    sing N N 199 
ILE N   H2   sing N N 200 
ILE CA  C    sing N N 201 
ILE CA  CB   sing N N 202 
ILE CA  HA   sing N N 203 
ILE C   O    doub N N 204 
ILE C   OXT  sing N N 205 
ILE CB  CG1  sing N N 206 
ILE CB  CG2  sing N N 207 
ILE CB  HB   sing N N 208 
ILE CG1 CD1  sing N N 209 
ILE CG1 HG12 sing N N 210 
ILE CG1 HG13 sing N N 211 
ILE CG2 HG21 sing N N 212 
ILE CG2 HG22 sing N N 213 
ILE CG2 HG23 sing N N 214 
ILE CD1 HD11 sing N N 215 
ILE CD1 HD12 sing N N 216 
ILE CD1 HD13 sing N N 217 
ILE OXT HXT  sing N N 218 
LEU N   CA   sing N N 219 
LEU N   H    sing N N 220 
LEU N   H2   sing N N 221 
LEU CA  C    sing N N 222 
LEU CA  CB   sing N N 223 
LEU CA  HA   sing N N 224 
LEU C   O    doub N N 225 
LEU C   OXT  sing N N 226 
LEU CB  CG   sing N N 227 
LEU CB  HB2  sing N N 228 
LEU CB  HB3  sing N N 229 
LEU CG  CD1  sing N N 230 
LEU CG  CD2  sing N N 231 
LEU CG  HG   sing N N 232 
LEU CD1 HD11 sing N N 233 
LEU CD1 HD12 sing N N 234 
LEU CD1 HD13 sing N N 235 
LEU CD2 HD21 sing N N 236 
LEU CD2 HD22 sing N N 237 
LEU CD2 HD23 sing N N 238 
LEU OXT HXT  sing N N 239 
LYS N   CA   sing N N 240 
LYS N   H    sing N N 241 
LYS N   H2   sing N N 242 
LYS CA  C    sing N N 243 
LYS CA  CB   sing N N 244 
LYS CA  HA   sing N N 245 
LYS C   O    doub N N 246 
LYS C   OXT  sing N N 247 
LYS CB  CG   sing N N 248 
LYS CB  HB2  sing N N 249 
LYS CB  HB3  sing N N 250 
LYS CG  CD   sing N N 251 
LYS CG  HG2  sing N N 252 
LYS CG  HG3  sing N N 253 
LYS CD  CE   sing N N 254 
LYS CD  HD2  sing N N 255 
LYS CD  HD3  sing N N 256 
LYS CE  NZ   sing N N 257 
LYS CE  HE2  sing N N 258 
LYS CE  HE3  sing N N 259 
LYS NZ  HZ1  sing N N 260 
LYS NZ  HZ2  sing N N 261 
LYS NZ  HZ3  sing N N 262 
LYS OXT HXT  sing N N 263 
MET N   CA   sing N N 264 
MET N   H    sing N N 265 
MET N   H2   sing N N 266 
MET CA  C    sing N N 267 
MET CA  CB   sing N N 268 
MET CA  HA   sing N N 269 
MET C   O    doub N N 270 
MET C   OXT  sing N N 271 
MET CB  CG   sing N N 272 
MET CB  HB2  sing N N 273 
MET CB  HB3  sing N N 274 
MET CG  SD   sing N N 275 
MET CG  HG2  sing N N 276 
MET CG  HG3  sing N N 277 
MET SD  CE   sing N N 278 
MET CE  HE1  sing N N 279 
MET CE  HE2  sing N N 280 
MET CE  HE3  sing N N 281 
MET OXT HXT  sing N N 282 
PHE N   CA   sing N N 283 
PHE N   H    sing N N 284 
PHE N   H2   sing N N 285 
PHE CA  C    sing N N 286 
PHE CA  CB   sing N N 287 
PHE CA  HA   sing N N 288 
PHE C   O    doub N N 289 
PHE C   OXT  sing N N 290 
PHE CB  CG   sing N N 291 
PHE CB  HB2  sing N N 292 
PHE CB  HB3  sing N N 293 
PHE CG  CD1  doub Y N 294 
PHE CG  CD2  sing Y N 295 
PHE CD1 CE1  sing Y N 296 
PHE CD1 HD1  sing N N 297 
PHE CD2 CE2  doub Y N 298 
PHE CD2 HD2  sing N N 299 
PHE CE1 CZ   doub Y N 300 
PHE CE1 HE1  sing N N 301 
PHE CE2 CZ   sing Y N 302 
PHE CE2 HE2  sing N N 303 
PHE CZ  HZ   sing N N 304 
PHE OXT HXT  sing N N 305 
PRO N   CA   sing N N 306 
PRO N   CD   sing N N 307 
PRO N   H    sing N N 308 
PRO CA  C    sing N N 309 
PRO CA  CB   sing N N 310 
PRO CA  HA   sing N N 311 
PRO C   O    doub N N 312 
PRO C   OXT  sing N N 313 
PRO CB  CG   sing N N 314 
PRO CB  HB2  sing N N 315 
PRO CB  HB3  sing N N 316 
PRO CG  CD   sing N N 317 
PRO CG  HG2  sing N N 318 
PRO CG  HG3  sing N N 319 
PRO CD  HD2  sing N N 320 
PRO CD  HD3  sing N N 321 
PRO OXT HXT  sing N N 322 
SER N   CA   sing N N 323 
SER N   H    sing N N 324 
SER N   H2   sing N N 325 
SER CA  C    sing N N 326 
SER CA  CB   sing N N 327 
SER CA  HA   sing N N 328 
SER C   O    doub N N 329 
SER C   OXT  sing N N 330 
SER CB  OG   sing N N 331 
SER CB  HB2  sing N N 332 
SER CB  HB3  sing N N 333 
SER OG  HG   sing N N 334 
SER OXT HXT  sing N N 335 
SO4 S   O1   doub N N 336 
SO4 S   O2   doub N N 337 
SO4 S   O3   sing N N 338 
SO4 S   O4   sing N N 339 
THR N   CA   sing N N 340 
THR N   H    sing N N 341 
THR N   H2   sing N N 342 
THR CA  C    sing N N 343 
THR CA  CB   sing N N 344 
THR CA  HA   sing N N 345 
THR C   O    doub N N 346 
THR C   OXT  sing N N 347 
THR CB  OG1  sing N N 348 
THR CB  CG2  sing N N 349 
THR CB  HB   sing N N 350 
THR OG1 HG1  sing N N 351 
THR CG2 HG21 sing N N 352 
THR CG2 HG22 sing N N 353 
THR CG2 HG23 sing N N 354 
THR OXT HXT  sing N N 355 
TYR N   CA   sing N N 356 
TYR N   H    sing N N 357 
TYR N   H2   sing N N 358 
TYR CA  C    sing N N 359 
TYR CA  CB   sing N N 360 
TYR CA  HA   sing N N 361 
TYR C   O    doub N N 362 
TYR C   OXT  sing N N 363 
TYR CB  CG   sing N N 364 
TYR CB  HB2  sing N N 365 
TYR CB  HB3  sing N N 366 
TYR CG  CD1  doub Y N 367 
TYR CG  CD2  sing Y N 368 
TYR CD1 CE1  sing Y N 369 
TYR CD1 HD1  sing N N 370 
TYR CD2 CE2  doub Y N 371 
TYR CD2 HD2  sing N N 372 
TYR CE1 CZ   doub Y N 373 
TYR CE1 HE1  sing N N 374 
TYR CE2 CZ   sing Y N 375 
TYR CE2 HE2  sing N N 376 
TYR CZ  OH   sing N N 377 
TYR OH  HH   sing N N 378 
TYR OXT HXT  sing N N 379 
VAL N   CA   sing N N 380 
VAL N   H    sing N N 381 
VAL N   H2   sing N N 382 
VAL CA  C    sing N N 383 
VAL CA  CB   sing N N 384 
VAL CA  HA   sing N N 385 
VAL C   O    doub N N 386 
VAL C   OXT  sing N N 387 
VAL CB  CG1  sing N N 388 
VAL CB  CG2  sing N N 389 
VAL CB  HB   sing N N 390 
VAL CG1 HG11 sing N N 391 
VAL CG1 HG12 sing N N 392 
VAL CG1 HG13 sing N N 393 
VAL CG2 HG21 sing N N 394 
VAL CG2 HG22 sing N N 395 
VAL CG2 HG23 sing N N 396 
VAL OXT HXT  sing N N 397 
# 
_atom_sites.entry_id                    5BZO 
_atom_sites.fract_transf_matrix[1][1]   0.02606453 
_atom_sites.fract_transf_matrix[1][2]   -0.00469328 
_atom_sites.fract_transf_matrix[1][3]   -0.02525895 
_atom_sites.fract_transf_matrix[2][1]   0.00607989 
_atom_sites.fract_transf_matrix[2][2]   -0.00739892 
_atom_sites.fract_transf_matrix[2][3]   0.00764856 
_atom_sites.fract_transf_matrix[3][1]   -0.00376056 
_atom_sites.fract_transf_matrix[3][2]   -0.02665406 
_atom_sites.fract_transf_matrix[3][3]   -0.02279482 
_atom_sites.fract_transf_vector[1]      0.088735 
_atom_sites.fract_transf_vector[2]      -0.004291 
_atom_sites.fract_transf_vector[3]      0.072866 
# 
loop_
_atom_type.symbol 
C 
N 
O 
S 
# 
loop_
_atom_site.group_PDB 
_atom_site.id 
_atom_site.type_symbol 
_atom_site.label_atom_id 
_atom_site.label_alt_id 
_atom_site.label_comp_id 
_atom_site.label_asym_id 
_atom_site.label_entity_id 
_atom_site.label_seq_id 
_atom_site.pdbx_PDB_ins_code 
_atom_site.Cartn_x 
_atom_site.Cartn_y 
_atom_site.Cartn_z 
_atom_site.occupancy 
_atom_site.B_iso_or_equiv 
_atom_site.pdbx_formal_charge 
_atom_site.auth_seq_id 
_atom_site.auth_comp_id 
_atom_site.auth_asym_id 
_atom_site.auth_atom_id 
_atom_site.pdbx_PDB_model_num 
ATOM   1    N N   . ASN A 1 2   ? 21.161  -6.332  0.731   1.00 19.87 ? 24  ASN A N   1 
ATOM   2    C CA  . ASN A 1 2   ? 19.845  -6.935  1.090   1.00 18.89 ? 24  ASN A CA  1 
ATOM   3    C C   . ASN A 1 2   ? 18.905  -5.821  1.539   1.00 17.79 ? 24  ASN A C   1 
ATOM   4    O O   . ASN A 1 2   ? 18.821  -5.511  2.731   1.00 16.66 ? 24  ASN A O   1 
ATOM   5    C CB  . ASN A 1 2   ? 20.024  -7.993  2.186   1.00 19.71 ? 24  ASN A CB  1 
ATOM   6    C CG  . ASN A 1 2   ? 18.796  -8.874  2.368   1.00 20.83 ? 24  ASN A CG  1 
ATOM   7    O OD1 . ASN A 1 2   ? 17.738  -8.627  1.787   1.00 24.28 ? 24  ASN A OD1 1 
ATOM   8    N ND2 . ASN A 1 2   ? 18.934  -9.910  3.181   1.00 21.97 ? 24  ASN A ND2 1 
ATOM   9    N N   . GLN A 1 3   ? 18.221  -5.219  0.563   1.00 16.66 ? 25  GLN A N   1 
ATOM   10   C CA  . GLN A 1 3   ? 17.527  -3.944  0.752   1.00 15.83 ? 25  GLN A CA  1 
ATOM   11   C C   . GLN A 1 3   ? 16.170  -3.939  0.057   1.00 14.61 ? 25  GLN A C   1 
ATOM   12   O O   . GLN A 1 3   ? 16.031  -4.449  -1.054  1.00 15.30 ? 25  GLN A O   1 
ATOM   13   C CB  . GLN A 1 3   ? 18.386  -2.809  0.184   1.00 16.67 ? 25  GLN A CB  1 
ATOM   14   C CG  . GLN A 1 3   ? 18.402  -1.529  1.007   1.00 19.73 ? 25  GLN A CG  1 
ATOM   15   C CD  . GLN A 1 3   ? 17.186  -0.663  0.797   1.00 23.30 ? 25  GLN A CD  1 
ATOM   16   O OE1 . GLN A 1 3   ? 16.797  -0.361  -0.337  1.00 25.54 ? 25  GLN A OE1 1 
ATOM   17   N NE2 . GLN A 1 3   ? 16.583  -0.231  1.899   1.00 21.69 ? 25  GLN A NE2 1 
ATOM   18   N N   . ILE A 1 4   ? 15.172  -3.373  0.733   1.00 12.34 ? 26  ILE A N   1 
ATOM   19   C CA  . ILE A 1 4   ? 13.839  -3.183  0.148   1.00 11.39 ? 26  ILE A CA  1 
ATOM   20   C C   . ILE A 1 4   ? 13.403  -1.738  0.366   1.00 10.65 ? 26  ILE A C   1 
ATOM   21   O O   . ILE A 1 4   ? 13.466  -1.249  1.496   1.00 11.02 ? 26  ILE A O   1 
ATOM   22   C CB  . ILE A 1 4   ? 12.805  -4.143  0.787   1.00 10.87 ? 26  ILE A CB  1 
ATOM   23   C CG1 . ILE A 1 4   ? 13.168  -5.609  0.491   1.00 11.87 ? 26  ILE A CG1 1 
ATOM   24   C CG2 . ILE A 1 4   ? 11.380  -3.820  0.310   1.00 11.10 ? 26  ILE A CG2 1 
ATOM   25   C CD1 . ILE A 1 4   ? 12.307  -6.629  1.208   1.00 14.44 ? 26  ILE A CD1 1 
ATOM   26   N N   . ASP A 1 5   ? 12.981  -1.063  -0.705  1.00 10.01 ? 27  ASP A N   1 
ATOM   27   C CA  . ASP A 1 5   ? 12.328  0.249   -0.616  1.00 9.44  ? 27  ASP A CA  1 
ATOM   28   C C   . ASP A 1 5   ? 10.820  0.033   -0.611  1.00 7.80  ? 27  ASP A C   1 
ATOM   29   O O   . ASP A 1 5   ? 10.299  -0.719  -1.434  1.00 7.96  ? 27  ASP A O   1 
ATOM   30   C CB  . ASP A 1 5   ? 12.629  1.116   -1.852  1.00 10.82 ? 27  ASP A CB  1 
ATOM   31   C CG  . ASP A 1 5   ? 13.959  1.863   -1.796  1.00 14.52 ? 27  ASP A CG  1 
ATOM   32   O OD1 . ASP A 1 5   ? 14.589  1.968   -0.730  1.00 16.43 ? 27  ASP A OD1 1 
ATOM   33   O OD2 . ASP A 1 5   ? 14.356  2.376   -2.865  1.00 19.09 ? 27  ASP A OD2 1 
ATOM   34   N N   . LEU A 1 6   ? 10.130  0.731   0.276   1.00 6.93  ? 28  LEU A N   1 
ATOM   35   C CA  . LEU A 1 6   ? 8.665   0.745   0.313   1.00 6.53  ? 28  LEU A CA  1 
ATOM   36   C C   . LEU A 1 6   ? 8.193   2.171   0.095   1.00 5.78  ? 28  LEU A C   1 
ATOM   37   O O   . LEU A 1 6   ? 8.367   3.028   0.968   1.00 6.72  ? 28  LEU A O   1 
ATOM   38   C CB  . LEU A 1 6   ? 8.170   0.209   1.656   1.00 7.06  ? 28  LEU A CB  1 
ATOM   39   C CG  . LEU A 1 6   ? 8.599   -1.210  2.029   1.00 7.13  ? 28  LEU A CG  1 
ATOM   40   C CD1 . LEU A 1 6   ? 8.163   -1.535  3.447   1.00 9.45  ? 28  LEU A CD1 1 
ATOM   41   C CD2 . LEU A 1 6   ? 8.044   -2.254  1.050   1.00 8.56  ? 28  LEU A CD2 1 
ATOM   42   N N   . ASN A 1 7   ? 7.639   2.450   -1.074  1.00 5.06  ? 29  ASN A N   1 
ATOM   43   C CA  . ASN A 1 7   ? 7.176   3.786   -1.413  1.00 5.87  ? 29  ASN A CA  1 
ATOM   44   C C   . ASN A 1 7   ? 5.750   3.927   -0.935  1.00 4.86  ? 29  ASN A C   1 
ATOM   45   O O   . ASN A 1 7   ? 4.887   3.140   -1.358  1.00 6.08  ? 29  ASN A O   1 
ATOM   46   C CB  . ASN A 1 7   ? 7.193   3.970   -2.922  1.00 6.16  ? 29  ASN A CB  1 
ATOM   47   C CG  . ASN A 1 7   ? 8.572   3.829   -3.521  1.00 7.72  ? 29  ASN A CG  1 
ATOM   48   O OD1 . ASN A 1 7   ? 9.585   4.049   -2.855  1.00 8.25  ? 29  ASN A OD1 1 
ATOM   49   N ND2 . ASN A 1 7   ? 8.615   3.477   -4.802  1.00 9.24  ? 29  ASN A ND2 1 
ATOM   50   N N   . VAL A 1 8   ? 5.481   4.899   -0.074  1.00 4.73  ? 30  VAL A N   1 
ATOM   51   C CA  . VAL A 1 8   ? 4.174   5.008   0.563   1.00 5.24  ? 30  VAL A CA  1 
ATOM   52   C C   . VAL A 1 8   ? 3.508   6.339   0.244   1.00 5.47  ? 30  VAL A C   1 
ATOM   53   O O   . VAL A 1 8   ? 4.191   7.343   -0.008  1.00 5.95  ? 30  VAL A O   1 
ATOM   54   C CB  . VAL A 1 8   ? 4.292   4.817   2.100   1.00 5.63  ? 30  VAL A CB  1 
ATOM   55   C CG1 . VAL A 1 8   ? 4.903   3.483   2.425   1.00 8.22  ? 30  VAL A CG1 1 
ATOM   56   C CG2 . VAL A 1 8   ? 5.121   5.916   2.737   1.00 6.94  ? 30  VAL A CG2 1 
ATOM   57   N N   . THR A 1 9   ? 2.183   6.364   0.289   1.00 5.46  ? 31  THR A N   1 
ATOM   58   C CA  . THR A 1 9   ? 1.425   7.575   0.028   1.00 5.79  ? 31  THR A CA  1 
ATOM   59   C C   . THR A 1 9   ? 0.901   8.207   1.312   1.00 5.79  ? 31  THR A C   1 
ATOM   60   O O   . THR A 1 9   ? 0.968   7.617   2.396   1.00 5.78  ? 31  THR A O   1 
ATOM   61   C CB  . THR A 1 9   ? 0.194   7.289   -0.877  1.00 5.82  ? 31  THR A CB  1 
ATOM   62   O OG1 . THR A 1 9   ? -0.708  6.394   -0.206  1.00 5.16  ? 31  THR A OG1 1 
ATOM   63   C CG2 . THR A 1 9   ? 0.612   6.695   -2.214  1.00 7.11  ? 31  THR A CG2 1 
ATOM   64   N N   . CYS A 1 10  ? 0.322   9.390   1.145   1.00 5.71  ? 32  CYS A N   1 
ATOM   65   C CA  . CYS A 1 10  ? -0.646  9.928   2.099   1.00 5.52  ? 32  CYS A CA  1 
ATOM   66   C C   . CYS A 1 10  ? -1.677  8.865   2.479   1.00 4.98  ? 32  CYS A C   1 
ATOM   67   O O   . CYS A 1 10  ? -1.981  7.967   1.677   1.00 5.84  ? 32  CYS A O   1 
ATOM   68   C CB  . CYS A 1 10  ? -1.424  11.075  1.452   1.00 5.80  ? 32  CYS A CB  1 
ATOM   69   S SG  . CYS A 1 10  ? -0.486  12.473  0.891   1.00 9.94  ? 32  CYS A SG  1 
ATOM   70   N N   . ARG A 1 11  ? -2.229  8.975   3.684   1.00 5.24  ? 33  ARG A N   1 
ATOM   71   C CA  . ARG A 1 11  ? -3.368  8.158   4.111   1.00 5.13  ? 33  ARG A CA  1 
ATOM   72   C C   . ARG A 1 11  ? -4.644  8.955   3.910   1.00 5.70  ? 33  ARG A C   1 
ATOM   73   O O   . ARG A 1 11  ? -4.688  10.168  4.186   1.00 6.90  ? 33  ARG A O   1 
ATOM   74   C CB  . ARG A 1 11  ? -3.244  7.758   5.578   1.00 5.78  ? 33  ARG A CB  1 
ATOM   75   C CG  . ARG A 1 11  ? -2.360  6.531   5.839   1.00 6.48  ? 33  ARG A CG  1 
ATOM   76   C CD  . ARG A 1 11  ? -0.876  6.810   5.580   1.00 5.73  ? 33  ARG A CD  1 
ATOM   77   N NE  . ARG A 1 11  ? -0.402  7.836   6.512   1.00 5.89  ? 33  ARG A NE  1 
ATOM   78   C CZ  . ARG A 1 11  ? 0.477   8.812   6.249   1.00 5.72  ? 33  ARG A CZ  1 
ATOM   79   N NH1 . ARG A 1 11  ? 1.048   8.937   5.066   1.00 5.89  ? 33  ARG A NH1 1 
ATOM   80   N NH2 . ARG A 1 11  ? 0.778   9.666   7.220   1.00 7.36  ? 33  ARG A NH2 1 
ATOM   81   N N   . TYR A 1 12  ? -5.690  8.280   3.465   1.00 4.78  ? 34  TYR A N   1 
ATOM   82   C CA  . TYR A 1 12  ? -7.023  8.867   3.337   1.00 5.36  ? 34  TYR A CA  1 
ATOM   83   C C   . TYR A 1 12  ? -7.990  7.970   4.067   1.00 4.76  ? 34  TYR A C   1 
ATOM   84   O O   . TYR A 1 12  ? -8.164  6.816   3.681   1.00 4.58  ? 34  TYR A O   1 
ATOM   85   C CB  . TYR A 1 12  ? -7.412  8.938   1.863   1.00 6.05  ? 34  TYR A CB  1 
ATOM   86   C CG  . TYR A 1 12  ? -6.650  10.007  1.127   1.00 7.99  ? 34  TYR A CG  1 
ATOM   87   C CD1 . TYR A 1 12  ? -7.188  11.274  1.023   1.00 10.04 ? 34  TYR A CD1 1 
ATOM   88   C CD2 . TYR A 1 12  ? -5.396  9.777   0.557   1.00 10.12 ? 34  TYR A CD2 1 
ATOM   89   C CE1 . TYR A 1 12  ? -6.519  12.294  0.385   1.00 12.41 ? 34  TYR A CE1 1 
ATOM   90   C CE2 . TYR A 1 12  ? -4.714  10.814  -0.108  1.00 11.32 ? 34  TYR A CE2 1 
ATOM   91   C CZ  . TYR A 1 12  ? -5.293  12.054  -0.182  1.00 11.43 ? 34  TYR A CZ  1 
ATOM   92   O OH  . TYR A 1 12  ? -4.641  13.093  -0.828  1.00 15.80 ? 34  TYR A OH  1 
ATOM   93   N N   . ALA A 1 13  ? -8.605  8.466   5.137   1.00 4.77  ? 35  ALA A N   1 
ATOM   94   C CA  . ALA A 1 13  ? -9.420  7.601   5.982   1.00 4.71  ? 35  ALA A CA  1 
ATOM   95   C C   . ALA A 1 13  ? -8.687  6.305   6.327   1.00 4.52  ? 35  ALA A C   1 
ATOM   96   O O   . ALA A 1 13  ? -9.271  5.218   6.319   1.00 4.85  ? 35  ALA A O   1 
ATOM   97   C CB  . ALA A 1 13  ? -10.800 7.327   5.346   1.00 6.15  ? 35  ALA A CB  1 
ATOM   98   N N   . GLY A 1 14  ? -7.380  6.427   6.558   1.00 4.75  ? 36  GLY A N   1 
ATOM   99   C CA  . GLY A 1 14  ? -6.574  5.297   6.969   1.00 4.67  ? 36  GLY A CA  1 
ATOM   100  C C   . GLY A 1 14  ? -5.999  4.442   5.860   1.00 3.87  ? 36  GLY A C   1 
ATOM   101  O O   . GLY A 1 14  ? -5.166  3.568   6.140   1.00 5.34  ? 36  GLY A O   1 
ATOM   102  N N   . VAL A 1 15  ? -6.432  4.673   4.629   1.00 4.28  ? 37  VAL A N   1 
ATOM   103  C CA  . VAL A 1 15  ? -5.996  3.851   3.505   1.00 4.60  ? 37  VAL A CA  1 
ATOM   104  C C   . VAL A 1 15  ? -4.813  4.502   2.807   1.00 4.87  ? 37  VAL A C   1 
ATOM   105  O O   . VAL A 1 15  ? -4.808  5.706   2.577   1.00 4.82  ? 37  VAL A O   1 
ATOM   106  C CB  . VAL A 1 15  ? -7.157  3.610   2.498   1.00 4.47  ? 37  VAL A CB  1 
ATOM   107  C CG1 . VAL A 1 15  ? -6.705  2.768   1.306   1.00 5.90  ? 37  VAL A CG1 1 
ATOM   108  C CG2 . VAL A 1 15  ? -8.339  2.923   3.194   1.00 5.15  ? 37  VAL A CG2 1 
ATOM   109  N N   . PHE A 1 16  ? -3.811  3.696   2.484   1.00 4.54  ? 38  PHE A N   1 
ATOM   110  C CA  . PHE A 1 16  ? -2.643  4.165   1.759   1.00 4.35  ? 38  PHE A CA  1 
ATOM   111  C C   . PHE A 1 16  ? -2.168  3.096   0.802   1.00 4.40  ? 38  PHE A C   1 
ATOM   112  O O   . PHE A 1 16  ? -2.560  1.928   0.897   1.00 5.31  ? 38  PHE A O   1 
ATOM   113  C CB  . PHE A 1 16  ? -1.526  4.645   2.704   1.00 5.08  ? 38  PHE A CB  1 
ATOM   114  C CG  . PHE A 1 16  ? -0.988  3.599   3.652   1.00 5.50  ? 38  PHE A CG  1 
ATOM   115  C CD1 . PHE A 1 16  ? 0.299   3.073   3.480   1.00 6.61  ? 38  PHE A CD1 1 
ATOM   116  C CD2 . PHE A 1 16  ? -1.733  3.152   4.754   1.00 5.39  ? 38  PHE A CD2 1 
ATOM   117  C CE1 . PHE A 1 16  ? 0.823   2.152   4.371   1.00 7.34  ? 38  PHE A CE1 1 
ATOM   118  C CE2 . PHE A 1 16  ? -1.201  2.225   5.635   1.00 6.22  ? 38  PHE A CE2 1 
ATOM   119  C CZ  . PHE A 1 16  ? 0.074   1.725   5.430   1.00 7.77  ? 38  PHE A CZ  1 
ATOM   120  N N   . HIS A 1 17  ? -1.313  3.507   -0.131  1.00 4.35  ? 39  HIS A N   1 
ATOM   121  C CA  . HIS A 1 17  ? -0.729  2.668   -1.175  1.00 4.75  ? 39  HIS A CA  1 
ATOM   122  C C   . HIS A 1 17  ? 0.759   2.452   -0.880  1.00 4.22  ? 39  HIS A C   1 
ATOM   123  O O   . HIS A 1 17  ? 1.466   3.388   -0.431  1.00 4.83  ? 39  HIS A O   1 
ATOM   124  C CB  . HIS A 1 17  ? -0.978  3.370   -2.510  1.00 5.38  ? 39  HIS A CB  1 
ATOM   125  C CG  . HIS A 1 17  ? -0.208  2.834   -3.674  1.00 5.48  ? 39  HIS A CG  1 
ATOM   126  N ND1 . HIS A 1 17  ? 0.797   3.556   -4.278  1.00 8.88  ? 39  HIS A ND1 1 
ATOM   127  C CD2 . HIS A 1 17  ? -0.316  1.681   -4.375  1.00 7.57  ? 39  HIS A CD2 1 
ATOM   128  C CE1 . HIS A 1 17  ? 1.294   2.860   -5.287  1.00 8.46  ? 39  HIS A CE1 1 
ATOM   129  N NE2 . HIS A 1 17  ? 0.639   1.717   -5.364  1.00 6.32  ? 39  HIS A NE2 1 
ATOM   130  N N   . VAL A 1 18  ? 1.237   1.235   -1.128  1.00 4.54  ? 40  VAL A N   1 
ATOM   131  C CA  . VAL A 1 18  ? 2.635   0.872   -0.951  1.00 5.74  ? 40  VAL A CA  1 
ATOM   132  C C   . VAL A 1 18  ? 3.110   0.153   -2.199  1.00 5.18  ? 40  VAL A C   1 
ATOM   133  O O   . VAL A 1 18  ? 2.487   -0.819  -2.658  1.00 5.41  ? 40  VAL A O   1 
ATOM   134  C CB  . VAL A 1 18  ? 2.821   -0.067  0.260   1.00 5.97  ? 40  VAL A CB  1 
ATOM   135  C CG1 . VAL A 1 18  ? 4.306   -0.308  0.527   1.00 7.18  ? 40  VAL A CG1 1 
ATOM   136  C CG2 . VAL A 1 18  ? 2.136   0.460   1.506   1.00 7.28  ? 40  VAL A CG2 1 
ATOM   137  N N   . GLU A 1 19  ? 4.210   0.646   -2.758  1.00 5.92  ? 41  GLU A N   1 
ATOM   138  C CA  . GLU A 1 19  ? 4.938   -0.040  -3.832  1.00 7.09  ? 41  GLU A CA  1 
ATOM   139  C C   . GLU A 1 19  ? 6.242   -0.592  -3.291  1.00 7.50  ? 41  GLU A C   1 
ATOM   140  O O   . GLU A 1 19  ? 6.978   0.122   -2.589  1.00 8.78  ? 41  GLU A O   1 
ATOM   141  C CB  . GLU A 1 19  ? 5.338   0.904   -4.965  1.00 9.06  ? 41  GLU A CB  1 
ATOM   142  C CG  . GLU A 1 19  ? 4.322   1.846   -5.478  1.00 10.67 ? 41  GLU A CG  1 
ATOM   143  C CD  . GLU A 1 19  ? 4.915   2.930   -6.376  1.00 13.16 ? 41  GLU A CD  1 
ATOM   144  O OE1 . GLU A 1 19  ? 4.112   3.693   -6.939  1.00 14.67 ? 41  GLU A OE1 1 
ATOM   145  O OE2 . GLU A 1 19  ? 6.162   3.066   -6.498  1.00 13.60 ? 41  GLU A OE2 1 
ATOM   146  N N   . LYS A 1 20  ? 6.573   -1.813  -3.672  1.00 7.23  ? 42  LYS A N   1 
ATOM   147  C CA  . LYS A 1 20  ? 7.849   -2.400  -3.310  1.00 7.59  ? 42  LYS A CA  1 
ATOM   148  C C   . LYS A 1 20  ? 8.836   -2.144  -4.435  1.00 7.33  ? 42  LYS A C   1 
ATOM   149  O O   . LYS A 1 20  ? 8.635   -2.582  -5.575  1.00 7.82  ? 42  LYS A O   1 
ATOM   150  C CB  . LYS A 1 20  ? 7.676   -3.891  -3.075  1.00 7.90  ? 42  LYS A CB  1 
ATOM   151  C CG  . LYS A 1 20  ? 8.930   -4.586  -2.604  1.00 10.14 ? 42  LYS A CG  1 
ATOM   152  C CD  . LYS A 1 20  ? 8.714   -6.078  -2.518  1.00 13.18 ? 42  LYS A CD  1 
ATOM   153  C CE  . LYS A 1 20  ? 9.959   -6.784  -2.017  1.00 15.01 ? 42  LYS A CE  1 
ATOM   154  N NZ  . LYS A 1 20  ? 9.789   -8.252  -2.097  1.00 17.27 ? 42  LYS A NZ  1 
ATOM   155  N N   . ASN A 1 21  ? 9.909   -1.418  -4.116  1.00 8.12  ? 43  ASN A N   1 
ATOM   156  C CA  . ASN A 1 21  ? 10.974  -1.089  -5.071  1.00 9.33  ? 43  ASN A CA  1 
ATOM   157  C C   . ASN A 1 21  ? 10.465  -0.381  -6.328  1.00 10.05 ? 43  ASN A C   1 
ATOM   158  O O   . ASN A 1 21  ? 11.098  -0.449  -7.384  1.00 11.55 ? 43  ASN A O   1 
ATOM   159  C CB  . ASN A 1 21  ? 11.790  -2.332  -5.428  1.00 10.25 ? 43  ASN A CB  1 
ATOM   160  C CG  . ASN A 1 21  ? 12.497  -2.914  -4.229  1.00 11.06 ? 43  ASN A CG  1 
ATOM   161  O OD1 . ASN A 1 21  ? 13.049  -2.180  -3.404  1.00 10.89 ? 43  ASN A OD1 1 
ATOM   162  N ND2 . ASN A 1 21  ? 12.468  -4.231  -4.109  1.00 11.92 ? 43  ASN A ND2 1 
ATOM   163  N N   . GLY A 1 22  ? 9.335   0.307   -6.210  1.00 10.77 ? 44  GLY A N   1 
ATOM   164  C CA  . GLY A 1 22  ? 8.774   1.055   -7.329  1.00 11.74 ? 44  GLY A CA  1 
ATOM   165  C C   . GLY A 1 22  ? 8.376   0.230   -8.549  1.00 11.88 ? 44  GLY A C   1 
ATOM   166  O O   . GLY A 1 22  ? 8.202   0.782   -9.638  1.00 13.87 ? 44  GLY A O   1 
ATOM   167  N N   . ARG A 1 23  ? 8.215   -1.079  -8.379  1.00 11.16 ? 45  ARG A N   1 
ATOM   168  C CA  . ARG A 1 23  ? 7.807   -1.949  -9.475  1.00 11.08 ? 45  ARG A CA  1 
ATOM   169  C C   . ARG A 1 23  ? 6.769   -2.926  -8.962  1.00 9.41  ? 45  ARG A C   1 
ATOM   170  O O   . ARG A 1 23  ? 6.807   -3.315  -7.799  1.00 9.01  ? 45  ARG A O   1 
ATOM   171  C CB  . ARG A 1 23  ? 9.007   -2.681  -10.074 1.00 12.31 ? 45  ARG A CB  1 
ATOM   172  C CG  . ARG A 1 23  ? 9.803   -3.536  -9.114  1.00 15.11 ? 45  ARG A CG  1 
ATOM   173  C CD  . ARG A 1 23  ? 11.031  -4.128  -9.815  1.00 20.11 ? 45  ARG A CD  1 
ATOM   174  N NE  . ARG A 1 23  ? 11.812  -4.999  -8.936  1.00 22.43 ? 45  ARG A NE  1 
ATOM   175  C CZ  . ARG A 1 23  ? 12.950  -4.656  -8.332  1.00 24.04 ? 45  ARG A CZ  1 
ATOM   176  N NH1 . ARG A 1 23  ? 13.472  -3.444  -8.501  1.00 24.21 ? 45  ARG A NH1 1 
ATOM   177  N NH2 . ARG A 1 23  ? 13.574  -5.533  -7.554  1.00 25.67 ? 45  ARG A NH2 1 
ATOM   178  N N   . TYR A 1 24  ? 5.842   -3.339  -9.823  1.00 8.29  ? 46  TYR A N   1 
ATOM   179  C CA  . TYR A 1 24  ? 4.834   -4.315  -9.416  1.00 7.55  ? 46  TYR A CA  1 
ATOM   180  C C   . TYR A 1 24  ? 5.537   -5.601  -9.014  1.00 7.63  ? 46  TYR A C   1 
ATOM   181  O O   . TYR A 1 24  ? 6.152   -6.261  -9.866  1.00 9.39  ? 46  TYR A O   1 
ATOM   182  C CB  . TYR A 1 24  ? 3.896   -4.592  -10.577 1.00 7.19  ? 46  TYR A CB  1 
ATOM   183  C CG  . TYR A 1 24  ? 2.913   -3.490  -10.904 1.00 5.39  ? 46  TYR A CG  1 
ATOM   184  C CD1 . TYR A 1 24  ? 2.056   -2.983  -9.934  1.00 5.65  ? 46  TYR A CD1 1 
ATOM   185  C CD2 . TYR A 1 24  ? 2.788   -3.017  -12.206 1.00 7.54  ? 46  TYR A CD2 1 
ATOM   186  C CE1 . TYR A 1 24  ? 1.136   -2.017  -10.244 1.00 6.03  ? 46  TYR A CE1 1 
ATOM   187  C CE2 . TYR A 1 24  ? 1.857   -2.029  -12.531 1.00 7.71  ? 46  TYR A CE2 1 
ATOM   188  C CZ  . TYR A 1 24  ? 1.024   -1.549  -11.537 1.00 6.09  ? 46  TYR A CZ  1 
ATOM   189  O OH  . TYR A 1 24  ? 0.083   -0.580  -11.818 1.00 7.11  ? 46  TYR A OH  1 
ATOM   190  N N   . SER A 1 25  ? 5.489   -5.968  -7.735  1.00 6.86  ? 47  SER A N   1 
ATOM   191  C CA  . SER A 1 25  ? 6.350   -7.056  -7.263  1.00 7.24  ? 47  SER A CA  1 
ATOM   192  C C   . SER A 1 25  ? 5.880   -7.702  -5.972  1.00 6.85  ? 47  SER A C   1 
ATOM   193  O O   . SER A 1 25  ? 6.630   -8.462  -5.356  1.00 7.27  ? 47  SER A O   1 
ATOM   194  C CB  . SER A 1 25  ? 7.804   -6.580  -7.126  1.00 7.88  ? 47  SER A CB  1 
ATOM   195  O OG  . SER A 1 25  ? 7.902   -5.518  -6.196  1.00 8.59  ? 47  SER A OG  1 
ATOM   196  N N   . ILE A 1 26  ? 4.633   -7.431  -5.578  1.00 6.55  ? 48  ILE A N   1 
ATOM   197  C CA  . ILE A 1 26  ? 4.079   -7.963  -4.337  1.00 7.13  ? 48  ILE A CA  1 
ATOM   198  C C   . ILE A 1 26  ? 3.023   -9.026  -4.646  1.00 6.83  ? 48  ILE A C   1 
ATOM   199  O O   . ILE A 1 26  ? 2.089   -8.774  -5.384  1.00 6.74  ? 48  ILE A O   1 
ATOM   200  C CB  . ILE A 1 26  ? 3.466   -6.836  -3.456  1.00 6.85  ? 48  ILE A CB  1 
ATOM   201  C CG1 . ILE A 1 26  ? 4.475   -5.704  -3.231  1.00 6.74  ? 48  ILE A CG1 1 
ATOM   202  C CG2 . ILE A 1 26  ? 2.984   -7.393  -2.117  1.00 8.73  ? 48  ILE A CG2 1 
ATOM   203  C CD1 . ILE A 1 26  ? 3.877   -4.450  -2.552  1.00 6.96  ? 48  ILE A CD1 1 
ATOM   204  N N   . SER A 1 27  ? 3.182   -10.209 -4.076  1.00 7.50  ? 49  SER A N   1 
ATOM   205  C CA  . SER A 1 27  ? 2.151   -11.235 -4.170  1.00 8.11  ? 49  SER A CA  1 
ATOM   206  C C   . SER A 1 27  ? 1.041   -10.977 -3.165  1.00 8.32  ? 49  SER A C   1 
ATOM   207  O O   . SER A 1 27  ? 1.194   -10.188 -2.237  1.00 7.58  ? 49  SER A O   1 
ATOM   208  C CB  . SER A 1 27  ? 2.748   -12.608 -3.900  1.00 9.31  ? 49  SER A CB  1 
ATOM   209  O OG  . SER A 1 27  ? 3.091   -12.729 -2.535  1.00 11.13 ? 49  SER A OG  1 
ATOM   210  N N   . ARG A 1 28  ? -0.072  -11.670 -3.326  1.00 8.53  ? 50  ARG A N   1 
ATOM   211  C CA  . ARG A 1 28  ? -1.179  -11.533 -2.390  1.00 9.61  ? 50  ARG A CA  1 
ATOM   212  C C   . ARG A 1 28  ? -0.769  -11.890 -0.949  1.00 9.70  ? 50  ARG A C   1 
ATOM   213  O O   . ARG A 1 28  ? -1.155  -11.203 -0.008  1.00 9.93  ? 50  ARG A O   1 
ATOM   214  C CB  . ARG A 1 28  ? -2.362  -12.380 -2.877  1.00 10.81 ? 50  ARG A CB  1 
ATOM   215  C CG  . ARG A 1 28  ? -3.570  -12.441 -1.977  1.00 14.09 ? 50  ARG A CG  1 
ATOM   216  C CD  . ARG A 1 28  ? -4.118  -11.064 -1.680  1.00 17.70 ? 50  ARG A CD  1 
ATOM   217  N NE  . ARG A 1 28  ? -5.275  -11.133 -0.793  1.00 19.56 ? 50  ARG A NE  1 
ATOM   218  C CZ  . ARG A 1 28  ? -5.209  -11.402 0.509   1.00 21.24 ? 50  ARG A CZ  1 
ATOM   219  N NH1 . ARG A 1 28  ? -4.038  -11.625 1.092   1.00 21.29 ? 50  ARG A NH1 1 
ATOM   220  N NH2 . ARG A 1 28  ? -6.319  -11.447 1.234   1.00 19.87 ? 50  ARG A NH2 1 
ATOM   221  N N   . THR A 1 29  ? 0.032   -12.943 -0.782  1.00 10.35 ? 51  THR A N   1 
ATOM   222  C CA  . THR A 1 29  ? 0.507   -13.315 0.567   1.00 11.23 ? 51  THR A CA  1 
ATOM   223  C C   . THR A 1 29  ? 1.447   -12.268 1.144   1.00 10.20 ? 51  THR A C   1 
ATOM   224  O O   . THR A 1 29  ? 1.333   -11.905 2.320   1.00 10.55 ? 51  THR A O   1 
ATOM   225  C CB  . THR A 1 29  ? 1.161   -14.722 0.627   1.00 12.20 ? 51  THR A CB  1 
ATOM   226  O OG1 . THR A 1 29  ? 2.151   -14.847 -0.391  1.00 14.45 ? 51  THR A OG1 1 
ATOM   227  C CG2 . THR A 1 29  ? 0.117   -15.807 0.475   1.00 14.54 ? 51  THR A CG2 1 
ATOM   228  N N   . GLU A 1 30  ? 2.366   -11.781 0.323   1.00 9.46  ? 52  GLU A N   1 
ATOM   229  C CA  . GLU A 1 30  ? 3.285   -10.760 0.772   1.00 9.23  ? 52  GLU A CA  1 
ATOM   230  C C   . GLU A 1 30  ? 2.550   -9.468  1.124   1.00 8.42  ? 52  GLU A C   1 
ATOM   231  O O   . GLU A 1 30  ? 2.948   -8.775  2.063   1.00 8.36  ? 52  GLU A O   1 
ATOM   232  C CB  . GLU A 1 30  ? 4.371   -10.504 -0.265  1.00 9.76  ? 52  GLU A CB  1 
ATOM   233  C CG  . GLU A 1 30  ? 5.407   -9.488  0.206   1.00 11.18 ? 52  GLU A CG  1 
ATOM   234  C CD  . GLU A 1 30  ? 6.625   -9.397  -0.686  1.00 14.74 ? 52  GLU A CD  1 
ATOM   235  O OE1 . GLU A 1 30  ? 6.719   -10.166 -1.668  1.00 21.77 ? 52  GLU A OE1 1 
ATOM   236  O OE2 . GLU A 1 30  ? 7.499   -8.554  -0.412  1.00 14.80 ? 52  GLU A OE2 1 
ATOM   237  N N   . ALA A 1 31  ? 1.477   -9.156  0.393   1.00 7.86  ? 53  ALA A N   1 
ATOM   238  C CA  . ALA A 1 31  ? 0.691   -7.951  0.652   1.00 7.29  ? 53  ALA A CA  1 
ATOM   239  C C   . ALA A 1 31  ? 0.114   -7.958  2.060   1.00 7.02  ? 53  ALA A C   1 
ATOM   240  O O   . ALA A 1 31  ? 0.205   -6.964  2.774   1.00 7.02  ? 53  ALA A O   1 
ATOM   241  C CB  . ALA A 1 31  ? -0.410  -7.790  -0.384  1.00 6.99  ? 53  ALA A CB  1 
ATOM   242  N N   . ALA A 1 32  ? -0.485  -9.083  2.451   1.00 7.75  ? 54  ALA A N   1 
ATOM   243  C CA  . ALA A 1 32  ? -1.043  -9.188  3.793   1.00 8.42  ? 54  ALA A CA  1 
ATOM   244  C C   . ALA A 1 32  ? 0.046   -9.007  4.850   1.00 8.43  ? 54  ALA A C   1 
ATOM   245  O O   . ALA A 1 32  ? -0.160  -8.334  5.853   1.00 8.44  ? 54  ALA A O   1 
ATOM   246  C CB  . ALA A 1 32  ? -1.752  -10.521 3.972   1.00 9.33  ? 54  ALA A CB  1 
ATOM   247  N N   . ASP A 1 33  ? 1.201   -9.632  4.619   1.00 8.40  ? 55  ASP A N   1 
ATOM   248  C CA  . ASP A 1 33  ? 2.323   -9.535  5.558   1.00 8.41  ? 55  ASP A CA  1 
ATOM   249  C C   . ASP A 1 33  ? 2.869   -8.113  5.653   1.00 7.33  ? 55  ASP A C   1 
ATOM   250  O O   . ASP A 1 33  ? 3.199   -7.627  6.736   1.00 7.46  ? 55  ASP A O   1 
ATOM   251  C CB  . ASP A 1 33  ? 3.439   -10.498 5.160   1.00 9.47  ? 55  ASP A CB  1 
ATOM   252  C CG  . ASP A 1 33  ? 3.102   -11.953 5.449   1.00 11.24 ? 55  ASP A CG  1 
ATOM   253  O OD1 . ASP A 1 33  ? 2.089   -12.233 6.123   1.00 14.79 ? 55  ASP A OD1 1 
ATOM   254  O OD2 . ASP A 1 33  ? 3.866   -12.820 4.981   1.00 14.24 ? 55  ASP A OD2 1 
ATOM   255  N N   . LEU A 1 34  ? 2.918   -7.430  4.515   1.00 7.38  ? 56  LEU A N   1 
ATOM   256  C CA  . LEU A 1 34  ? 3.407   -6.070  4.454   1.00 7.44  ? 56  LEU A CA  1 
ATOM   257  C C   . LEU A 1 34  ? 2.484   -5.148  5.221   1.00 6.84  ? 56  LEU A C   1 
ATOM   258  O O   . LEU A 1 34  ? 2.951   -4.347  6.042   1.00 7.42  ? 56  LEU A O   1 
ATOM   259  C CB  . LEU A 1 34  ? 3.528   -5.633  3.003   1.00 7.81  ? 56  LEU A CB  1 
ATOM   260  C CG  . LEU A 1 34  ? 4.170   -4.272  2.764   1.00 9.35  ? 56  LEU A CG  1 
ATOM   261  C CD1 . LEU A 1 34  ? 5.454   -4.062  3.568   1.00 12.04 ? 56  LEU A CD1 1 
ATOM   262  C CD2 . LEU A 1 34  ? 4.404   -4.081  1.282   1.00 9.91  ? 56  LEU A CD2 1 
ATOM   263  N N   . CYS A 1 35  ? 1.174   -5.266  4.990   1.00 7.33  ? 57  CYS A N   1 
ATOM   264  C CA  . CYS A 1 35  ? 0.263   -4.437  5.770   1.00 7.56  ? 57  CYS A CA  1 
ATOM   265  C C   . CYS A 1 35  ? 0.365   -4.715  7.274   1.00 7.91  ? 57  CYS A C   1 
ATOM   266  O O   . CYS A 1 35  ? 0.338   -3.779  8.072   1.00 7.52  ? 57  CYS A O   1 
ATOM   267  C CB  . CYS A 1 35  ? -1.181  -4.552  5.288   1.00 8.20  ? 57  CYS A CB  1 
ATOM   268  S SG  . CYS A 1 35  ? -1.478  -4.006  3.596   1.00 8.38  ? 57  CYS A SG  1 
ATOM   269  N N   A GLN A 1 36  ? 0.490   -5.989  7.646   0.50 7.93  ? 58  GLN A N   1 
ATOM   270  N N   B GLN A 1 36  ? 0.480   -5.992  7.643   0.50 7.97  ? 58  GLN A N   1 
ATOM   271  C CA  A GLN A 1 36  ? 0.682   -6.354  9.050   0.50 8.78  ? 58  GLN A CA  1 
ATOM   272  C CA  B GLN A 1 36  ? 0.701   -6.380  9.040   0.50 8.87  ? 58  GLN A CA  1 
ATOM   273  C C   A GLN A 1 36  ? 1.894   -5.646  9.672   0.50 8.65  ? 58  GLN A C   1 
ATOM   274  C C   B GLN A 1 36  ? 1.884   -5.626  9.660   0.50 8.67  ? 58  GLN A C   1 
ATOM   275  O O   A GLN A 1 36  ? 1.840   -5.240  10.832  0.50 9.00  ? 58  GLN A O   1 
ATOM   276  O O   B GLN A 1 36  ? 1.800   -5.169  10.801  0.50 8.85  ? 58  GLN A O   1 
ATOM   277  C CB  A GLN A 1 36  ? 0.769   -7.874  9.236   0.50 9.02  ? 58  GLN A CB  1 
ATOM   278  C CB  B GLN A 1 36  ? 0.897   -7.898  9.171   0.50 9.20  ? 58  GLN A CB  1 
ATOM   279  C CG  A GLN A 1 36  ? 0.704   -8.315  10.697  0.50 11.05 ? 58  GLN A CG  1 
ATOM   280  C CG  B GLN A 1 36  ? 1.287   -8.362  10.577  0.50 11.68 ? 58  GLN A CG  1 
ATOM   281  C CD  A GLN A 1 36  ? 0.281   -9.761  10.869  0.50 13.92 ? 58  GLN A CD  1 
ATOM   282  C CD  B GLN A 1 36  ? 0.205   -8.101  11.615  0.50 14.68 ? 58  GLN A CD  1 
ATOM   283  O OE1 A GLN A 1 36  ? 0.783   -10.463 11.741  0.50 15.83 ? 58  GLN A OE1 1 
ATOM   284  O OE1 B GLN A 1 36  ? 0.477   -8.076  12.816  0.50 17.40 ? 58  GLN A OE1 1 
ATOM   285  N NE2 A GLN A 1 36  ? -0.652  -10.211 10.039  0.50 15.42 ? 58  GLN A NE2 1 
ATOM   286  N NE2 B GLN A 1 36  ? -1.022  -7.905  11.159  0.50 15.54 ? 58  GLN A NE2 1 
ATOM   287  N N   . ALA A 1 37  ? 2.961   -5.461  8.896   1.00 8.47  ? 59  ALA A N   1 
ATOM   288  C CA  . ALA A 1 37  ? 4.155   -4.768  9.391   1.00 8.73  ? 59  ALA A CA  1 
ATOM   289  C C   . ALA A 1 37  ? 3.905   -3.289  9.666   1.00 8.63  ? 59  ALA A C   1 
ATOM   290  O O   . ALA A 1 37  ? 4.582   -2.684  10.502  1.00 8.63  ? 59  ALA A O   1 
ATOM   291  C CB  . ALA A 1 37  ? 5.319   -4.953  8.439   1.00 10.01 ? 59  ALA A CB  1 
ATOM   292  N N   . PHE A 1 38  ? 2.916   -2.713  8.972   1.00 8.71  ? 60  PHE A N   1 
ATOM   293  C CA  . PHE A 1 38  ? 2.450   -1.352  9.231   1.00 8.99  ? 60  PHE A CA  1 
ATOM   294  C C   . PHE A 1 38  ? 1.297   -1.304  10.250  1.00 8.93  ? 60  PHE A C   1 
ATOM   295  O O   . PHE A 1 38  ? 0.605   -0.285  10.331  1.00 9.49  ? 60  PHE A O   1 
ATOM   296  C CB  . PHE A 1 38  ? 1.949   -0.681  7.936   1.00 9.25  ? 60  PHE A CB  1 
ATOM   297  C CG  . PHE A 1 38  ? 3.038   -0.263  6.987   1.00 8.35  ? 60  PHE A CG  1 
ATOM   298  C CD1 . PHE A 1 38  ? 3.790   0.881   7.231   1.00 9.49  ? 60  PHE A CD1 1 
ATOM   299  C CD2 . PHE A 1 38  ? 3.280   -0.978  5.824   1.00 9.18  ? 60  PHE A CD2 1 
ATOM   300  C CE1 . PHE A 1 38  ? 4.787   1.296   6.336   1.00 10.36 ? 60  PHE A CE1 1 
ATOM   301  C CE2 . PHE A 1 38  ? 4.274   -0.570  4.931   1.00 8.11  ? 60  PHE A CE2 1 
ATOM   302  C CZ  . PHE A 1 38  ? 5.028   0.563   5.190   1.00 9.25  ? 60  PHE A CZ  1 
ATOM   303  N N   A ASN A 1 39  ? 1.110   -2.379  11.019  0.50 9.29  ? 61  ASN A N   1 
ATOM   304  N N   B ASN A 1 39  ? 1.076   -2.387  11.001  0.50 9.31  ? 61  ASN A N   1 
ATOM   305  C CA  A ASN A 1 39  ? -0.045  -2.486  11.910  0.50 9.47  ? 61  ASN A CA  1 
ATOM   306  C CA  B ASN A 1 39  ? -0.065  -2.479  11.933  0.50 9.54  ? 61  ASN A CA  1 
ATOM   307  C C   A ASN A 1 39  ? -1.312  -2.097  11.161  0.50 8.94  ? 61  ASN A C   1 
ATOM   308  C C   B ASN A 1 39  ? -1.412  -2.260  11.238  0.50 8.90  ? 61  ASN A C   1 
ATOM   309  O O   A ASN A 1 39  ? -2.097  -1.265  11.629  0.50 9.03  ? 61  ASN A O   1 
ATOM   310  O O   B ASN A 1 39  ? -2.358  -1.723  11.824  0.50 8.43  ? 61  ASN A O   1 
ATOM   311  C CB  A ASN A 1 39  ? 0.132   -1.624  13.169  0.50 10.19 ? 61  ASN A CB  1 
ATOM   312  C CB  B ASN A 1 39  ? 0.093   -1.507  13.112  0.50 10.42 ? 61  ASN A CB  1 
ATOM   313  C CG  A ASN A 1 39  ? 0.989   -2.298  14.224  0.50 11.18 ? 61  ASN A CG  1 
ATOM   314  C CG  B ASN A 1 39  ? -0.884  -1.795  14.235  0.50 11.97 ? 61  ASN A CG  1 
ATOM   315  O OD1 A ASN A 1 39  ? 0.948   -3.516  14.384  0.50 12.44 ? 61  ASN A OD1 1 
ATOM   316  O OD1 B ASN A 1 39  ? -1.189  -2.950  14.519  0.50 15.24 ? 61  ASN A OD1 1 
ATOM   317  N ND2 A ASN A 1 39  ? 1.759   -1.505  14.957  0.50 13.63 ? 61  ASN A ND2 1 
ATOM   318  N ND2 B ASN A 1 39  ? -1.380  -0.745  14.877  0.50 14.27 ? 61  ASN A ND2 1 
ATOM   319  N N   . SER A 1 40  ? -1.478  -2.708  9.989   1.00 8.15  ? 62  SER A N   1 
ATOM   320  C CA  . SER A 1 40  ? -2.574  -2.404  9.082   1.00 7.56  ? 62  SER A CA  1 
ATOM   321  C C   . SER A 1 40  ? -3.095  -3.699  8.481   1.00 7.70  ? 62  SER A C   1 
ATOM   322  O O   . SER A 1 40  ? -2.519  -4.765  8.677   1.00 8.26  ? 62  SER A O   1 
ATOM   323  C CB  . SER A 1 40  ? -2.068  -1.469  7.985   1.00 7.69  ? 62  SER A CB  1 
ATOM   324  O OG  . SER A 1 40  ? -1.707  -0.197  8.500   1.00 7.79  ? 62  SER A OG  1 
ATOM   325  N N   . THR A 1 41  ? -4.198  -3.602  7.760   1.00 7.48  ? 63  THR A N   1 
ATOM   326  C CA  . THR A 1 41  ? -4.815  -4.752  7.109   1.00 7.95  ? 63  THR A CA  1 
ATOM   327  C C   . THR A 1 41  ? -5.067  -4.393  5.645   1.00 7.08  ? 63  THR A C   1 
ATOM   328  O O   . THR A 1 41  ? -5.059  -3.206  5.275   1.00 8.06  ? 63  THR A O   1 
ATOM   329  C CB  . THR A 1 41  ? -6.167  -5.104  7.773   1.00 8.36  ? 63  THR A CB  1 
ATOM   330  O OG1 . THR A 1 41  ? -6.977  -3.933  7.863   1.00 10.04 ? 63  THR A OG1 1 
ATOM   331  C CG2 . THR A 1 41  ? -5.954  -5.678  9.177   1.00 10.90 ? 63  THR A CG2 1 
ATOM   332  N N   . LEU A 1 42  ? -5.311  -5.387  4.803   1.00 6.88  ? 64  LEU A N   1 
ATOM   333  C CA  . LEU A 1 42  ? -5.784  -5.078  3.456   1.00 7.04  ? 64  LEU A CA  1 
ATOM   334  C C   . LEU A 1 42  ? -7.158  -4.416  3.558   1.00 6.52  ? 64  LEU A C   1 
ATOM   335  O O   . LEU A 1 42  ? -8.033  -4.934  4.260   1.00 6.94  ? 64  LEU A O   1 
ATOM   336  C CB  . LEU A 1 42  ? -5.917  -6.347  2.633   1.00 7.36  ? 64  LEU A CB  1 
ATOM   337  C CG  . LEU A 1 42  ? -4.606  -6.968  2.185   1.00 8.61  ? 64  LEU A CG  1 
ATOM   338  C CD1 . LEU A 1 42  ? -4.881  -8.304  1.542   1.00 13.12 ? 64  LEU A CD1 1 
ATOM   339  C CD2 . LEU A 1 42  ? -3.878  -6.043  1.229   1.00 11.17 ? 64  LEU A CD2 1 
ATOM   340  N N   . PRO A 1 43  ? -7.392  -3.297  2.853   1.00 6.54  ? 65  PRO A N   1 
ATOM   341  C CA  . PRO A 1 43  ? -8.669  -2.608  3.021   1.00 6.12  ? 65  PRO A CA  1 
ATOM   342  C C   . PRO A 1 43  ? -9.814  -3.430  2.445   1.00 5.92  ? 65  PRO A C   1 
ATOM   343  O O   . PRO A 1 43  ? -9.642  -4.174  1.475   1.00 6.58  ? 65  PRO A O   1 
ATOM   344  C CB  . PRO A 1 43  ? -8.492  -1.323  2.200   1.00 6.35  ? 65  PRO A CB  1 
ATOM   345  C CG  . PRO A 1 43  ? -7.022  -1.152  2.035   1.00 7.01  ? 65  PRO A CG  1 
ATOM   346  C CD  . PRO A 1 43  ? -6.460  -2.541  2.000   1.00 6.30  ? 65  PRO A CD  1 
ATOM   347  N N   . THR A 1 44  ? -10.992 -3.279  3.034   1.00 6.00  ? 66  THR A N   1 
ATOM   348  C CA  . THR A 1 44  ? -12.190 -3.756  2.360   1.00 6.44  ? 66  THR A CA  1 
ATOM   349  C C   . THR A 1 44  ? -12.571 -2.781  1.243   1.00 6.06  ? 66  THR A C   1 
ATOM   350  O O   . THR A 1 44  ? -12.107 -1.631  1.196   1.00 6.11  ? 66  THR A O   1 
ATOM   351  C CB  . THR A 1 44  ? -13.374 -3.865  3.314   1.00 6.52  ? 66  THR A CB  1 
ATOM   352  O OG1 . THR A 1 44  ? -13.713 -2.551  3.772   1.00 7.00  ? 66  THR A OG1 1 
ATOM   353  C CG2 . THR A 1 44  ? -13.043 -4.786  4.495   1.00 7.95  ? 66  THR A CG2 1 
ATOM   354  N N   . MET A 1 45  ? -13.444 -3.233  0.352   1.00 6.27  ? 67  MET A N   1 
ATOM   355  C CA  . MET A 1 45  ? -13.976 -2.357  -0.662  1.00 6.62  ? 67  MET A CA  1 
ATOM   356  C C   . MET A 1 45  ? -14.646 -1.114  -0.065  1.00 6.59  ? 67  MET A C   1 
ATOM   357  O O   . MET A 1 45  ? -14.432 -0.015  -0.563  1.00 6.53  ? 67  MET A O   1 
ATOM   358  C CB  . MET A 1 45  ? -14.925 -3.118  -1.598  1.00 7.46  ? 67  MET A CB  1 
ATOM   359  C CG  . MET A 1 45  ? -15.496 -2.250  -2.726  1.00 9.58  ? 67  MET A CG  1 
ATOM   360  S SD  . MET A 1 45  ? -14.266 -1.520  -3.816  1.00 12.54 ? 67  MET A SD  1 
ATOM   361  C CE  . MET A 1 45  ? -13.935 -2.885  -4.901  1.00 15.24 ? 67  MET A CE  1 
ATOM   362  N N   A ASP A 1 46  ? -15.439 -1.286  0.993   0.50 6.28  ? 68  ASP A N   1 
ATOM   363  N N   B ASP A 1 46  ? -15.436 -1.287  0.991   0.50 6.09  ? 68  ASP A N   1 
ATOM   364  C CA  A ASP A 1 46  ? -16.083 -0.148  1.650   0.50 6.84  ? 68  ASP A CA  1 
ATOM   365  C CA  B ASP A 1 46  ? -16.081 -0.151  1.638   0.50 6.48  ? 68  ASP A CA  1 
ATOM   366  C C   A ASP A 1 46  ? -15.059 0.850   2.193   0.50 5.97  ? 68  ASP A C   1 
ATOM   367  C C   B ASP A 1 46  ? -15.078 0.847   2.226   0.50 5.82  ? 68  ASP A C   1 
ATOM   368  O O   A ASP A 1 46  ? -15.231 2.057   2.037   0.50 6.44  ? 68  ASP A O   1 
ATOM   369  O O   B ASP A 1 46  ? -15.287 2.055   2.135   0.50 6.45  ? 68  ASP A O   1 
ATOM   370  C CB  A ASP A 1 46  ? -17.034 -0.612  2.762   0.50 7.91  ? 68  ASP A CB  1 
ATOM   371  C CB  B ASP A 1 46  ? -17.088 -0.625  2.691   0.50 7.28  ? 68  ASP A CB  1 
ATOM   372  C CG  A ASP A 1 46  ? -17.971 0.494   3.230   0.50 10.18 ? 68  ASP A CG  1 
ATOM   373  C CG  B ASP A 1 46  ? -18.389 -1.117  2.077   0.50 8.61  ? 68  ASP A CG  1 
ATOM   374  O OD1 A ASP A 1 46  ? -18.805 0.958   2.423   0.50 14.14 ? 68  ASP A OD1 1 
ATOM   375  O OD1 B ASP A 1 46  ? -18.625 -0.855  0.879   0.50 10.17 ? 68  ASP A OD1 1 
ATOM   376  O OD2 A ASP A 1 46  ? -17.876 0.894   4.405   0.50 12.42 ? 68  ASP A OD2 1 
ATOM   377  O OD2 B ASP A 1 46  ? -19.176 -1.758  2.805   0.50 10.45 ? 68  ASP A OD2 1 
ATOM   378  N N   . GLN A 1 47  ? -13.997 0.338   2.815   1.00 5.54  ? 69  GLN A N   1 
ATOM   379  C CA  . GLN A 1 47  ? -12.937 1.212   3.338   1.00 5.13  ? 69  GLN A CA  1 
ATOM   380  C C   . GLN A 1 47  ? -12.282 1.995   2.204   1.00 4.99  ? 69  GLN A C   1 
ATOM   381  O O   . GLN A 1 47  ? -12.029 3.192   2.343   1.00 4.76  ? 69  GLN A O   1 
ATOM   382  C CB  . GLN A 1 47  ? -11.910 0.401   4.117   1.00 5.17  ? 69  GLN A CB  1 
ATOM   383  C CG  . GLN A 1 47  ? -12.456 -0.069  5.453   1.00 5.88  ? 69  GLN A CG  1 
ATOM   384  C CD  . GLN A 1 47  ? -11.602 -1.118  6.119   1.00 6.68  ? 69  GLN A CD  1 
ATOM   385  O OE1 . GLN A 1 47  ? -10.777 -1.778  5.496   1.00 7.78  ? 69  GLN A OE1 1 
ATOM   386  N NE2 . GLN A 1 47  ? -11.796 -1.279  7.416   1.00 9.17  ? 69  GLN A NE2 1 
ATOM   387  N N   . MET A 1 48  ? -12.031 1.324   1.083   1.00 4.82  ? 70  MET A N   1 
ATOM   388  C CA  . MET A 1 48  ? -11.429 1.981   -0.068  1.00 5.21  ? 70  MET A CA  1 
ATOM   389  C C   . MET A 1 48  ? -12.363 3.034   -0.668  1.00 5.49  ? 70  MET A C   1 
ATOM   390  O O   . MET A 1 48  ? -11.935 4.113   -1.054  1.00 5.78  ? 70  MET A O   1 
ATOM   391  C CB  . MET A 1 48  ? -11.076 0.944   -1.126  1.00 5.74  ? 70  MET A CB  1 
ATOM   392  C CG  . MET A 1 48  ? -10.487 1.527   -2.384  1.00 6.34  ? 70  MET A CG  1 
ATOM   393  S SD  . MET A 1 48  ? -8.954  2.449   -2.179  1.00 7.48  ? 70  MET A SD  1 
ATOM   394  C CE  . MET A 1 48  ? -7.800  1.106   -2.104  1.00 8.88  ? 70  MET A CE  1 
ATOM   395  N N   . LYS A 1 49  ? -13.656 2.735   -0.731  1.00 5.44  ? 71  LYS A N   1 
ATOM   396  C CA  . LYS A 1 49  ? -14.603 3.709   -1.251  1.00 6.02  ? 71  LYS A CA  1 
ATOM   397  C C   . LYS A 1 49  ? -14.649 4.960   -0.386  1.00 5.75  ? 71  LYS A C   1 
ATOM   398  O O   . LYS A 1 49  ? -14.734 6.065   -0.912  1.00 6.19  ? 71  LYS A O   1 
ATOM   399  C CB  . LYS A 1 49  ? -15.990 3.093   -1.379  1.00 6.49  ? 71  LYS A CB  1 
ATOM   400  C CG  . LYS A 1 49  ? -16.116 2.163   -2.587  1.00 8.66  ? 71  LYS A CG  1 
ATOM   401  C CD  . LYS A 1 49  ? -17.459 1.455   -2.663  1.00 11.65 ? 71  LYS A CD  1 
ATOM   402  C CE  . LYS A 1 49  ? -17.594 0.660   -3.963  1.00 14.14 ? 71  LYS A CE  1 
ATOM   403  N NZ  . LYS A 1 49  ? -18.837 -0.171  -3.994  1.00 17.55 ? 71  LYS A NZ  1 
ATOM   404  N N   . LEU A 1 50  ? -14.598 4.797   0.935   1.00 5.65  ? 72  LEU A N   1 
ATOM   405  C CA  . LEU A 1 50  ? -14.553 5.970   1.792   1.00 6.01  ? 72  LEU A CA  1 
ATOM   406  C C   . LEU A 1 50  ? -13.262 6.780   1.570   1.00 5.52  ? 72  LEU A C   1 
ATOM   407  O O   . LEU A 1 50  ? -13.297 8.010   1.481   1.00 5.99  ? 72  LEU A O   1 
ATOM   408  C CB  . LEU A 1 50  ? -14.760 5.605   3.269   1.00 6.78  ? 72  LEU A CB  1 
ATOM   409  C CG  . LEU A 1 50  ? -15.008 6.858   4.135   1.00 8.05  ? 72  LEU A CG  1 
ATOM   410  C CD1 . LEU A 1 50  ? -16.328 7.586   3.823   1.00 10.57 ? 72  LEU A CD1 1 
ATOM   411  C CD2 . LEU A 1 50  ? -14.890 6.543   5.621   1.00 10.40 ? 72  LEU A CD2 1 
ATOM   412  N N   . ALA A 1 51  ? -12.127 6.083   1.465   1.00 4.96  ? 73  ALA A N   1 
ATOM   413  C CA  . ALA A 1 51  ? -10.855 6.749   1.186   1.00 4.66  ? 73  ALA A CA  1 
ATOM   414  C C   . ALA A 1 51  ? -10.942 7.558   -0.106  1.00 5.36  ? 73  ALA A C   1 
ATOM   415  O O   . ALA A 1 51  ? -10.517 8.723   -0.153  1.00 5.57  ? 73  ALA A O   1 
ATOM   416  C CB  . ALA A 1 51  ? -9.745  5.739   1.097   1.00 5.67  ? 73  ALA A CB  1 
ATOM   417  N N   . LEU A 1 52  ? -11.454 6.940   -1.168  1.00 5.63  ? 74  LEU A N   1 
ATOM   418  C CA  . LEU A 1 52  ? -11.681 7.636   -2.422  1.00 7.06  ? 74  LEU A CA  1 
ATOM   419  C C   . LEU A 1 52  ? -12.478 8.929   -2.218  1.00 7.02  ? 74  LEU A C   1 
ATOM   420  O O   . LEU A 1 52  ? -12.124 9.992   -2.750  1.00 7.43  ? 74  LEU A O   1 
ATOM   421  C CB  . LEU A 1 52  ? -12.366 6.684   -3.401  1.00 7.24  ? 74  LEU A CB  1 
ATOM   422  C CG  . LEU A 1 52  ? -12.865 7.283   -4.717  1.00 10.40 ? 74  LEU A CG  1 
ATOM   423  C CD1 . LEU A 1 52  ? -11.714 7.439   -5.642  1.00 14.36 ? 74  LEU A CD1 1 
ATOM   424  C CD2 . LEU A 1 52  ? -13.921 6.384   -5.346  1.00 13.01 ? 74  LEU A CD2 1 
ATOM   425  N N   . SER A 1 53  ? -13.539 8.843   -1.419  1.00 7.01  ? 75  SER A N   1 
ATOM   426  C CA  . SER A 1 53  ? -14.402 10.005  -1.180  1.00 8.45  ? 75  SER A CA  1 
ATOM   427  C C   . SER A 1 53  ? -13.690 11.152  -0.462  1.00 8.83  ? 75  SER A C   1 
ATOM   428  O O   . SER A 1 53  ? -14.138 12.300  -0.562  1.00 10.00 ? 75  SER A O   1 
ATOM   429  C CB  . SER A 1 53  ? -15.678 9.580   -0.449  1.00 9.27  ? 75  SER A CB  1 
ATOM   430  O OG  . SER A 1 53  ? -15.472 9.438   0.933   1.00 10.54 ? 75  SER A OG  1 
ATOM   431  N N   . LYS A 1 54  ? -12.602 10.848  0.248   1.00 7.56  ? 76  LYS A N   1 
ATOM   432  C CA  . LYS A 1 54  ? -11.799 11.845  0.950   1.00 8.24  ? 76  LYS A CA  1 
ATOM   433  C C   . LYS A 1 54  ? -10.654 12.382  0.106   1.00 8.17  ? 76  LYS A C   1 
ATOM   434  O O   . LYS A 1 54  ? -9.913  13.246  0.561   1.00 9.50  ? 76  LYS A O   1 
ATOM   435  C CB  . LYS A 1 54  ? -11.208 11.269  2.250   1.00 9.34  ? 76  LYS A CB  1 
ATOM   436  C CG  . LYS A 1 54  ? -12.219 10.674  3.232   1.00 11.12 ? 76  LYS A CG  1 
ATOM   437  C CD  . LYS A 1 54  ? -13.287 11.664  3.650   1.00 13.52 ? 76  LYS A CD  1 
ATOM   438  C CE  . LYS A 1 54  ? -14.212 11.040  4.700   1.00 16.09 ? 76  LYS A CE  1 
ATOM   439  N NZ  . LYS A 1 54  ? -15.205 12.027  5.189   1.00 17.98 ? 76  LYS A NZ  1 
ATOM   440  N N   . GLY A 1 55  ? -10.499 11.885  -1.113  1.00 7.91  ? 77  GLY A N   1 
ATOM   441  C CA  . GLY A 1 55  ? -9.479  12.432  -2.004  1.00 8.06  ? 77  GLY A CA  1 
ATOM   442  C C   . GLY A 1 55  ? -8.395  11.472  -2.462  1.00 7.49  ? 77  GLY A C   1 
ATOM   443  O O   . GLY A 1 55  ? -7.452  11.891  -3.128  1.00 8.21  ? 77  GLY A O   1 
ATOM   444  N N   . PHE A 1 56  ? -8.524  10.182  -2.150  1.00 6.47  ? 78  PHE A N   1 
ATOM   445  C CA  . PHE A 1 56  ? -7.523  9.184   -2.544  1.00 5.93  ? 78  PHE A CA  1 
ATOM   446  C C   . PHE A 1 56  ? -7.638  8.760   -3.995  1.00 5.75  ? 78  PHE A C   1 
ATOM   447  O O   . PHE A 1 56  ? -8.674  8.230   -4.402  1.00 6.58  ? 78  PHE A O   1 
ATOM   448  C CB  . PHE A 1 56  ? -7.671  7.946   -1.664  1.00 6.29  ? 78  PHE A CB  1 
ATOM   449  C CG  . PHE A 1 56  ? -6.528  6.953   -1.744  1.00 5.46  ? 78  PHE A CG  1 
ATOM   450  C CD1 . PHE A 1 56  ? -5.192  7.357   -1.821  1.00 7.79  ? 78  PHE A CD1 1 
ATOM   451  C CD2 . PHE A 1 56  ? -6.806  5.598   -1.683  1.00 6.70  ? 78  PHE A CD2 1 
ATOM   452  C CE1 . PHE A 1 56  ? -4.150  6.406   -1.833  1.00 7.53  ? 78  PHE A CE1 1 
ATOM   453  C CE2 . PHE A 1 56  ? -5.779  4.657   -1.710  1.00 6.04  ? 78  PHE A CE2 1 
ATOM   454  C CZ  . PHE A 1 56  ? -4.450  5.058   -1.774  1.00 6.49  ? 78  PHE A CZ  1 
ATOM   455  N N   . GLU A 1 57  ? -6.548  8.900   -4.747  1.00 5.66  ? 79  GLU A N   1 
ATOM   456  C CA  . GLU A 1 57  ? -6.442  8.250   -6.050  1.00 5.94  ? 79  GLU A CA  1 
ATOM   457  C C   . GLU A 1 57  ? -4.992  7.899   -6.331  1.00 5.29  ? 79  GLU A C   1 
ATOM   458  O O   . GLU A 1 57  ? -4.076  8.580   -5.851  1.00 5.82  ? 79  GLU A O   1 
ATOM   459  C CB  . GLU A 1 57  ? -7.046  9.095   -7.178  1.00 6.30  ? 79  GLU A CB  1 
ATOM   460  C CG  . GLU A 1 57  ? -6.310  10.403  -7.476  1.00 8.56  ? 79  GLU A CG  1 
ATOM   461  C CD  . GLU A 1 57  ? -6.855  11.140  -8.703  1.00 9.65  ? 79  GLU A CD  1 
ATOM   462  O OE1 . GLU A 1 57  ? -7.722  10.611  -9.445  1.00 9.42  ? 79  GLU A OE1 1 
ATOM   463  O OE2 . GLU A 1 57  ? -6.381  12.265  -8.949  1.00 8.94  ? 79  GLU A OE2 1 
ATOM   464  N N   . THR A 1 58  ? -4.791  6.836   -7.103  1.00 5.25  ? 80  THR A N   1 
ATOM   465  C CA  . THR A 1 58  ? -3.446  6.460   -7.545  1.00 5.50  ? 80  THR A CA  1 
ATOM   466  C C   . THR A 1 58  ? -3.543  6.107   -9.025  1.00 5.78  ? 80  THR A C   1 
ATOM   467  O O   . THR A 1 58  ? -4.633  6.078   -9.613  1.00 6.09  ? 80  THR A O   1 
ATOM   468  C CB  . THR A 1 58  ? -2.873  5.227   -6.814  1.00 5.60  ? 80  THR A CB  1 
ATOM   469  O OG1 . THR A 1 58  ? -3.525  4.059   -7.320  1.00 6.63  ? 80  THR A OG1 1 
ATOM   470  C CG2 . THR A 1 58  ? -3.031  5.307   -5.309  1.00 6.71  ? 80  THR A CG2 1 
ATOM   471  N N   . CYS A 1 59  ? -2.406  5.772   -9.613  1.00 5.80  ? 81  CYS A N   1 
ATOM   472  C CA  . CYS A 1 59  ? -2.388  5.261   -10.978 1.00 6.61  ? 81  CYS A CA  1 
ATOM   473  C C   . CYS A 1 59  ? -1.725  3.892   -11.016 1.00 6.68  ? 81  CYS A C   1 
ATOM   474  O O   . CYS A 1 59  ? -1.000  3.567   -11.950 1.00 7.94  ? 81  CYS A O   1 
ATOM   475  C CB  . CYS A 1 59  ? -1.661  6.240   -11.898 1.00 7.93  ? 81  CYS A CB  1 
ATOM   476  S SG  . CYS A 1 59  ? -1.822  5.913   -13.675 1.00 12.22 ? 81  CYS A SG  1 
ATOM   477  N N   . ARG A 1 60  ? -1.960  3.097   -9.975  1.00 6.37  ? 82  ARG A N   1 
ATOM   478  C CA  . ARG A 1 60  ? -1.296  1.804   -9.828  1.00 6.55  ? 82  ARG A CA  1 
ATOM   479  C C   . ARG A 1 60  ? -2.244  0.752   -9.311  1.00 5.95  ? 82  ARG A C   1 
ATOM   480  O O   . ARG A 1 60  ? -3.000  1.011   -8.362  1.00 6.93  ? 82  ARG A O   1 
ATOM   481  C CB  . ARG A 1 60  ? -0.161  1.915   -8.805  1.00 7.47  ? 82  ARG A CB  1 
ATOM   482  C CG  . ARG A 1 60  ? 0.954   2.864   -9.148  1.00 8.84  ? 82  ARG A CG  1 
ATOM   483  C CD  . ARG A 1 60  ? 1.907   2.229   -10.151 1.00 9.45  ? 82  ARG A CD  1 
ATOM   484  N NE  . ARG A 1 60  ? 2.698   1.154   -9.524  1.00 9.65  ? 82  ARG A NE  1 
ATOM   485  C CZ  . ARG A 1 60  ? 3.676   0.485   -10.132 1.00 9.85  ? 82  ARG A CZ  1 
ATOM   486  N NH1 . ARG A 1 60  ? 4.012   0.784   -11.382 1.00 11.36 ? 82  ARG A NH1 1 
ATOM   487  N NH2 . ARG A 1 60  ? 4.334   -0.472  -9.485  1.00 9.85  ? 82  ARG A NH2 1 
ATOM   488  N N   . TYR A 1 61  ? -2.184  -0.440  -9.903  1.00 5.29  ? 83  TYR A N   1 
ATOM   489  C CA  . TYR A 1 61  ? -2.931  -1.585  -9.388  1.00 5.42  ? 83  TYR A CA  1 
ATOM   490  C C   . TYR A 1 61  ? -2.394  -2.036  -8.047  1.00 5.23  ? 83  TYR A C   1 
ATOM   491  O O   . TYR A 1 61  ? -1.170  -2.193  -7.876  1.00 6.45  ? 83  TYR A O   1 
ATOM   492  C CB  . TYR A 1 61  ? -2.786  -2.769  -10.332 1.00 6.56  ? 83  TYR A CB  1 
ATOM   493  C CG  . TYR A 1 61  ? -3.474  -2.601  -11.637 1.00 8.20  ? 83  TYR A CG  1 
ATOM   494  C CD1 . TYR A 1 61  ? -4.865  -2.560  -11.699 1.00 9.87  ? 83  TYR A CD1 1 
ATOM   495  C CD2 . TYR A 1 61  ? -2.743  -2.498  -12.825 1.00 10.70 ? 83  TYR A CD2 1 
ATOM   496  C CE1 . TYR A 1 61  ? -5.530  -2.411  -12.913 1.00 13.22 ? 83  TYR A CE1 1 
ATOM   497  C CE2 . TYR A 1 61  ? -3.404  -2.348  -14.056 1.00 15.40 ? 83  TYR A CE2 1 
ATOM   498  C CZ  . TYR A 1 61  ? -4.795  -2.301  -14.076 1.00 14.71 ? 83  TYR A CZ  1 
ATOM   499  O OH  . TYR A 1 61  ? -5.488  -2.151  -15.260 1.00 19.63 ? 83  TYR A OH  1 
ATOM   500  N N   . GLY A 1 62  ? -3.293  -2.295  -7.102  1.00 5.12  ? 84  GLY A N   1 
ATOM   501  C CA  . GLY A 1 62  ? -2.873  -2.894  -5.850  1.00 4.31  ? 84  GLY A CA  1 
ATOM   502  C C   . GLY A 1 62  ? -3.955  -3.724  -5.195  1.00 4.42  ? 84  GLY A C   1 
ATOM   503  O O   . GLY A 1 62  ? -5.158  -3.500  -5.413  1.00 4.72  ? 84  GLY A O   1 
ATOM   504  N N   . PHE A 1 63  ? -3.525  -4.650  -4.350  1.00 4.15  ? 85  PHE A N   1 
ATOM   505  C CA  . PHE A 1 63  ? -4.451  -5.519  -3.653  1.00 4.47  ? 85  PHE A CA  1 
ATOM   506  C C   . PHE A 1 63  ? -5.255  -4.742  -2.620  1.00 5.05  ? 85  PHE A C   1 
ATOM   507  O O   . PHE A 1 63  ? -4.732  -3.888  -1.876  1.00 5.30  ? 85  PHE A O   1 
ATOM   508  C CB  . PHE A 1 63  ? -3.711  -6.602  -2.872  1.00 5.30  ? 85  PHE A CB  1 
ATOM   509  C CG  . PHE A 1 63  ? -2.924  -7.519  -3.718  1.00 6.33  ? 85  PHE A CG  1 
ATOM   510  C CD1 . PHE A 1 63  ? -3.510  -8.527  -4.446  1.00 8.42  ? 85  PHE A CD1 1 
ATOM   511  C CD2 . PHE A 1 63  ? -1.550  -7.359  -3.770  1.00 8.66  ? 85  PHE A CD2 1 
ATOM   512  C CE1 . PHE A 1 63  ? -2.689  -9.362  -5.231  1.00 10.49 ? 85  PHE A CE1 1 
ATOM   513  C CE2 . PHE A 1 63  ? -0.756  -8.161  -4.524  1.00 11.89 ? 85  PHE A CE2 1 
ATOM   514  C CZ  . PHE A 1 63  ? -1.307  -9.150  -5.252  1.00 9.54  ? 85  PHE A CZ  1 
ATOM   515  N N   . ILE A 1 64  ? -6.538  -5.075  -2.549  1.00 5.44  ? 86  ILE A N   1 
ATOM   516  C CA  . ILE A 1 64  ? -7.345  -4.891  -1.359  1.00 5.66  ? 86  ILE A CA  1 
ATOM   517  C C   . ILE A 1 64  ? -7.835  -6.286  -0.967  1.00 6.08  ? 86  ILE A C   1 
ATOM   518  O O   . ILE A 1 64  ? -7.415  -7.279  -1.564  1.00 7.29  ? 86  ILE A O   1 
ATOM   519  C CB  . ILE A 1 64  ? -8.509  -3.908  -1.583  1.00 5.70  ? 86  ILE A CB  1 
ATOM   520  C CG1 . ILE A 1 64  ? -9.502  -4.430  -2.640  1.00 6.41  ? 86  ILE A CG1 1 
ATOM   521  C CG2 . ILE A 1 64  ? -7.976  -2.514  -1.923  1.00 6.56  ? 86  ILE A CG2 1 
ATOM   522  C CD1 . ILE A 1 64  ? -10.825 -3.643  -2.699  1.00 8.19  ? 86  ILE A CD1 1 
ATOM   523  N N   . GLU A 1 65  ? -8.676  -6.392  0.057   1.00 6.40  ? 87  GLU A N   1 
ATOM   524  C CA  . GLU A 1 65  ? -9.286  -7.676  0.401   1.00 8.93  ? 87  GLU A CA  1 
ATOM   525  C C   . GLU A 1 65  ? -10.199 -8.109  -0.748  1.00 9.89  ? 87  GLU A C   1 
ATOM   526  O O   . GLU A 1 65  ? -11.191 -7.436  -1.047  1.00 11.84 ? 87  GLU A O   1 
ATOM   527  C CB  . GLU A 1 65  ? -10.071 -7.577  1.703   1.00 9.35  ? 87  GLU A CB  1 
ATOM   528  C CG  . GLU A 1 65  ? -10.435 -8.942  2.303   1.00 13.45 ? 87  GLU A CG  1 
ATOM   529  C CD  . GLU A 1 65  ? -9.211  -9.779  2.689   1.00 17.90 ? 87  GLU A CD  1 
ATOM   530  O OE1 . GLU A 1 65  ? -8.340  -9.277  3.434   1.00 20.36 ? 87  GLU A OE1 1 
ATOM   531  O OE2 . GLU A 1 65  ? -9.118  -10.942 2.250   1.00 22.66 ? 87  GLU A OE2 1 
ATOM   532  N N   . GLY A 1 66  ? -9.815  -9.177  -1.433  1.00 9.22  ? 88  GLY A N   1 
ATOM   533  C CA  . GLY A 1 66  ? -10.660 -9.739  -2.468  1.00 8.35  ? 88  GLY A CA  1 
ATOM   534  C C   . GLY A 1 66  ? -10.409 -9.341  -3.913  1.00 7.65  ? 88  GLY A C   1 
ATOM   535  O O   . GLY A 1 66  ? -10.758 -10.091 -4.804  1.00 8.46  ? 88  GLY A O   1 
ATOM   536  N N   . ASN A 1 67  ? -9.826  -8.172  -4.165  1.00 6.45  ? 89  ASN A N   1 
ATOM   537  C CA  . ASN A 1 67  ? -9.671  -7.682  -5.530  1.00 5.77  ? 89  ASN A CA  1 
ATOM   538  C C   . ASN A 1 67  ? -8.376  -6.927  -5.682  1.00 5.37  ? 89  ASN A C   1 
ATOM   539  O O   . ASN A 1 67  ? -7.686  -6.662  -4.694  1.00 5.91  ? 89  ASN A O   1 
ATOM   540  C CB  . ASN A 1 67  ? -10.850 -6.779  -5.931  1.00 6.11  ? 89  ASN A CB  1 
ATOM   541  C CG  . ASN A 1 67  ? -12.136 -7.562  -6.172  1.00 5.93  ? 89  ASN A CG  1 
ATOM   542  O OD1 . ASN A 1 67  ? -13.016 -7.617  -5.316  1.00 6.25  ? 89  ASN A OD1 1 
ATOM   543  N ND2 . ASN A 1 67  ? -12.234 -8.179  -7.323  1.00 6.36  ? 89  ASN A ND2 1 
ATOM   544  N N   . VAL A 1 68  ? -8.069  -6.590  -6.925  1.00 4.89  ? 90  VAL A N   1 
ATOM   545  C CA  . VAL A 1 68  ? -6.959  -5.716  -7.269  1.00 5.20  ? 90  VAL A CA  1 
ATOM   546  C C   . VAL A 1 68  ? -7.610  -4.494  -7.912  1.00 5.07  ? 90  VAL A C   1 
ATOM   547  O O   . VAL A 1 68  ? -8.443  -4.646  -8.829  1.00 5.90  ? 90  VAL A O   1 
ATOM   548  C CB  . VAL A 1 68  ? -6.003  -6.432  -8.262  1.00 5.08  ? 90  VAL A CB  1 
ATOM   549  C CG1 . VAL A 1 68  ? -4.927  -5.485  -8.783  1.00 6.75  ? 90  VAL A CG1 1 
ATOM   550  C CG2 . VAL A 1 68  ? -5.372  -7.646  -7.590  1.00 7.43  ? 90  VAL A CG2 1 
ATOM   551  N N   . VAL A 1 69  ? -7.257  -3.297  -7.425  1.00 4.69  ? 91  VAL A N   1 
ATOM   552  C CA  . VAL A 1 69  ? -7.996  -2.103  -7.794  1.00 4.88  ? 91  VAL A CA  1 
ATOM   553  C C   . VAL A 1 69  ? -7.085  -0.902  -8.026  1.00 4.58  ? 91  VAL A C   1 
ATOM   554  O O   . VAL A 1 69  ? -5.899  -0.899  -7.652  1.00 5.03  ? 91  VAL A O   1 
ATOM   555  C CB  . VAL A 1 69  ? -9.043  -1.727  -6.699  1.00 5.26  ? 91  VAL A CB  1 
ATOM   556  C CG1 . VAL A 1 69  ? -9.990  -2.895  -6.386  1.00 6.26  ? 91  VAL A CG1 1 
ATOM   557  C CG2 . VAL A 1 69  ? -8.374  -1.195  -5.431  1.00 5.96  ? 91  VAL A CG2 1 
ATOM   558  N N   . ILE A 1 70  ? -7.669  0.125   -8.638  1.00 4.87  ? 92  ILE A N   1 
ATOM   559  C CA  . ILE A 1 70  ? -7.088  1.463   -8.713  1.00 5.34  ? 92  ILE A CA  1 
ATOM   560  C C   . ILE A 1 70  ? -8.174  2.475   -8.340  1.00 5.52  ? 92  ILE A C   1 
ATOM   561  O O   . ILE A 1 70  ? -9.172  2.587   -9.052  1.00 5.81  ? 92  ILE A O   1 
ATOM   562  C CB  . ILE A 1 70  ? -6.561  1.826   -10.125 1.00 6.03  ? 92  ILE A CB  1 
ATOM   563  C CG1 . ILE A 1 70  ? -5.604  0.750   -10.656 1.00 7.27  ? 92  ILE A CG1 1 
ATOM   564  C CG2 . ILE A 1 70  ? -5.884  3.194   -10.080 1.00 6.94  ? 92  ILE A CG2 1 
ATOM   565  C CD1 . ILE A 1 70  ? -5.003  1.045   -12.028 1.00 9.89  ? 92  ILE A CD1 1 
ATOM   566  N N   . PRO A 1 71  ? -7.989  3.241   -7.248  1.00 5.50  ? 93  PRO A N   1 
ATOM   567  C CA  . PRO A 1 71  ? -8.960  4.302   -6.958  1.00 5.60  ? 93  PRO A CA  1 
ATOM   568  C C   . PRO A 1 71  ? -8.684  5.495   -7.864  1.00 5.35  ? 93  PRO A C   1 
ATOM   569  O O   . PRO A 1 71  ? -7.546  5.956   -7.970  1.00 5.42  ? 93  PRO A O   1 
ATOM   570  C CB  . PRO A 1 71  ? -8.670  4.658   -5.491  1.00 5.93  ? 93  PRO A CB  1 
ATOM   571  C CG  . PRO A 1 71  ? -7.219  4.326   -5.312  1.00 6.09  ? 93  PRO A CG  1 
ATOM   572  C CD  . PRO A 1 71  ? -6.893  3.196   -6.256  1.00 6.20  ? 93  PRO A CD  1 
ATOM   573  N N   . ARG A 1 72  ? -9.734  6.010   -8.496  1.00 5.82  ? 94  ARG A N   1 
ATOM   574  C CA  . ARG A 1 72  ? -9.621  7.108   -9.454  1.00 6.90  ? 94  ARG A CA  1 
ATOM   575  C C   . ARG A 1 72  ? -10.652 8.180   -9.160  1.00 7.18  ? 94  ARG A C   1 
ATOM   576  O O   . ARG A 1 72  ? -11.845 7.898   -9.069  1.00 7.51  ? 94  ARG A O   1 
ATOM   577  C CB  . ARG A 1 72  ? -9.833  6.625   -10.895 1.00 7.63  ? 94  ARG A CB  1 
ATOM   578  C CG  . ARG A 1 72  ? -8.740  5.723   -11.448 1.00 7.87  ? 94  ARG A CG  1 
ATOM   579  C CD  . ARG A 1 72  ? -7.352  6.358   -11.404 1.00 7.68  ? 94  ARG A CD  1 
ATOM   580  N NE  . ARG A 1 72  ? -7.309  7.643   -12.105 1.00 8.78  ? 94  ARG A NE  1 
ATOM   581  C CZ  . ARG A 1 72  ? -6.352  8.544   -11.931 1.00 9.47  ? 94  ARG A CZ  1 
ATOM   582  N NH1 . ARG A 1 72  ? -5.355  8.305   -11.082 1.00 11.29 ? 94  ARG A NH1 1 
ATOM   583  N NH2 . ARG A 1 72  ? -6.383  9.685   -12.619 1.00 13.27 ? 94  ARG A NH2 1 
ATOM   584  N N   . ILE A 1 73  ? -10.181 9.406   -9.042  1.00 7.18  ? 95  ILE A N   1 
ATOM   585  C CA  . ILE A 1 73  ? -11.077 10.549  -8.923  1.00 8.93  ? 95  ILE A CA  1 
ATOM   586  C C   . ILE A 1 73  ? -11.225 11.254  -10.268 1.00 9.84  ? 95  ILE A C   1 
ATOM   587  O O   . ILE A 1 73  ? -12.352 11.465  -10.742 1.00 10.44 ? 95  ILE A O   1 
ATOM   588  C CB  . ILE A 1 73  ? -10.612 11.523  -7.836  1.00 8.47  ? 95  ILE A CB  1 
ATOM   589  C CG1 . ILE A 1 73  ? -10.723 10.829  -6.473  1.00 9.54  ? 95  ILE A CG1 1 
ATOM   590  C CG2 . ILE A 1 73  ? -11.447 12.821  -7.856  1.00 9.23  ? 95  ILE A CG2 1 
ATOM   591  C CD1 . ILE A 1 73  ? -10.059 11.566  -5.342  1.00 11.74 ? 95  ILE A CD1 1 
ATOM   592  N N   . HIS A 1 74  ? -10.094 11.613  -10.868 1.00 10.66 ? 96  HIS A N   1 
ATOM   593  C CA  . HIS A 1 74  ? -10.084 12.334  -12.140 1.00 12.52 ? 96  HIS A CA  1 
ATOM   594  C C   . HIS A 1 74  ? -9.849  11.356  -13.290 1.00 13.52 ? 96  HIS A C   1 
ATOM   595  O O   . HIS A 1 74  ? -8.964  10.497  -13.202 1.00 14.82 ? 96  HIS A O   1 
ATOM   596  C CB  . HIS A 1 74  ? -8.999  13.408  -12.108 1.00 12.96 ? 96  HIS A CB  1 
ATOM   597  C CG  . HIS A 1 74  ? -9.110  14.333  -10.935 1.00 14.86 ? 96  HIS A CG  1 
ATOM   598  N ND1 . HIS A 1 74  ? -8.361  14.178  -9.785  1.00 15.73 ? 96  HIS A ND1 1 
ATOM   599  C CD2 . HIS A 1 74  ? -9.915  15.398  -10.716 1.00 16.49 ? 96  HIS A CD2 1 
ATOM   600  C CE1 . HIS A 1 74  ? -8.689  15.119  -8.917  1.00 17.09 ? 96  HIS A CE1 1 
ATOM   601  N NE2 . HIS A 1 74  ? -9.627  15.875  -9.459  1.00 16.70 ? 96  HIS A NE2 1 
ATOM   602  N N   . PRO A 1 75  ? -10.662 11.447  -14.362 1.00 13.87 ? 97  PRO A N   1 
ATOM   603  C CA  . PRO A 1 75  ? -10.437 10.589  -15.524 1.00 14.74 ? 97  PRO A CA  1 
ATOM   604  C C   . PRO A 1 75  ? -9.072  10.872  -16.140 1.00 15.32 ? 97  PRO A C   1 
ATOM   605  O O   . PRO A 1 75  ? -8.721  12.027  -16.381 1.00 16.14 ? 97  PRO A O   1 
ATOM   606  C CB  . PRO A 1 75  ? -11.542 11.004  -16.507 1.00 14.88 ? 97  PRO A CB  1 
ATOM   607  C CG  . PRO A 1 75  ? -12.506 11.779  -15.737 1.00 15.07 ? 97  PRO A CG  1 
ATOM   608  C CD  . PRO A 1 75  ? -11.842 12.315  -14.519 1.00 13.79 ? 97  PRO A CD  1 
ATOM   609  N N   . ASN A 1 76  ? -8.296  9.818   -16.352 1.00 15.46 ? 98  ASN A N   1 
ATOM   610  C CA  . ASN A 1 76  ? -7.021  9.928   -17.042 1.00 16.81 ? 98  ASN A CA  1 
ATOM   611  C C   . ASN A 1 76  ? -6.896  8.720   -17.949 1.00 17.08 ? 98  ASN A C   1 
ATOM   612  O O   . ASN A 1 76  ? -7.091  7.578   -17.511 1.00 16.72 ? 98  ASN A O   1 
ATOM   613  C CB  . ASN A 1 76  ? -5.866  10.000  -16.036 1.00 17.06 ? 98  ASN A CB  1 
ATOM   614  C CG  . ASN A 1 76  ? -4.513  10.203  -16.698 1.00 19.41 ? 98  ASN A CG  1 
ATOM   615  O OD1 . ASN A 1 76  ? -4.186  9.551   -17.687 1.00 21.74 ? 98  ASN A OD1 1 
ATOM   616  N ND2 . ASN A 1 76  ? -3.711  11.094  -16.134 1.00 22.08 ? 98  ASN A ND2 1 
ATOM   617  N N   . ALA A 1 77  ? -6.583  8.978   -19.218 1.00 17.51 ? 99  ALA A N   1 
ATOM   618  C CA  . ALA A 1 77  ? -6.513  7.936   -20.238 1.00 18.02 ? 99  ALA A CA  1 
ATOM   619  C C   . ALA A 1 77  ? -5.521  6.816   -19.923 1.00 17.99 ? 99  ALA A C   1 
ATOM   620  O O   . ALA A 1 77  ? -5.758  5.669   -20.296 1.00 19.16 ? 99  ALA A O   1 
ATOM   621  C CB  . ALA A 1 77  ? -6.201  8.551   -21.596 1.00 18.30 ? 99  ALA A CB  1 
ATOM   622  N N   . ILE A 1 78  ? -4.423  7.144   -19.244 1.00 18.17 ? 100 ILE A N   1 
ATOM   623  C CA  . ILE A 1 78  ? -3.390  6.139   -18.931 1.00 18.13 ? 100 ILE A CA  1 
ATOM   624  C C   . ILE A 1 78  ? -3.498  5.549   -17.514 1.00 17.32 ? 100 ILE A C   1 
ATOM   625  O O   . ILE A 1 78  ? -2.621  4.793   -17.084 1.00 17.79 ? 100 ILE A O   1 
ATOM   626  C CB  . ILE A 1 78  ? -1.944  6.657   -19.228 1.00 18.19 ? 100 ILE A CB  1 
ATOM   627  C CG1 . ILE A 1 78  ? -1.547  7.799   -18.284 1.00 19.30 ? 100 ILE A CG1 1 
ATOM   628  C CG2 . ILE A 1 78  ? -1.815  7.069   -20.705 1.00 19.67 ? 100 ILE A CG2 1 
ATOM   629  C CD1 . ILE A 1 78  ? -0.079  8.209   -18.375 1.00 21.30 ? 100 ILE A CD1 1 
ATOM   630  N N   . CYS A 1 79  ? -4.571  5.886   -16.800 1.00 15.91 ? 101 CYS A N   1 
ATOM   631  C CA  . CYS A 1 79  ? -4.821  5.337   -15.464 1.00 15.10 ? 101 CYS A CA  1 
ATOM   632  C C   . CYS A 1 79  ? -6.200  4.705   -15.416 1.00 15.18 ? 101 CYS A C   1 
ATOM   633  O O   . CYS A 1 79  ? -7.212  5.410   -15.412 1.00 14.87 ? 101 CYS A O   1 
ATOM   634  C CB  . CYS A 1 79  ? -4.720  6.425   -14.391 1.00 14.70 ? 101 CYS A CB  1 
ATOM   635  S SG  . CYS A 1 79  ? -3.161  7.310   -14.346 1.00 14.23 ? 101 CYS A SG  1 
ATOM   636  N N   . ALA A 1 80  ? -6.236  3.376   -15.382 1.00 15.44 ? 102 ALA A N   1 
ATOM   637  C CA  . ALA A 1 80  ? -7.481  2.612   -15.298 1.00 16.42 ? 102 ALA A CA  1 
ATOM   638  C C   . ALA A 1 80  ? -8.408  2.902   -16.480 1.00 17.39 ? 102 ALA A C   1 
ATOM   639  O O   . ALA A 1 80  ? -9.625  2.998   -16.323 1.00 17.60 ? 102 ALA A O   1 
ATOM   640  C CB  . ALA A 1 80  ? -8.188  2.879   -13.962 1.00 16.07 ? 102 ALA A CB  1 
ATOM   641  N N   . ALA A 1 81  ? -7.804  3.051   -17.659 1.00 18.36 ? 103 ALA A N   1 
ATOM   642  C CA  . ALA A 1 81  ? -8.514  3.305   -18.920 1.00 18.62 ? 103 ALA A CA  1 
ATOM   643  C C   . ALA A 1 81  ? -9.608  4.376   -18.805 1.00 18.54 ? 103 ALA A C   1 
ATOM   644  O O   . ALA A 1 81  ? -10.744 4.176   -19.245 1.00 18.95 ? 103 ALA A O   1 
ATOM   645  C CB  . ALA A 1 81  ? -9.072  2.004   -19.493 1.00 19.21 ? 103 ALA A CB  1 
ATOM   646  N N   . ASN A 1 82  ? -9.250  5.503   -18.194 1.00 18.12 ? 104 ASN A N   1 
ATOM   647  C CA  . ASN A 1 82  ? -10.119 6.681   -18.079 1.00 17.25 ? 104 ASN A CA  1 
ATOM   648  C C   . ASN A 1 82  ? -11.326 6.558   -17.130 1.00 16.59 ? 104 ASN A C   1 
ATOM   649  O O   . ASN A 1 82  ? -12.188 7.439   -17.093 1.00 16.60 ? 104 ASN A O   1 
ATOM   650  C CB  . ASN A 1 82  ? -10.570 7.161   -19.470 1.00 17.52 ? 104 ASN A CB  1 
ATOM   651  C CG  . ASN A 1 82  ? -10.677 8.661   -19.557 1.00 17.85 ? 104 ASN A CG  1 
ATOM   652  O OD1 . ASN A 1 82  ? -9.761  9.388   -19.169 1.00 19.64 ? 104 ASN A OD1 1 
ATOM   653  N ND2 . ASN A 1 82  ? -11.797 9.142   -20.092 1.00 20.89 ? 104 ASN A ND2 1 
ATOM   654  N N   . HIS A 1 83  ? -11.370 5.487   -16.344 1.00 15.11 ? 105 HIS A N   1 
ATOM   655  C CA  . HIS A 1 83  ? -12.478 5.275   -15.416 1.00 14.09 ? 105 HIS A CA  1 
ATOM   656  C C   . HIS A 1 83  ? -12.338 6.152   -14.174 1.00 12.50 ? 105 HIS A C   1 
ATOM   657  O O   . HIS A 1 83  ? -11.240 6.608   -13.854 1.00 11.86 ? 105 HIS A O   1 
ATOM   658  C CB  . HIS A 1 83  ? -12.539 3.807   -15.004 1.00 14.69 ? 105 HIS A CB  1 
ATOM   659  C CG  . HIS A 1 83  ? -13.087 2.905   -16.065 1.00 17.03 ? 105 HIS A CG  1 
ATOM   660  N ND1 . HIS A 1 83  ? -12.296 2.329   -17.035 1.00 20.48 ? 105 HIS A ND1 1 
ATOM   661  C CD2 . HIS A 1 83  ? -14.350 2.477   -16.306 1.00 20.38 ? 105 HIS A CD2 1 
ATOM   662  C CE1 . HIS A 1 83  ? -13.047 1.587   -17.830 1.00 20.83 ? 105 HIS A CE1 1 
ATOM   663  N NE2 . HIS A 1 83  ? -14.296 1.660   -17.409 1.00 21.45 ? 105 HIS A NE2 1 
ATOM   664  N N   . THR A 1 84  ? -13.459 6.404   -13.507 1.00 11.31 ? 106 THR A N   1 
ATOM   665  C CA  . THR A 1 84  ? -13.459 6.974   -12.155 1.00 11.13 ? 106 THR A CA  1 
ATOM   666  C C   . THR A 1 84  ? -14.104 5.984   -11.192 1.00 10.39 ? 106 THR A C   1 
ATOM   667  O O   . THR A 1 84  ? -14.768 5.035   -11.615 1.00 11.55 ? 106 THR A O   1 
ATOM   668  C CB  . THR A 1 84  ? -14.214 8.331   -12.069 1.00 11.68 ? 106 THR A CB  1 
ATOM   669  O OG1 . THR A 1 84  ? -15.612 8.107   -12.285 1.00 14.00 ? 106 THR A OG1 1 
ATOM   670  C CG2 . THR A 1 84  ? -13.675 9.359   -13.073 1.00 13.08 ? 106 THR A CG2 1 
ATOM   671  N N   . GLY A 1 85  ? -13.924 6.216   -9.896  1.00 9.35  ? 107 GLY A N   1 
ATOM   672  C CA  . GLY A 1 85  ? -14.381 5.299   -8.862  1.00 8.74  ? 107 GLY A CA  1 
ATOM   673  C C   . GLY A 1 85  ? -13.291 4.309   -8.505  1.00 7.93  ? 107 GLY A C   1 
ATOM   674  O O   . GLY A 1 85  ? -12.130 4.464   -8.901  1.00 7.77  ? 107 GLY A O   1 
ATOM   675  N N   . VAL A 1 86  ? -13.646 3.293   -7.731  1.00 8.15  ? 108 VAL A N   1 
ATOM   676  C CA  . VAL A 1 86  ? -12.700 2.229   -7.444  1.00 8.27  ? 108 VAL A CA  1 
ATOM   677  C C   . VAL A 1 86  ? -12.725 1.273   -8.632  1.00 7.97  ? 108 VAL A C   1 
ATOM   678  O O   . VAL A 1 86  ? -13.657 0.458   -8.768  1.00 10.42 ? 108 VAL A O   1 
ATOM   679  C CB  . VAL A 1 86  ? -13.027 1.502   -6.133  1.00 7.85  ? 108 VAL A CB  1 
ATOM   680  C CG1 . VAL A 1 86  ? -11.993 0.431   -5.863  1.00 9.35  ? 108 VAL A CG1 1 
ATOM   681  C CG2 . VAL A 1 86  ? -13.058 2.485   -4.981  1.00 9.14  ? 108 VAL A CG2 1 
ATOM   682  N N   . TYR A 1 87  ? -11.737 1.383   -9.513  1.00 7.35  ? 109 TYR A N   1 
ATOM   683  C CA  . TYR A 1 87  ? -11.682 0.550   -10.708 1.00 7.36  ? 109 TYR A CA  1 
ATOM   684  C C   . TYR A 1 87  ? -11.170 -0.827  -10.334 1.00 7.22  ? 109 TYR A C   1 
ATOM   685  O O   . TYR A 1 87  ? -10.109 -0.953  -9.705  1.00 7.09  ? 109 TYR A O   1 
ATOM   686  C CB  . TYR A 1 87  ? -10.761 1.174   -11.739 1.00 8.15  ? 109 TYR A CB  1 
ATOM   687  C CG  . TYR A 1 87  ? -10.577 0.310   -12.963 1.00 10.43 ? 109 TYR A CG  1 
ATOM   688  C CD1 . TYR A 1 87  ? -11.555 0.259   -13.959 1.00 11.63 ? 109 TYR A CD1 1 
ATOM   689  C CD2 . TYR A 1 87  ? -9.425  -0.461  -13.131 1.00 13.70 ? 109 TYR A CD2 1 
ATOM   690  C CE1 . TYR A 1 87  ? -11.386 -0.548  -15.095 1.00 16.18 ? 109 TYR A CE1 1 
ATOM   691  C CE2 . TYR A 1 87  ? -9.248  -1.270  -14.257 1.00 16.92 ? 109 TYR A CE2 1 
ATOM   692  C CZ  . TYR A 1 87  ? -10.229 -1.303  -15.234 1.00 17.48 ? 109 TYR A CZ  1 
ATOM   693  O OH  . TYR A 1 87  ? -10.046 -2.101  -16.344 1.00 20.62 ? 109 TYR A OH  1 
ATOM   694  N N   . ILE A 1 88  ? -11.907 -1.858  -10.723 1.00 6.98  ? 110 ILE A N   1 
ATOM   695  C CA  . ILE A 1 88  ? -11.552 -3.224  -10.395 1.00 7.63  ? 110 ILE A CA  1 
ATOM   696  C C   . ILE A 1 88  ? -10.908 -3.903  -11.584 1.00 7.66  ? 110 ILE A C   1 
ATOM   697  O O   . ILE A 1 88  ? -11.495 -3.962  -12.680 1.00 7.21  ? 110 ILE A O   1 
ATOM   698  C CB  . ILE A 1 88  ? -12.790 -4.012  -9.939  1.00 7.73  ? 110 ILE A CB  1 
ATOM   699  C CG1 . ILE A 1 88  ? -13.422 -3.358  -8.712  1.00 9.30  ? 110 ILE A CG1 1 
ATOM   700  C CG2 . ILE A 1 88  ? -12.444 -5.481  -9.646  1.00 9.31  ? 110 ILE A CG2 1 
ATOM   701  C CD1 . ILE A 1 88  ? -14.795 -3.939  -8.359  1.00 10.92 ? 110 ILE A CD1 1 
ATOM   702  N N   . LEU A 1 89  ? -9.701  -4.425  -11.377 1.00 6.64  ? 111 LEU A N   1 
ATOM   703  C CA  . LEU A 1 89  ? -9.058  -5.219  -12.409 1.00 7.19  ? 111 LEU A CA  1 
ATOM   704  C C   . LEU A 1 89  ? -9.825  -6.517  -12.624 1.00 6.68  ? 111 LEU A C   1 
ATOM   705  O O   . LEU A 1 89  ? -10.071 -7.258  -11.672 1.00 7.65  ? 111 LEU A O   1 
ATOM   706  C CB  . LEU A 1 89  ? -7.612  -5.519  -12.013 1.00 8.04  ? 111 LEU A CB  1 
ATOM   707  C CG  . LEU A 1 89  ? -6.804  -6.407  -12.964 1.00 9.11  ? 111 LEU A CG  1 
ATOM   708  C CD1 . LEU A 1 89  ? -6.636  -5.753  -14.311 1.00 9.96  ? 111 LEU A CD1 1 
ATOM   709  C CD2 . LEU A 1 89  ? -5.444  -6.670  -12.350 1.00 11.06 ? 111 LEU A CD2 1 
ATOM   710  N N   . VAL A 1 90  ? -10.211 -6.770  -13.866 1.00 7.02  ? 112 VAL A N   1 
ATOM   711  C CA  . VAL A 1 90  ? -10.984 -7.973  -14.185 1.00 7.27  ? 112 VAL A CA  1 
ATOM   712  C C   . VAL A 1 90  ? -10.092 -9.078  -14.757 1.00 6.69  ? 112 VAL A C   1 
ATOM   713  O O   . VAL A 1 90  ? -10.081 -10.186 -14.243 1.00 7.51  ? 112 VAL A O   1 
ATOM   714  C CB  . VAL A 1 90  ? -12.170 -7.665  -15.117 1.00 7.75  ? 112 VAL A CB  1 
ATOM   715  C CG1 . VAL A 1 90  ? -12.947 -8.948  -15.450 1.00 9.02  ? 112 VAL A CG1 1 
ATOM   716  C CG2 . VAL A 1 90  ? -13.086 -6.638  -14.463 1.00 9.29  ? 112 VAL A CG2 1 
ATOM   717  N N   . THR A 1 91  ? -9.325  -8.776  -15.795 1.00 6.54  ? 113 THR A N   1 
ATOM   718  C CA  . THR A 1 91  ? -8.619  -9.813  -16.544 1.00 6.97  ? 113 THR A CA  1 
ATOM   719  C C   . THR A 1 91  ? -7.132  -9.511  -16.539 1.00 5.78  ? 113 THR A C   1 
ATOM   720  O O   . THR A 1 91  ? -6.698  -8.462  -17.047 1.00 6.64  ? 113 THR A O   1 
ATOM   721  C CB  . THR A 1 91  ? -9.135  -9.860  -17.986 1.00 7.63  ? 113 THR A CB  1 
ATOM   722  O OG1 . THR A 1 91  ? -10.543 -10.119 -17.978 1.00 10.01 ? 113 THR A OG1 1 
ATOM   723  C CG2 . THR A 1 91  ? -8.420  -10.942 -18.787 1.00 9.46  ? 113 THR A CG2 1 
ATOM   724  N N   . SER A 1 92  ? -6.352  -10.426 -15.992 1.00 4.92  ? 114 SER A N   1 
ATOM   725  C CA  . SER A 1 92  ? -4.892  -10.283 -16.006 1.00 5.06  ? 114 SER A CA  1 
ATOM   726  C C   . SER A 1 92  ? -4.281  -11.672 -15.984 1.00 5.52  ? 114 SER A C   1 
ATOM   727  O O   . SER A 1 92  ? -4.805  -12.567 -15.314 1.00 6.53  ? 114 SER A O   1 
ATOM   728  C CB  . SER A 1 92  ? -4.410  -9.490  -14.790 1.00 5.94  ? 114 SER A CB  1 
ATOM   729  O OG  . SER A 1 92  ? -2.995  -9.449  -14.778 1.00 6.27  ? 114 SER A OG  1 
ATOM   730  N N   . ASN A 1 93  ? -3.155  -11.861 -16.662 1.00 5.19  ? 115 ASN A N   1 
ATOM   731  C CA  . ASN A 1 93  ? -2.442  -13.131 -16.571 1.00 4.94  ? 115 ASN A CA  1 
ATOM   732  C C   . ASN A 1 93  ? -1.679  -13.287 -15.262 1.00 4.75  ? 115 ASN A C   1 
ATOM   733  O O   . ASN A 1 93  ? -1.321  -14.384 -14.895 1.00 5.53  ? 115 ASN A O   1 
ATOM   734  C CB  . ASN A 1 93  ? -1.373  -13.235 -17.665 1.00 5.18  ? 115 ASN A CB  1 
ATOM   735  C CG  . ASN A 1 93  ? -1.911  -13.591 -19.034 1.00 4.84  ? 115 ASN A CG  1 
ATOM   736  O OD1 . ASN A 1 93  ? -3.042  -14.068 -19.183 1.00 6.10  ? 115 ASN A OD1 1 
ATOM   737  N ND2 . ASN A 1 93  ? -1.077  -13.408 -20.049 1.00 5.13  ? 115 ASN A ND2 1 
ATOM   738  N N   . THR A 1 94  ? -1.313  -12.167 -14.636 1.00 5.02  ? 116 THR A N   1 
ATOM   739  C CA  . THR A 1 94  ? -0.189  -12.119 -13.683 1.00 5.52  ? 116 THR A CA  1 
ATOM   740  C C   . THR A 1 94  ? -0.635  -11.864 -12.245 1.00 4.76  ? 116 THR A C   1 
ATOM   741  O O   . THR A 1 94  ? -1.777  -11.455 -12.002 1.00 5.39  ? 116 THR A O   1 
ATOM   742  C CB  . THR A 1 94  ? 0.820   -11.046 -14.120 1.00 5.44  ? 116 THR A CB  1 
ATOM   743  O OG1 . THR A 1 94  ? 0.134   -9.803  -14.207 1.00 6.97  ? 116 THR A OG1 1 
ATOM   744  C CG2 . THR A 1 94  ? 1.444   -11.385 -15.478 1.00 6.95  ? 116 THR A CG2 1 
ATOM   745  N N   . SER A 1 95  ? 0.261   -12.114 -11.290 1.00 5.29  ? 117 SER A N   1 
ATOM   746  C CA  . SER A 1 95  ? -0.125  -12.240 -9.897  1.00 6.00  ? 117 SER A CA  1 
ATOM   747  C C   . SER A 1 95  ? 0.476   -11.187 -8.960  1.00 6.12  ? 117 SER A C   1 
ATOM   748  O O   . SER A 1 95  ? 0.162   -11.197 -7.767  1.00 7.29  ? 117 SER A O   1 
ATOM   749  C CB  . SER A 1 95  ? 0.291   -13.619 -9.405  1.00 6.66  ? 117 SER A CB  1 
ATOM   750  O OG  . SER A 1 95  ? 1.695   -13.756 -9.514  1.00 7.60  ? 117 SER A OG  1 
ATOM   751  N N   . HIS A 1 96  ? 1.360   -10.322 -9.459  1.00 5.56  ? 118 HIS A N   1 
ATOM   752  C CA  . HIS A 1 96  ? 2.139   -9.430  -8.594  1.00 6.02  ? 118 HIS A CA  1 
ATOM   753  C C   . HIS A 1 96  ? 1.792   -7.982  -8.856  1.00 5.18  ? 118 HIS A C   1 
ATOM   754  O O   . HIS A 1 96  ? 1.848   -7.502  -9.978  1.00 5.99  ? 118 HIS A O   1 
ATOM   755  C CB  . HIS A 1 96  ? 3.630   -9.694  -8.783  1.00 7.02  ? 118 HIS A CB  1 
ATOM   756  C CG  . HIS A 1 96  ? 4.129   -10.900 -8.046  1.00 7.24  ? 118 HIS A CG  1 
ATOM   757  N ND1 . HIS A 1 96  ? 3.514   -12.132 -8.118  1.00 8.70  ? 118 HIS A ND1 1 
ATOM   758  C CD2 . HIS A 1 96  ? 5.176   -11.058 -7.203  1.00 11.28 ? 118 HIS A CD2 1 
ATOM   759  C CE1 . HIS A 1 96  ? 4.162   -12.995 -7.356  1.00 9.35  ? 118 HIS A CE1 1 
ATOM   760  N NE2 . HIS A 1 96  ? 5.178   -12.371 -6.796  1.00 11.14 ? 118 HIS A NE2 1 
ATOM   761  N N   . TYR A 1 97  ? 1.418   -7.273  -7.795  1.00 4.99  ? 119 TYR A N   1 
ATOM   762  C CA  . TYR A 1 97  ? 0.957   -5.897  -7.929  1.00 5.02  ? 119 TYR A CA  1 
ATOM   763  C C   . TYR A 1 97  ? 1.589   -5.038  -6.839  1.00 4.80  ? 119 TYR A C   1 
ATOM   764  O O   . TYR A 1 97  ? 2.563   -5.460  -6.210  1.00 5.76  ? 119 TYR A O   1 
ATOM   765  C CB  . TYR A 1 97  ? -0.584  -5.845  -7.911  1.00 5.25  ? 119 TYR A CB  1 
ATOM   766  C CG  . TYR A 1 97  ? -1.218  -6.651  -9.022  1.00 5.30  ? 119 TYR A CG  1 
ATOM   767  C CD1 . TYR A 1 97  ? -1.321  -6.126  -10.300 1.00 5.36  ? 119 TYR A CD1 1 
ATOM   768  C CD2 . TYR A 1 97  ? -1.700  -7.944  -8.795  1.00 5.42  ? 119 TYR A CD2 1 
ATOM   769  C CE1 . TYR A 1 97  ? -1.896  -6.862  -11.335 1.00 5.03  ? 119 TYR A CE1 1 
ATOM   770  C CE2 . TYR A 1 97  ? -2.268  -8.705  -9.828  1.00 5.43  ? 119 TYR A CE2 1 
ATOM   771  C CZ  . TYR A 1 97  ? -2.372  -8.143  -11.087 1.00 5.27  ? 119 TYR A CZ  1 
ATOM   772  O OH  . TYR A 1 97  ? -2.928  -8.838  -12.134 1.00 6.70  ? 119 TYR A OH  1 
ATOM   773  N N   . ASP A 1 98  ? 1.067   -3.838  -6.631  1.00 4.45  ? 120 ASP A N   1 
ATOM   774  C CA  . ASP A 1 98  ? 1.369   -3.105  -5.403  1.00 4.56  ? 120 ASP A CA  1 
ATOM   775  C C   . ASP A 1 98  ? 0.343   -3.561  -4.357  1.00 4.16  ? 120 ASP A C   1 
ATOM   776  O O   . ASP A 1 98  ? -0.436  -4.498  -4.589  1.00 5.13  ? 120 ASP A O   1 
ATOM   777  C CB  . ASP A 1 98  ? 1.236   -1.596  -5.619  1.00 4.77  ? 120 ASP A CB  1 
ATOM   778  C CG  . ASP A 1 98  ? 2.197   -1.042  -6.670  1.00 5.11  ? 120 ASP A CG  1 
ATOM   779  O OD1 . ASP A 1 98  ? 3.231   -1.681  -7.018  1.00 6.38  ? 120 ASP A OD1 1 
ATOM   780  O OD2 . ASP A 1 98  ? 1.911   0.085   -7.128  1.00 6.86  ? 120 ASP A OD2 1 
ATOM   781  N N   . THR A 1 99  ? 0.320   -2.917  -3.195  1.00 4.24  ? 121 THR A N   1 
ATOM   782  C CA  . THR A 1 99  ? -0.764  -3.166  -2.242  1.00 4.62  ? 121 THR A CA  1 
ATOM   783  C C   . THR A 1 99  ? -1.335  -1.885  -1.690  1.00 4.39  ? 121 THR A C   1 
ATOM   784  O O   . THR A 1 99  ? -0.650  -0.853  -1.630  1.00 5.55  ? 121 THR A O   1 
ATOM   785  C CB  . THR A 1 99  ? -0.337  -4.120  -1.088  1.00 5.30  ? 121 THR A CB  1 
ATOM   786  O OG1 . THR A 1 99  ? -1.512  -4.637  -0.453  1.00 5.96  ? 121 THR A OG1 1 
ATOM   787  C CG2 . THR A 1 99  ? 0.585   -3.468  -0.079  1.00 7.46  ? 121 THR A CG2 1 
ATOM   788  N N   . TYR A 1 100 ? -2.587  -1.961  -1.253  1.00 4.18  ? 122 TYR A N   1 
ATOM   789  C CA  . TYR A 1 100 ? -3.159  -0.958  -0.362  1.00 4.47  ? 122 TYR A CA  1 
ATOM   790  C C   . TYR A 1 100 ? -3.159  -1.531  1.036   1.00 4.62  ? 122 TYR A C   1 
ATOM   791  O O   . TYR A 1 100 ? -3.196  -2.752  1.224   1.00 5.49  ? 122 TYR A O   1 
ATOM   792  C CB  . TYR A 1 100 ? -4.573  -0.526  -0.817  1.00 4.51  ? 122 TYR A CB  1 
ATOM   793  C CG  . TYR A 1 100 ? -4.513  0.043   -2.195  1.00 4.12  ? 122 TYR A CG  1 
ATOM   794  C CD1 . TYR A 1 100 ? -4.160  1.376   -2.374  1.00 5.04  ? 122 TYR A CD1 1 
ATOM   795  C CD2 . TYR A 1 100 ? -4.764  -0.741  -3.320  1.00 4.67  ? 122 TYR A CD2 1 
ATOM   796  C CE1 . TYR A 1 100 ? -4.067  1.915   -3.652  1.00 5.27  ? 122 TYR A CE1 1 
ATOM   797  C CE2 . TYR A 1 100 ? -4.655  -0.216  -4.595  1.00 5.44  ? 122 TYR A CE2 1 
ATOM   798  C CZ  . TYR A 1 100 ? -4.288  1.111   -4.749  1.00 4.81  ? 122 TYR A CZ  1 
ATOM   799  O OH  . TYR A 1 100 ? -4.132  1.683   -5.998  1.00 6.15  ? 122 TYR A OH  1 
ATOM   800  N N   . CYS A 1 101 ? -3.134  -0.641  2.016   1.00 4.64  ? 123 CYS A N   1 
ATOM   801  C CA  . CYS A 1 101 ? -3.188  -1.011  3.424   1.00 5.22  ? 123 CYS A CA  1 
ATOM   802  C C   . CYS A 1 101 ? -4.103  -0.039  4.139   1.00 4.76  ? 123 CYS A C   1 
ATOM   803  O O   . CYS A 1 101 ? -4.289  1.094   3.694   1.00 5.46  ? 123 CYS A O   1 
ATOM   804  C CB  . CYS A 1 101 ? -1.806  -0.958  4.064   1.00 5.26  ? 123 CYS A CB  1 
ATOM   805  S SG  . CYS A 1 101 ? -0.583  -2.134  3.425   1.00 8.11  ? 123 CYS A SG  1 
ATOM   806  N N   . PHE A 1 102 ? -4.698  -0.506  5.232   1.00 5.05  ? 124 PHE A N   1 
ATOM   807  C CA  . PHE A 1 102 ? -5.611  0.280   6.032   1.00 5.22  ? 124 PHE A CA  1 
ATOM   808  C C   . PHE A 1 102 ? -5.184  0.267   7.491   1.00 5.06  ? 124 PHE A C   1 
ATOM   809  O O   . PHE A 1 102 ? -5.075  -0.797  8.101   1.00 5.65  ? 124 PHE A O   1 
ATOM   810  C CB  . PHE A 1 102 ? -7.033  -0.265  5.914   1.00 5.52  ? 124 PHE A CB  1 
ATOM   811  C CG  . PHE A 1 102 ? -7.948  0.304   6.936   1.00 5.02  ? 124 PHE A CG  1 
ATOM   812  C CD1 . PHE A 1 102 ? -8.281  1.659   6.902   1.00 5.60  ? 124 PHE A CD1 1 
ATOM   813  C CD2 . PHE A 1 102 ? -8.395  -0.462  8.005   1.00 6.53  ? 124 PHE A CD2 1 
ATOM   814  C CE1 . PHE A 1 102 ? -9.077  2.232   7.901   1.00 6.35  ? 124 PHE A CE1 1 
ATOM   815  C CE2 . PHE A 1 102 ? -9.199  0.102   9.010   1.00 7.27  ? 124 PHE A CE2 1 
ATOM   816  C CZ  . PHE A 1 102 ? -9.547  1.446   8.947   1.00 7.58  ? 124 PHE A CZ  1 
ATOM   817  N N   A ASN A 1 103 ? -4.953  1.474   8.010   0.50 5.61  ? 125 ASN A N   1 
ATOM   818  N N   B ASN A 1 103 ? -4.934  1.457   8.034   0.50 5.72  ? 125 ASN A N   1 
ATOM   819  C CA  A ASN A 1 103 ? -4.581  1.716   9.394   0.50 6.11  ? 125 ASN A CA  1 
ATOM   820  C CA  B ASN A 1 103 ? -4.573  1.615   9.437   0.50 6.32  ? 125 ASN A CA  1 
ATOM   821  C C   A ASN A 1 103 ? -5.722  2.408   10.123  0.50 6.27  ? 125 ASN A C   1 
ATOM   822  C C   B ASN A 1 103 ? -5.667  2.387   10.157  0.50 6.38  ? 125 ASN A C   1 
ATOM   823  O O   A ASN A 1 103 ? -5.973  3.591   9.893   0.50 5.79  ? 125 ASN A O   1 
ATOM   824  O O   B ASN A 1 103 ? -5.851  3.583   9.934   0.50 5.89  ? 125 ASN A O   1 
ATOM   825  C CB  A ASN A 1 103 ? -3.337  2.602   9.459   0.50 6.81  ? 125 ASN A CB  1 
ATOM   826  C CB  B ASN A 1 103 ? -3.211  2.306   9.568   0.50 7.20  ? 125 ASN A CB  1 
ATOM   827  C CG  A ASN A 1 103 ? -2.975  2.959   10.879  0.50 7.60  ? 125 ASN A CG  1 
ATOM   828  C CG  B ASN A 1 103 ? -2.733  2.379   11.002  0.50 8.00  ? 125 ASN A CG  1 
ATOM   829  O OD1 A ASN A 1 103 ? -3.376  2.262   11.829  0.50 8.00  ? 125 ASN A OD1 1 
ATOM   830  O OD1 B ASN A 1 103 ? -3.429  2.902   11.871  0.50 10.42 ? 125 ASN A OD1 1 
ATOM   831  N ND2 A ASN A 1 103 ? -2.228  4.050   11.041  0.50 10.27 ? 125 ASN A ND2 1 
ATOM   832  N ND2 B ASN A 1 103 ? -1.529  1.881   11.257  0.50 11.14 ? 125 ASN A ND2 1 
ATOM   833  N N   . ALA A 1 104 ? -6.416  1.677   10.996  1.00 6.93  ? 126 ALA A N   1 
ATOM   834  C CA  . ALA A 1 104 ? -7.547  2.245   11.723  1.00 8.32  ? 126 ALA A CA  1 
ATOM   835  C C   . ALA A 1 104 ? -7.214  3.426   12.614  1.00 8.88  ? 126 ALA A C   1 
ATOM   836  O O   . ALA A 1 104 ? -8.093  4.235   12.902  1.00 10.42 ? 126 ALA A O   1 
ATOM   837  C CB  . ALA A 1 104 ? -8.245  1.160   12.528  1.00 9.87  ? 126 ALA A CB  1 
ATOM   838  N N   A SER A 1 105 ? -5.962  3.521   13.053  0.50 8.75  ? 127 SER A N   1 
ATOM   839  N N   B SER A 1 105 ? -5.965  3.533   13.057  0.50 8.70  ? 127 SER A N   1 
ATOM   840  C CA  A SER A 1 105 ? -5.550  4.584   13.964  0.50 9.32  ? 127 SER A CA  1 
ATOM   841  C CA  B SER A 1 105 ? -5.579  4.610   13.966  0.50 9.25  ? 127 SER A CA  1 
ATOM   842  C C   A SER A 1 105 ? -5.196  5.901   13.268  0.50 8.88  ? 127 SER A C   1 
ATOM   843  C C   B SER A 1 105 ? -5.071  5.867   13.261  0.50 8.88  ? 127 SER A C   1 
ATOM   844  O O   A SER A 1 105 ? -4.979  6.909   13.938  0.50 9.07  ? 127 SER A O   1 
ATOM   845  O O   B SER A 1 105 ? -4.594  6.792   13.913  0.50 9.54  ? 127 SER A O   1 
ATOM   846  C CB  A SER A 1 105 ? -4.404  4.109   14.862  0.50 10.04 ? 127 SER A CB  1 
ATOM   847  C CB  B SER A 1 105 ? -4.536  4.118   14.962  0.50 9.78  ? 127 SER A CB  1 
ATOM   848  O OG  A SER A 1 105 ? -4.803  2.990   15.638  0.50 12.14 ? 127 SER A OG  1 
ATOM   849  O OG  B SER A 1 105 ? -3.287  3.981   14.317  0.50 11.62 ? 127 SER A OG  1 
ATOM   850  N N   . ALA A 1 106 ? -5.176  5.903   11.937  1.00 8.78  ? 128 ALA A N   1 
ATOM   851  C CA  . ALA A 1 106 ? -4.840  7.099   11.169  1.00 8.53  ? 128 ALA A CA  1 
ATOM   852  C C   . ALA A 1 106 ? -5.950  8.144   11.312  1.00 8.29  ? 128 ALA A C   1 
ATOM   853  O O   . ALA A 1 106 ? -7.041  7.822   11.777  1.00 8.04  ? 128 ALA A O   1 
ATOM   854  C CB  . ALA A 1 106 ? -4.636  6.730   9.707   1.00 9.47  ? 128 ALA A CB  1 
ATOM   855  N N   . PRO A 1 107 ? -5.702  9.401   10.919  1.00 8.11  ? 129 PRO A N   1 
ATOM   856  C CA  . PRO A 1 107 ? -6.763  10.410  10.958  1.00 8.08  ? 129 PRO A CA  1 
ATOM   857  C C   . PRO A 1 107 ? -7.925  10.084  10.002  1.00 8.05  ? 129 PRO A C   1 
ATOM   858  O O   . PRO A 1 107 ? -7.761  9.304   9.069   1.00 7.47  ? 129 PRO A O   1 
ATOM   859  C CB  . PRO A 1 107 ? -6.034  11.691  10.538  1.00 8.40  ? 129 PRO A CB  1 
ATOM   860  C CG  . PRO A 1 107 ? -4.606  11.430  10.906  1.00 10.16 ? 129 PRO A CG  1 
ATOM   861  C CD  . PRO A 1 107 ? -4.404  9.994   10.552  1.00 8.74  ? 129 PRO A CD  1 
ATOM   862  N N   . PRO A 1 108 ? -9.098  10.689  10.225  1.00 7.41  ? 130 PRO A N   1 
ATOM   863  C CA  . PRO A 1 108 ? -10.282 10.265  9.458   1.00 7.10  ? 130 PRO A CA  1 
ATOM   864  C C   . PRO A 1 108 ? -10.312 10.723  8.008   1.00 6.96  ? 130 PRO A C   1 
ATOM   865  O O   . PRO A 1 108 ? -10.994 10.117  7.189   1.00 7.25  ? 130 PRO A O   1 
ATOM   866  C CB  . PRO A 1 108 ? -11.457 10.908  10.229  1.00 7.52  ? 130 PRO A CB  1 
ATOM   867  C CG  . PRO A 1 108 ? -10.818 12.088  10.945  1.00 8.12  ? 130 PRO A CG  1 
ATOM   868  C CD  . PRO A 1 108 ? -9.462  11.566  11.353  1.00 8.58  ? 130 PRO A CD  1 
ATOM   869  N N   . GLU A 1 109 ? -9.587  11.789  7.677   1.00 7.12  ? 131 GLU A N   1 
ATOM   870  C CA  . GLU A 1 109 ? -9.666  12.316  6.330   1.00 7.80  ? 131 GLU A CA  1 
ATOM   871  C C   . GLU A 1 109 ? -8.281  12.253  5.671   1.00 7.44  ? 131 GLU A C   1 
ATOM   872  O O   . GLU A 1 109 ? -7.624  11.206  5.743   1.00 7.25  ? 131 GLU A O   1 
ATOM   873  C CB  . GLU A 1 109 ? -10.370 13.679  6.322   1.00 9.11  ? 131 GLU A CB  1 
ATOM   874  C CG  . GLU A 1 109 ? -11.763 13.542  6.967   1.00 12.01 ? 131 GLU A CG  1 
ATOM   875  C CD  . GLU A 1 109 ? -12.635 14.746  6.790   1.00 16.36 ? 131 GLU A CD  1 
ATOM   876  O OE1 . GLU A 1 109 ? -12.280 15.809  7.340   1.00 18.70 ? 131 GLU A OE1 1 
ATOM   877  O OE2 . GLU A 1 109 ? -13.693 14.601  6.130   1.00 18.98 ? 131 GLU A OE2 1 
ATOM   878  N N   . GLU A 1 110 ? -7.828  13.323  5.030   1.00 8.28  ? 132 GLU A N   1 
ATOM   879  C CA  . GLU A 1 110 ? -6.519  13.316  4.376   1.00 9.39  ? 132 GLU A CA  1 
ATOM   880  C C   . GLU A 1 110 ? -5.405  13.493  5.394   1.00 8.46  ? 132 GLU A C   1 
ATOM   881  O O   . GLU A 1 110 ? -5.438  14.445  6.178   1.00 9.65  ? 132 GLU A O   1 
ATOM   882  C CB  . GLU A 1 110 ? -6.465  14.438  3.339   1.00 10.76 ? 132 GLU A CB  1 
ATOM   883  C CG  . GLU A 1 110 ? -5.139  14.551  2.596   1.00 14.20 ? 132 GLU A CG  1 
ATOM   884  C CD  . GLU A 1 110 ? -5.157  15.674  1.580   1.00 16.90 ? 132 GLU A CD  1 
ATOM   885  O OE1 . GLU A 1 110 ? -5.181  16.853  1.997   1.00 20.60 ? 132 GLU A OE1 1 
ATOM   886  O OE2 . GLU A 1 110 ? -5.152  15.375  0.370   1.00 21.15 ? 132 GLU A OE2 1 
ATOM   887  N N   . ASP A 1 111 ? -4.433  12.591  5.394   1.00 8.01  ? 133 ASP A N   1 
ATOM   888  C CA  . ASP A 1 111 ? -3.242  12.734  6.209   1.00 8.34  ? 133 ASP A CA  1 
ATOM   889  C C   . ASP A 1 111 ? -2.037  12.640  5.297   1.00 8.43  ? 133 ASP A C   1 
ATOM   890  O O   . ASP A 1 111 ? -1.563  11.548  4.946   1.00 7.52  ? 133 ASP A O   1 
ATOM   891  C CB  . ASP A 1 111 ? -3.190  11.674  7.312   1.00 8.37  ? 133 ASP A CB  1 
ATOM   892  C CG  . ASP A 1 111 ? -1.935  11.769  8.156   1.00 8.95  ? 133 ASP A CG  1 
ATOM   893  O OD1 . ASP A 1 111 ? -1.225  12.802  8.077   1.00 10.30 ? 133 ASP A OD1 1 
ATOM   894  O OD2 . ASP A 1 111 ? -1.637  10.818  8.903   1.00 9.78  ? 133 ASP A OD2 1 
ATOM   895  N N   . CYS A 1 112 ? -1.538  13.806  4.904   1.00 9.32  ? 134 CYS A N   1 
ATOM   896  C CA  . CYS A 1 112 ? -0.403  13.835  4.011   1.00 10.22 ? 134 CYS A CA  1 
ATOM   897  C C   . CYS A 1 112 ? 0.873   14.136  4.755   1.00 10.56 ? 134 CYS A C   1 
ATOM   898  O O   . CYS A 1 112 ? 1.784   14.763  4.194   1.00 11.11 ? 134 CYS A O   1 
ATOM   899  C CB  . CYS A 1 112 ? -0.626  14.807  2.850   1.00 11.84 ? 134 CYS A CB  1 
ATOM   900  S SG  . CYS A 1 112 ? -1.619  14.064  1.533   1.00 14.02 ? 134 CYS A SG  1 
ATOM   901  N N   . THR A 1 113 ? 0.959   13.691  6.002   1.00 10.12 ? 135 THR A N   1 
ATOM   902  C CA  . THR A 1 113 ? 2.230   13.704  6.709   1.00 9.98  ? 135 THR A CA  1 
ATOM   903  C C   . THR A 1 113 ? 3.020   12.467  6.299   1.00 9.47  ? 135 THR A C   1 
ATOM   904  O O   . THR A 1 113 ? 2.453   11.510  5.723   1.00 9.90  ? 135 THR A O   1 
ATOM   905  C CB  . THR A 1 113 ? 2.053   13.700  8.231   1.00 9.88  ? 135 THR A CB  1 
ATOM   906  O OG1 . THR A 1 113 ? 1.312   12.529  8.623   1.00 9.93  ? 135 THR A OG1 1 
ATOM   907  C CG2 . THR A 1 113 ? 1.328   14.969  8.687   1.00 11.66 ? 135 THR A CG2 1 
ATOM   908  N N   A SER A 1 114 ? 4.323   12.487  6.573   0.50 9.85  ? 136 SER A N   1 
ATOM   909  N N   B SER A 1 114 ? 4.315   12.469  6.594   0.50 9.37  ? 136 SER A N   1 
ATOM   910  C CA  A SER A 1 114 ? 5.204   11.370  6.276   0.50 10.23 ? 136 SER A CA  1 
ATOM   911  C CA  B SER A 1 114 ? 5.187   11.372  6.224   0.50 9.32  ? 136 SER A CA  1 
ATOM   912  C C   A SER A 1 114 ? 4.945   10.187  7.191   0.50 10.31 ? 136 SER A C   1 
ATOM   913  C C   B SER A 1 114 ? 5.135   10.218  7.222   0.50 9.92  ? 136 SER A C   1 
ATOM   914  O O   A SER A 1 114 ? 4.452   10.338  8.313   0.50 10.34 ? 136 SER A O   1 
ATOM   915  O O   B SER A 1 114 ? 4.958   10.416  8.436   0.50 10.02 ? 136 SER A O   1 
ATOM   916  C CB  A SER A 1 114 ? 6.672   11.786  6.393   0.50 10.56 ? 136 SER A CB  1 
ATOM   917  C CB  B SER A 1 114 ? 6.616   11.880  6.041   0.50 9.00  ? 136 SER A CB  1 
ATOM   918  O OG  A SER A 1 114 ? 7.119   12.473  5.236   0.50 11.11 ? 136 SER A OG  1 
ATOM   919  O OG  B SER A 1 114 ? 7.007   12.673  7.150   0.50 7.09  ? 136 SER A OG  1 
ATOM   920  N N   . VAL A 1 115 ? 5.290   9.008   6.689   1.00 10.09 ? 137 VAL A N   1 
ATOM   921  C CA  . VAL A 1 115 ? 5.344   7.781   7.482   1.00 11.28 ? 137 VAL A CA  1 
ATOM   922  C C   . VAL A 1 115 ? 6.787   7.638   7.973   1.00 12.88 ? 137 VAL A C   1 
ATOM   923  O O   . VAL A 1 115 ? 7.732   7.694   7.181   1.00 12.60 ? 137 VAL A O   1 
ATOM   924  C CB  . VAL A 1 115 ? 4.917   6.552   6.634   1.00 10.98 ? 137 VAL A CB  1 
ATOM   925  C CG1 . VAL A 1 115 ? 5.044   5.270   7.447   1.00 11.62 ? 137 VAL A CG1 1 
ATOM   926  C CG2 . VAL A 1 115 ? 3.498   6.721   6.130   1.00 11.40 ? 137 VAL A CG2 1 
ATOM   927  N N   . THR A 1 116 ? 6.951   7.471   9.285   1.00 15.39 ? 138 THR A N   1 
ATOM   928  C CA  . THR A 1 116 ? 8.281   7.491   9.912   1.00 17.91 ? 138 THR A CA  1 
ATOM   929  C C   . THR A 1 116 ? 8.594   6.236   10.738  1.00 18.18 ? 138 THR A C   1 
ATOM   930  O O   . THR A 1 116 ? 9.547   6.217   11.526  1.00 18.89 ? 138 THR A O   1 
ATOM   931  C CB  . THR A 1 116 ? 8.451   8.736   10.832  1.00 18.51 ? 138 THR A CB  1 
ATOM   932  O OG1 . THR A 1 116 ? 7.305   8.864   11.686  1.00 21.21 ? 138 THR A OG1 1 
ATOM   933  C CG2 . THR A 1 116 ? 8.618   10.014  10.014  1.00 21.07 ? 138 THR A CG2 1 
ATOM   934  N N   . ASP A 1 117 ? 7.795   5.190   10.558  1.00 18.67 ? 139 ASP A N   1 
ATOM   935  C CA  . ASP A 1 117 ? 7.948   3.976   11.350  1.00 19.44 ? 139 ASP A CA  1 
ATOM   936  C C   . ASP A 1 117 ? 7.367   2.794   10.603  1.00 18.89 ? 139 ASP A C   1 
ATOM   937  O O   . ASP A 1 117 ? 6.428   2.938   9.811   1.00 18.78 ? 139 ASP A O   1 
ATOM   938  C CB  . ASP A 1 117 ? 7.256   4.133   12.717  1.00 20.44 ? 139 ASP A CB  1 
ATOM   939  C CG  . ASP A 1 117 ? 7.672   3.064   13.731  1.00 22.40 ? 139 ASP A CG  1 
ATOM   940  O OD1 . ASP A 1 117 ? 8.671   2.337   13.514  1.00 25.62 ? 139 ASP A OD1 1 
ATOM   941  O OD2 . ASP A 1 117 ? 6.982   2.963   14.768  1.00 26.10 ? 139 ASP A OD2 1 
ATOM   942  N N   . LEU A 1 118 ? 7.956   1.628   10.842  1.00 18.38 ? 140 LEU A N   1 
ATOM   943  C CA  . LEU A 1 118 ? 7.405   0.367   10.392  1.00 17.63 ? 140 LEU A CA  1 
ATOM   944  C C   . LEU A 1 118 ? 7.230   -0.459  11.660  1.00 17.43 ? 140 LEU A C   1 
ATOM   945  O O   . LEU A 1 118 ? 8.054   -1.336  11.960  1.00 17.33 ? 140 LEU A O   1 
ATOM   946  C CB  . LEU A 1 118 ? 8.358   -0.304  9.405   1.00 17.56 ? 140 LEU A CB  1 
ATOM   947  C CG  . LEU A 1 118 ? 7.894   -1.602  8.743   1.00 17.19 ? 140 LEU A CG  1 
ATOM   948  C CD1 . LEU A 1 118 ? 6.645   -1.369  7.885   1.00 18.42 ? 140 LEU A CD1 1 
ATOM   949  C CD2 . LEU A 1 118 ? 9.012   -2.228  7.922   1.00 19.21 ? 140 LEU A CD2 1 
ATOM   950  N N   . PRO A 1 119 ? 6.153   -0.175  12.417  1.00 16.63 ? 141 PRO A N   1 
ATOM   951  C CA  . PRO A 1 119 ? 6.085   -0.511  13.842  1.00 16.59 ? 141 PRO A CA  1 
ATOM   952  C C   . PRO A 1 119 ? 6.029   -2.003  14.155  1.00 15.63 ? 141 PRO A C   1 
ATOM   953  O O   . PRO A 1 119 ? 6.340   -2.415  15.277  1.00 16.17 ? 141 PRO A O   1 
ATOM   954  C CB  . PRO A 1 119 ? 4.790   0.170   14.293  1.00 17.01 ? 141 PRO A CB  1 
ATOM   955  C CG  . PRO A 1 119 ? 3.963   0.253   13.065  1.00 17.41 ? 141 PRO A CG  1 
ATOM   956  C CD  . PRO A 1 119 ? 4.907   0.463   11.938  1.00 16.96 ? 141 PRO A CD  1 
ATOM   957  N N   . ASN A 1 120 ? 5.646   -2.811  13.180  1.00 13.95 ? 142 ASN A N   1 
ATOM   958  C CA  . ASN A 1 120 ? 5.400   -4.217  13.448  1.00 13.46 ? 142 ASN A CA  1 
ATOM   959  C C   . ASN A 1 120 ? 6.234   -5.152  12.582  1.00 12.57 ? 142 ASN A C   1 
ATOM   960  O O   . ASN A 1 120 ? 5.894   -6.317  12.392  1.00 13.02 ? 142 ASN A O   1 
ATOM   961  C CB  . ASN A 1 120 ? 3.907   -4.508  13.324  1.00 13.84 ? 142 ASN A CB  1 
ATOM   962  C CG  . ASN A 1 120 ? 3.499   -5.763  14.034  1.00 15.69 ? 142 ASN A CG  1 
ATOM   963  O OD1 . ASN A 1 120 ? 4.004   -6.072  15.128  1.00 17.54 ? 142 ASN A OD1 1 
ATOM   964  N ND2 . ASN A 1 120 ? 2.589   -6.510  13.426  1.00 16.47 ? 142 ASN A ND2 1 
ATOM   965  N N   . SER A 1 121 ? 7.325   -4.618  12.045  1.00 11.66 ? 143 SER A N   1 
ATOM   966  C CA  . SER A 1 121 ? 8.341   -5.440  11.405  1.00 11.16 ? 143 SER A CA  1 
ATOM   967  C C   . SER A 1 121 ? 8.958   -6.366  12.449  1.00 10.41 ? 143 SER A C   1 
ATOM   968  O O   . SER A 1 121 ? 8.989   -6.042  13.638  1.00 10.54 ? 143 SER A O   1 
ATOM   969  C CB  . SER A 1 121 ? 9.423   -4.546  10.786  1.00 11.46 ? 143 SER A CB  1 
ATOM   970  O OG  . SER A 1 121 ? 10.045  -3.755  11.765  1.00 14.96 ? 143 SER A OG  1 
ATOM   971  N N   . PHE A 1 122 ? 9.438   -7.515  12.006  1.00 9.56  ? 144 PHE A N   1 
ATOM   972  C CA  . PHE A 1 122 ? 10.080  -8.424  12.944  1.00 10.13 ? 144 PHE A CA  1 
ATOM   973  C C   . PHE A 1 122 ? 11.579  -8.471  12.709  1.00 10.23 ? 144 PHE A C   1 
ATOM   974  O O   . PHE A 1 122 ? 12.095  -7.851  11.768  1.00 10.39 ? 144 PHE A O   1 
ATOM   975  C CB  . PHE A 1 122 ? 9.380   -9.800  13.033  1.00 11.51 ? 144 PHE A CB  1 
ATOM   976  C CG  . PHE A 1 122 ? 9.155   -10.492 11.717  1.00 12.78 ? 144 PHE A CG  1 
ATOM   977  C CD1 . PHE A 1 122 ? 10.152  -11.285 11.146  1.00 13.93 ? 144 PHE A CD1 1 
ATOM   978  C CD2 . PHE A 1 122 ? 7.915   -10.427 11.086  1.00 14.69 ? 144 PHE A CD2 1 
ATOM   979  C CE1 . PHE A 1 122 ? 9.931   -11.955 9.942   1.00 14.86 ? 144 PHE A CE1 1 
ATOM   980  C CE2 . PHE A 1 122 ? 7.686   -11.100 9.882   1.00 16.25 ? 144 PHE A CE2 1 
ATOM   981  C CZ  . PHE A 1 122 ? 8.697   -11.855 9.308   1.00 16.22 ? 144 PHE A CZ  1 
ATOM   982  N N   . ASP A 1 123 ? 12.290  -9.139  13.611  1.00 10.31 ? 145 ASP A N   1 
ATOM   983  C CA  . ASP A 1 123 ? 13.736  -9.256  13.501  1.00 10.15 ? 145 ASP A CA  1 
ATOM   984  C C   . ASP A 1 123 ? 14.119  -9.880  12.163  1.00 10.05 ? 145 ASP A C   1 
ATOM   985  O O   . ASP A 1 123 ? 13.478  -10.821 11.703  1.00 11.18 ? 145 ASP A O   1 
ATOM   986  C CB  . ASP A 1 123 ? 14.276  -10.123 14.640  1.00 10.50 ? 145 ASP A CB  1 
ATOM   987  C CG  . ASP A 1 123 ? 15.766  -10.231 14.614  1.00 12.01 ? 145 ASP A CG  1 
ATOM   988  O OD1 . ASP A 1 123 ? 16.437  -9.303  15.110  1.00 13.07 ? 145 ASP A OD1 1 
ATOM   989  O OD2 . ASP A 1 123 ? 16.266  -11.242 14.081  1.00 13.43 ? 145 ASP A OD2 1 
ATOM   990  N N   . GLY A 1 124 ? 15.169  -9.358  11.548  1.00 10.29 ? 146 GLY A N   1 
ATOM   991  C CA  . GLY A 1 124 ? 15.620  -9.915  10.286  1.00 11.04 ? 146 GLY A CA  1 
ATOM   992  C C   . GLY A 1 124 ? 16.788  -9.163  9.701   1.00 11.34 ? 146 GLY A C   1 
ATOM   993  O O   . GLY A 1 124 ? 17.205  -8.148  10.248  1.00 11.30 ? 146 GLY A O   1 
ATOM   994  N N   . PRO A 1 125 ? 17.293  -9.646  8.559   1.00 11.82 ? 147 PRO A N   1 
ATOM   995  C CA  . PRO A 1 125 ? 18.527  -9.147  7.968   1.00 12.44 ? 147 PRO A CA  1 
ATOM   996  C C   . PRO A 1 125 ? 18.375  -8.055  6.901   1.00 12.13 ? 147 PRO A C   1 
ATOM   997  O O   . PRO A 1 125 ? 19.391  -7.536  6.432   1.00 13.02 ? 147 PRO A O   1 
ATOM   998  C CB  . PRO A 1 125 ? 19.094  -10.400 7.305   1.00 13.25 ? 147 PRO A CB  1 
ATOM   999  C CG  . PRO A 1 125 ? 17.890  -11.113 6.823   1.00 13.55 ? 147 PRO A CG  1 
ATOM   1000 C CD  . PRO A 1 125 ? 16.826  -10.868 7.880   1.00 12.49 ? 147 PRO A CD  1 
ATOM   1001 N N   . VAL A 1 126 ? 17.145  -7.713  6.515   1.00 11.51 ? 148 VAL A N   1 
ATOM   1002 C CA  . VAL A 1 126 ? 16.900  -6.797  5.392   1.00 11.34 ? 148 VAL A CA  1 
ATOM   1003 C C   . VAL A 1 126 ? 16.899  -5.354  5.853   1.00 10.54 ? 148 VAL A C   1 
ATOM   1004 O O   . VAL A 1 126 ? 16.270  -5.011  6.847   1.00 10.61 ? 148 VAL A O   1 
ATOM   1005 C CB  . VAL A 1 126 ? 15.554  -7.120  4.702   1.00 11.64 ? 148 VAL A CB  1 
ATOM   1006 C CG1 . VAL A 1 126 ? 15.347  -6.264  3.455   1.00 12.47 ? 148 VAL A CG1 1 
ATOM   1007 C CG2 . VAL A 1 126 ? 15.471  -8.604  4.346   1.00 13.24 ? 148 VAL A CG2 1 
ATOM   1008 N N   . THR A 1 127 ? 17.608  -4.499  5.124   1.00 10.47 ? 149 THR A N   1 
ATOM   1009 C CA  . THR A 1 127 ? 17.468  -3.072  5.327   1.00 10.83 ? 149 THR A CA  1 
ATOM   1010 C C   . THR A 1 127 ? 16.188  -2.627  4.621   1.00 9.51  ? 149 THR A C   1 
ATOM   1011 O O   . THR A 1 127 ? 16.100  -2.636  3.399   1.00 9.75  ? 149 THR A O   1 
ATOM   1012 C CB  . THR A 1 127 ? 18.679  -2.289  4.796   1.00 11.33 ? 149 THR A CB  1 
ATOM   1013 O OG1 . THR A 1 127 ? 19.856  -2.714  5.494   1.00 13.47 ? 149 THR A OG1 1 
ATOM   1014 C CG2 . THR A 1 127 ? 18.492  -0.807  5.055   1.00 12.09 ? 149 THR A CG2 1 
ATOM   1015 N N   . ILE A 1 128 ? 15.188  -2.275  5.406   1.00 8.43  ? 150 ILE A N   1 
ATOM   1016 C CA  . ILE A 1 128 ? 13.911  -1.832  4.854   1.00 8.55  ? 150 ILE A CA  1 
ATOM   1017 C C   . ILE A 1 128 ? 13.814  -0.319  4.959   1.00 8.49  ? 150 ILE A C   1 
ATOM   1018 O O   . ILE A 1 128 ? 13.944  0.242   6.054   1.00 8.93  ? 150 ILE A O   1 
ATOM   1019 C CB  . ILE A 1 128 ? 12.734  -2.474  5.611   1.00 9.12  ? 150 ILE A CB  1 
ATOM   1020 C CG1 . ILE A 1 128 ? 12.836  -4.005  5.601   1.00 10.36 ? 150 ILE A CG1 1 
ATOM   1021 C CG2 . ILE A 1 128 ? 11.400  -2.028  5.003   1.00 9.39  ? 150 ILE A CG2 1 
ATOM   1022 C CD1 . ILE A 1 128 ? 11.937  -4.679  6.645   1.00 12.88 ? 150 ILE A CD1 1 
ATOM   1023 N N   . THR A 1 129 ? 13.590  0.340   3.825   1.00 7.43  ? 151 THR A N   1 
ATOM   1024 C CA  . THR A 1 129 ? 13.483  1.794   3.807   1.00 7.75  ? 151 THR A CA  1 
ATOM   1025 C C   . THR A 1 129 ? 12.098  2.240   3.379   1.00 7.20  ? 151 THR A C   1 
ATOM   1026 O O   . THR A 1 129 ? 11.644  1.903   2.275   1.00 8.07  ? 151 THR A O   1 
ATOM   1027 C CB  . THR A 1 129 ? 14.559  2.427   2.881   1.00 8.41  ? 151 THR A CB  1 
ATOM   1028 O OG1 . THR A 1 129 ? 15.862  1.991   3.307   1.00 10.97 ? 151 THR A OG1 1 
ATOM   1029 C CG2 . THR A 1 129 ? 14.497  3.951   2.934   1.00 10.47 ? 151 THR A CG2 1 
ATOM   1030 N N   A ILE A 1 130 ? 11.436  2.983   4.256   0.50 7.03  ? 152 ILE A N   1 
ATOM   1031 N N   B ILE A 1 130 ? 11.432  2.994   4.247   0.50 6.97  ? 152 ILE A N   1 
ATOM   1032 C CA  A ILE A 1 130 ? 10.203  3.663   3.904   0.50 6.86  ? 152 ILE A CA  1 
ATOM   1033 C CA  B ILE A 1 130 ? 10.177  3.653   3.894   0.50 6.79  ? 152 ILE A CA  1 
ATOM   1034 C C   A ILE A 1 130 ? 10.599  4.926   3.154   0.50 5.88  ? 152 ILE A C   1 
ATOM   1035 C C   B ILE A 1 130 ? 10.502  4.969   3.205   0.50 5.80  ? 152 ILE A C   1 
ATOM   1036 O O   A ILE A 1 130 ? 11.450  5.693   3.629   0.50 5.83  ? 152 ILE A O   1 
ATOM   1037 O O   B ILE A 1 130 ? 11.182  5.830   3.796   0.50 6.28  ? 152 ILE A O   1 
ATOM   1038 C CB  A ILE A 1 130 ? 9.394   4.034   5.152   0.50 7.50  ? 152 ILE A CB  1 
ATOM   1039 C CB  B ILE A 1 130 ? 9.330   3.963   5.128   0.50 7.31  ? 152 ILE A CB  1 
ATOM   1040 C CG1 A ILE A 1 130 ? 9.250   2.817   6.069   0.50 8.69  ? 152 ILE A CG1 1 
ATOM   1041 C CG1 B ILE A 1 130 ? 8.778   2.676   5.738   0.50 8.34  ? 152 ILE A CG1 1 
ATOM   1042 C CG2 A ILE A 1 130 ? 8.039   4.590   4.753   0.50 8.56  ? 152 ILE A CG2 1 
ATOM   1043 C CG2 B ILE A 1 130 ? 8.200   4.920   4.767   0.50 8.42  ? 152 ILE A CG2 1 
ATOM   1044 C CD1 A ILE A 1 130 ? 8.754   1.589   5.352   0.50 10.87 ? 152 ILE A CD1 1 
ATOM   1045 C CD1 B ILE A 1 130 ? 8.246   2.873   7.122   0.50 9.95  ? 152 ILE A CD1 1 
ATOM   1046 N N   . VAL A 1 131 ? 10.042  5.102   1.962   1.00 5.86  ? 153 VAL A N   1 
ATOM   1047 C CA  . VAL A 1 131 ? 10.286  6.280   1.143   1.00 5.85  ? 153 VAL A CA  1 
ATOM   1048 C C   . VAL A 1 131 ? 8.960   7.013   0.964   1.00 5.50  ? 153 VAL A C   1 
ATOM   1049 O O   . VAL A 1 131 ? 8.004   6.475   0.392   1.00 6.05  ? 153 VAL A O   1 
ATOM   1050 C CB  . VAL A 1 131 ? 10.871  5.903   -0.227  1.00 5.54  ? 153 VAL A CB  1 
ATOM   1051 C CG1 . VAL A 1 131 ? 11.277  7.159   -0.969  1.00 6.64  ? 153 VAL A CG1 1 
ATOM   1052 C CG2 . VAL A 1 131 ? 12.075  4.962   -0.085  1.00 7.60  ? 153 VAL A CG2 1 
ATOM   1053 N N   . ASN A 1 132 ? 8.898   8.227   1.487   1.00 5.07  ? 154 ASN A N   1 
ATOM   1054 C CA  . ASN A 1 132 ? 7.741   9.074   1.320   1.00 5.84  ? 154 ASN A CA  1 
ATOM   1055 C C   . ASN A 1 132 ? 7.803   9.808   -0.004  1.00 5.44  ? 154 ASN A C   1 
ATOM   1056 O O   . ASN A 1 132 ? 8.870   9.904   -0.611  1.00 5.53  ? 154 ASN A O   1 
ATOM   1057 C CB  . ASN A 1 132 ? 7.652   10.025  2.497   1.00 6.30  ? 154 ASN A CB  1 
ATOM   1058 C CG  . ASN A 1 132 ? 7.287   9.301   3.766   1.00 5.56  ? 154 ASN A CG  1 
ATOM   1059 O OD1 . ASN A 1 132 ? 6.100   9.008   3.997   1.00 6.13  ? 154 ASN A OD1 1 
ATOM   1060 N ND2 . ASN A 1 132 ? 8.274   8.978   4.595   1.00 6.03  ? 154 ASN A ND2 1 
ATOM   1061 N N   . ARG A 1 133 ? 6.669   10.318  -0.474  1.00 5.18  ? 155 ARG A N   1 
ATOM   1062 C CA  . ARG A 1 133 ? 6.630   10.990  -1.752  1.00 5.83  ? 155 ARG A CA  1 
ATOM   1063 C C   . ARG A 1 133 ? 7.463   12.278  -1.733  1.00 5.31  ? 155 ARG A C   1 
ATOM   1064 O O   . ARG A 1 133 ? 8.025   12.668  -2.756  1.00 5.56  ? 155 ARG A O   1 
ATOM   1065 C CB  . ARG A 1 133 ? 5.179   11.221  -2.186  1.00 6.04  ? 155 ARG A CB  1 
ATOM   1066 C CG  . ARG A 1 133 ? 4.968   11.906  -3.542  1.00 6.95  ? 155 ARG A CG  1 
ATOM   1067 C CD  . ARG A 1 133 ? 5.457   11.143  -4.754  1.00 9.07  ? 155 ARG A CD  1 
ATOM   1068 N NE  . ARG A 1 133 ? 6.917   11.160  -4.868  1.00 9.38  ? 155 ARG A NE  1 
ATOM   1069 C CZ  . ARG A 1 133 ? 7.597   10.771  -5.937  1.00 9.70  ? 155 ARG A CZ  1 
ATOM   1070 N NH1 . ARG A 1 133 ? 8.917   10.807  -5.921  1.00 11.14 ? 155 ARG A NH1 1 
ATOM   1071 N NH2 . ARG A 1 133 ? 6.947   10.366  -7.030  1.00 11.24 ? 155 ARG A NH2 1 
ATOM   1072 N N   . ASP A 1 134 ? 7.582   12.912  -0.564  1.00 5.42  ? 156 ASP A N   1 
ATOM   1073 C CA  . ASP A 1 134 ? 8.448   14.088  -0.412  1.00 5.98  ? 156 ASP A CA  1 
ATOM   1074 C C   . ASP A 1 134 ? 9.907   13.730  -0.221  1.00 5.80  ? 156 ASP A C   1 
ATOM   1075 O O   . ASP A 1 134 ? 10.728  14.639  -0.005  1.00 6.55  ? 156 ASP A O   1 
ATOM   1076 C CB  . ASP A 1 134 ? 7.952   15.012  0.718   1.00 6.94  ? 156 ASP A CB  1 
ATOM   1077 C CG  . ASP A 1 134 ? 8.196   14.462  2.114   1.00 7.59  ? 156 ASP A CG  1 
ATOM   1078 O OD1 . ASP A 1 134 ? 8.777   13.371  2.277   1.00 7.28  ? 156 ASP A OD1 1 
ATOM   1079 O OD2 . ASP A 1 134 ? 7.782   15.165  3.068   1.00 7.59  ? 156 ASP A OD2 1 
ATOM   1080 N N   . GLY A 1 135 ? 10.248  12.454  -0.305  1.00 5.80  ? 157 GLY A N   1 
ATOM   1081 C CA  . GLY A 1 135 ? 11.635  12.021  -0.246  1.00 6.12  ? 157 GLY A CA  1 
ATOM   1082 C C   . GLY A 1 135 ? 12.122  11.610  1.127   1.00 6.31  ? 157 GLY A C   1 
ATOM   1083 O O   . GLY A 1 135 ? 13.162  10.972  1.246   1.00 6.71  ? 157 GLY A O   1 
ATOM   1084 N N   A THR A 1 136 ? 11.358  11.982  2.166   0.50 5.97  ? 158 THR A N   1 
ATOM   1085 N N   B THR A 1 136 ? 11.399  11.972  2.168   0.50 6.47  ? 158 THR A N   1 
ATOM   1086 C CA  A THR A 1 136 ? 11.668  11.653  3.570   0.50 6.10  ? 158 THR A CA  1 
ATOM   1087 C CA  B THR A 1 136 ? 11.904  11.662  3.479   0.50 6.96  ? 158 THR A CA  1 
ATOM   1088 C C   A THR A 1 136 ? 11.828  10.130  3.689   0.50 5.97  ? 158 THR A C   1 
ATOM   1089 C C   B THR A 1 136 ? 11.850  10.160  3.700   0.50 6.52  ? 158 THR A C   1 
ATOM   1090 O O   A THR A 1 136 ? 10.982  9.378   3.183   0.50 5.68  ? 158 THR A O   1 
ATOM   1091 O O   B THR A 1 136 ? 10.894  9.467   3.306   0.50 6.37  ? 158 THR A O   1 
ATOM   1092 C CB  A THR A 1 136 ? 10.568  12.174  4.570   0.50 5.80  ? 158 THR A CB  1 
ATOM   1093 C CB  B THR A 1 136 ? 11.157  12.400  4.543   0.50 7.57  ? 158 THR A CB  1 
ATOM   1094 O OG1 A THR A 1 136 ? 10.396  13.588  4.426   0.50 6.34  ? 158 THR A OG1 1 
ATOM   1095 O OG1 B THR A 1 136 ? 9.785   12.037  4.464   0.50 7.37  ? 158 THR A OG1 1 
ATOM   1096 C CG2 A THR A 1 136 ? 10.980  11.914  6.011   0.50 6.65  ? 158 THR A CG2 1 
ATOM   1097 C CG2 B THR A 1 136 ? 11.283  13.891  4.316   0.50 7.97  ? 158 THR A CG2 1 
ATOM   1098 N N   . ARG A 1 137 ? 12.896  9.666   4.338   1.00 6.55  ? 159 ARG A N   1 
ATOM   1099 C CA  . ARG A 1 137 ? 13.147  8.247   4.466   1.00 7.29  ? 159 ARG A CA  1 
ATOM   1100 C C   . ARG A 1 137 ? 13.320  7.841   5.905   1.00 8.30  ? 159 ARG A C   1 
ATOM   1101 O O   . ARG A 1 137 ? 13.821  8.619   6.729   1.00 9.48  ? 159 ARG A O   1 
ATOM   1102 C CB  . ARG A 1 137 ? 14.393  7.848   3.687   1.00 8.17  ? 159 ARG A CB  1 
ATOM   1103 C CG  . ARG A 1 137 ? 14.144  7.749   2.195   1.00 8.07  ? 159 ARG A CG  1 
ATOM   1104 C CD  . ARG A 1 137 ? 15.455  7.584   1.435   1.00 8.40  ? 159 ARG A CD  1 
ATOM   1105 N NE  . ARG A 1 137 ? 15.280  7.170   0.040   1.00 9.82  ? 159 ARG A NE  1 
ATOM   1106 C CZ  . ARG A 1 137 ? 14.915  7.960   -0.956  1.00 12.72 ? 159 ARG A CZ  1 
ATOM   1107 N NH1 . ARG A 1 137 ? 14.644  9.249   -0.753  1.00 12.81 ? 159 ARG A NH1 1 
ATOM   1108 N NH2 . ARG A 1 137 ? 14.822  7.439   -2.183  1.00 14.76 ? 159 ARG A NH2 1 
ATOM   1109 N N   . TYR A 1 138 ? 12.872  6.629   6.199   1.00 8.71  ? 160 TYR A N   1 
ATOM   1110 C CA  . TYR A 1 138 ? 13.107  5.977   7.485   1.00 9.94  ? 160 TYR A CA  1 
ATOM   1111 C C   . TYR A 1 138 ? 13.554  4.553   7.187   1.00 10.37 ? 160 TYR A C   1 
ATOM   1112 O O   . TYR A 1 138 ? 12.869  3.823   6.456   1.00 10.74 ? 160 TYR A O   1 
ATOM   1113 C CB  . TYR A 1 138 ? 11.819  5.958   8.323   1.00 11.02 ? 160 TYR A CB  1 
ATOM   1114 C CG  . TYR A 1 138 ? 11.919  5.040   9.519   1.00 14.29 ? 160 TYR A CG  1 
ATOM   1115 C CD1 . TYR A 1 138 ? 12.545  5.471   10.687  1.00 16.48 ? 160 TYR A CD1 1 
ATOM   1116 C CD2 . TYR A 1 138 ? 11.422  3.731   9.479   1.00 16.08 ? 160 TYR A CD2 1 
ATOM   1117 C CE1 . TYR A 1 138 ? 12.664  4.638   11.796  1.00 17.02 ? 160 TYR A CE1 1 
ATOM   1118 C CE2 . TYR A 1 138 ? 11.542  2.881   10.590  1.00 17.04 ? 160 TYR A CE2 1 
ATOM   1119 C CZ  . TYR A 1 138 ? 12.162  3.348   11.745  1.00 17.60 ? 160 TYR A CZ  1 
ATOM   1120 O OH  . TYR A 1 138 ? 12.291  2.539   12.855  1.00 20.11 ? 160 TYR A OH  1 
ATOM   1121 N N   . SER A 1 139 ? 14.684  4.147   7.754   1.00 11.01 ? 161 SER A N   1 
ATOM   1122 C CA  . SER A 1 139 ? 15.213  2.805   7.533   1.00 12.13 ? 161 SER A CA  1 
ATOM   1123 C C   . SER A 1 139 ? 15.330  2.025   8.835   1.00 12.16 ? 161 SER A C   1 
ATOM   1124 O O   . SER A 1 139 ? 15.588  2.596   9.902   1.00 12.44 ? 161 SER A O   1 
ATOM   1125 C CB  . SER A 1 139 ? 16.592  2.853   6.864   1.00 13.07 ? 161 SER A CB  1 
ATOM   1126 O OG  . SER A 1 139 ? 16.523  3.409   5.568   1.00 15.50 ? 161 SER A OG  1 
ATOM   1127 N N   . LYS A 1 140 ? 15.161  0.713   8.733   1.00 11.77 ? 162 LYS A N   1 
ATOM   1128 C CA  . LYS A 1 140 ? 15.417  -0.181  9.852   1.00 13.12 ? 162 LYS A CA  1 
ATOM   1129 C C   . LYS A 1 140 ? 15.775  -1.553  9.305   1.00 12.85 ? 162 LYS A C   1 
ATOM   1130 O O   . LYS A 1 140 ? 15.419  -1.903  8.169   1.00 13.68 ? 162 LYS A O   1 
ATOM   1131 C CB  . LYS A 1 140 ? 14.201  -0.261  10.771  1.00 13.86 ? 162 LYS A CB  1 
ATOM   1132 C CG  . LYS A 1 140 ? 13.008  -1.015  10.190  1.00 15.78 ? 162 LYS A CG  1 
ATOM   1133 C CD  . LYS A 1 140 ? 11.731  -0.823  11.010  1.00 18.00 ? 162 LYS A CD  1 
ATOM   1134 C CE  . LYS A 1 140 ? 11.860  -1.340  12.446  1.00 19.24 ? 162 LYS A CE  1 
ATOM   1135 N NZ  . LYS A 1 140 ? 10.547  -1.372  13.163  1.00 22.00 ? 162 LYS A NZ  1 
ATOM   1136 N N   . LYS A 1 141 ? 16.492  -2.328  10.107  1.00 12.61 ? 163 LYS A N   1 
ATOM   1137 C CA  . LYS A 1 141 ? 16.819  -3.692  9.754   1.00 12.37 ? 163 LYS A CA  1 
ATOM   1138 C C   . LYS A 1 141 ? 15.696  -4.581  10.264  1.00 11.42 ? 163 LYS A C   1 
ATOM   1139 O O   . LYS A 1 141 ? 15.256  -4.445  11.406  1.00 12.42 ? 163 LYS A O   1 
ATOM   1140 C CB  . LYS A 1 141 ? 18.159  -4.092  10.376  1.00 13.47 ? 163 LYS A CB  1 
ATOM   1141 C CG  . LYS A 1 141 ? 18.807  -5.320  9.765   1.00 17.00 ? 163 LYS A CG  1 
ATOM   1142 C CD  . LYS A 1 141 ? 20.089  -5.729  10.510  1.00 20.53 ? 163 LYS A CD  1 
ATOM   1143 C CE  . LYS A 1 141 ? 19.859  -6.018  12.008  1.00 22.22 ? 163 LYS A CE  1 
ATOM   1144 N NZ  . LYS A 1 141 ? 19.116  -7.289  12.278  1.00 23.25 ? 163 LYS A NZ  1 
ATOM   1145 N N   . GLY A 1 142 ? 15.201  -5.463  9.407   1.00 10.49 ? 164 GLY A N   1 
ATOM   1146 C CA  . GLY A 1 142 ? 14.153  -6.374  9.814   1.00 10.20 ? 164 GLY A CA  1 
ATOM   1147 C C   . GLY A 1 142 ? 13.687  -7.285  8.708   1.00 9.84  ? 164 GLY A C   1 
ATOM   1148 O O   . GLY A 1 142 ? 14.409  -7.568  7.750   1.00 10.25 ? 164 GLY A O   1 
ATOM   1149 N N   . GLU A 1 143 ? 12.462  -7.761  8.872   1.00 9.59  ? 165 GLU A N   1 
ATOM   1150 C CA  . GLU A 1 143 ? 11.802  -8.604  7.891   1.00 10.11 ? 165 GLU A CA  1 
ATOM   1151 C C   . GLU A 1 143 ? 10.304  -8.457  8.110   1.00 9.91  ? 165 GLU A C   1 
ATOM   1152 O O   . GLU A 1 143 ? 9.874   -8.083  9.203   1.00 9.96  ? 165 GLU A O   1 
ATOM   1153 C CB  . GLU A 1 143 ? 12.270  -10.059 8.048   1.00 10.49 ? 165 GLU A CB  1 
ATOM   1154 C CG  . GLU A 1 143 ? 11.625  -11.073 7.092   1.00 12.41 ? 165 GLU A CG  1 
ATOM   1155 C CD  . GLU A 1 143 ? 11.808  -10.730 5.626   1.00 14.43 ? 165 GLU A CD  1 
ATOM   1156 O OE1 . GLU A 1 143 ? 12.848  -11.105 5.039   1.00 15.15 ? 165 GLU A OE1 1 
ATOM   1157 O OE2 . GLU A 1 143 ? 10.903  -10.083 5.044   1.00 12.71 ? 165 GLU A OE2 1 
ATOM   1158 N N   . TYR A 1 144 ? 9.511   -8.737  7.076   1.00 9.93  ? 166 TYR A N   1 
ATOM   1159 C CA  . TYR A 1 144 ? 8.052   -8.748  7.234   1.00 10.01 ? 166 TYR A CA  1 
ATOM   1160 C C   . TYR A 1 144 ? 7.409   -9.962  6.570   1.00 10.96 ? 166 TYR A C   1 
ATOM   1161 O O   . TYR A 1 144 ? 6.254   -10.262 6.835   1.00 10.52 ? 166 TYR A O   1 
ATOM   1162 C CB  . TYR A 1 144 ? 7.404   -7.447  6.728   1.00 10.05 ? 166 TYR A CB  1 
ATOM   1163 C CG  . TYR A 1 144 ? 7.631   -7.205  5.267   1.00 9.54  ? 166 TYR A CG  1 
ATOM   1164 C CD1 . TYR A 1 144 ? 6.767   -7.744  4.299   1.00 10.42 ? 166 TYR A CD1 1 
ATOM   1165 C CD2 . TYR A 1 144 ? 8.718   -6.454  4.836   1.00 11.07 ? 166 TYR A CD2 1 
ATOM   1166 C CE1 . TYR A 1 144 ? 6.986   -7.537  2.942   1.00 11.44 ? 166 TYR A CE1 1 
ATOM   1167 C CE2 . TYR A 1 144 ? 8.946   -6.243  3.483   1.00 12.91 ? 166 TYR A CE2 1 
ATOM   1168 C CZ  . TYR A 1 144 ? 8.082   -6.791  2.542   1.00 11.83 ? 166 TYR A CZ  1 
ATOM   1169 O OH  . TYR A 1 144 ? 8.319   -6.572  1.202   1.00 14.22 ? 166 TYR A OH  1 
ATOM   1170 N N   . ARG A 1 145 ? 8.156   -10.663 5.722   1.00 11.90 ? 167 ARG A N   1 
ATOM   1171 C CA  . ARG A 1 145 ? 7.620   -11.777 4.941   1.00 13.26 ? 167 ARG A CA  1 
ATOM   1172 C C   . ARG A 1 145 ? 7.610   -13.047 5.768   1.00 14.58 ? 167 ARG A C   1 
ATOM   1173 O O   . ARG A 1 145 ? 8.639   -13.428 6.334   1.00 15.37 ? 167 ARG A O   1 
ATOM   1174 C CB  . ARG A 1 145 ? 8.441   -11.980 3.665   1.00 13.25 ? 167 ARG A CB  1 
ATOM   1175 C CG  . ARG A 1 145 ? 8.364   -10.802 2.705   1.00 12.87 ? 167 ARG A CG  1 
ATOM   1176 C CD  . ARG A 1 145 ? 9.461   -10.820 1.666   1.00 15.65 ? 167 ARG A CD  1 
ATOM   1177 N NE  . ARG A 1 145 ? 10.790  -10.642 2.263   1.00 15.22 ? 167 ARG A NE  1 
ATOM   1178 C CZ  . ARG A 1 145 ? 11.929  -10.614 1.578   1.00 17.25 ? 167 ARG A CZ  1 
ATOM   1179 N NH1 . ARG A 1 145 ? 11.922  -10.724 0.253   1.00 18.10 ? 167 ARG A NH1 1 
ATOM   1180 N NH2 . ARG A 1 145 ? 13.080  -10.460 2.217   1.00 17.32 ? 167 ARG A NH2 1 
ATOM   1181 N N   . THR A 1 146 ? 6.451   -13.686 5.852   1.00 15.51 ? 168 THR A N   1 
ATOM   1182 C CA  . THR A 1 146 ? 6.302   -14.912 6.637   1.00 17.43 ? 168 THR A CA  1 
ATOM   1183 C C   . THR A 1 146 ? 6.205   -16.159 5.755   1.00 18.48 ? 168 THR A C   1 
ATOM   1184 O O   . THR A 1 146 ? 6.250   -17.283 6.263   1.00 19.26 ? 168 THR A O   1 
ATOM   1185 C CB  . THR A 1 146 ? 5.082   -14.863 7.588   1.00 17.32 ? 168 THR A CB  1 
ATOM   1186 O OG1 . THR A 1 146 ? 3.871   -14.950 6.829   1.00 18.14 ? 168 THR A OG1 1 
ATOM   1187 C CG2 . THR A 1 146 ? 5.095   -13.591 8.450   1.00 17.42 ? 168 THR A CG2 1 
ATOM   1188 N N   . HIS A 1 147 ? 6.083   -15.961 4.442   1.00 19.61 ? 169 HIS A N   1 
ATOM   1189 C CA  . HIS A 1 147 ? 5.982   -17.064 3.481   1.00 21.23 ? 169 HIS A CA  1 
ATOM   1190 C C   . HIS A 1 147 ? 7.276   -17.203 2.686   1.00 22.08 ? 169 HIS A C   1 
ATOM   1191 O O   . HIS A 1 147 ? 7.754   -16.231 2.095   1.00 22.25 ? 169 HIS A O   1 
ATOM   1192 C CB  . HIS A 1 147 ? 4.812   -16.835 2.524   1.00 21.18 ? 169 HIS A CB  1 
ATOM   1193 C CG  . HIS A 1 147 ? 3.469   -16.916 3.179   1.00 21.78 ? 169 HIS A CG  1 
ATOM   1194 N ND1 . HIS A 1 147 ? 2.844   -15.824 3.742   1.00 23.16 ? 169 HIS A ND1 1 
ATOM   1195 C CD2 . HIS A 1 147 ? 2.627   -17.962 3.354   1.00 23.01 ? 169 HIS A CD2 1 
ATOM   1196 C CE1 . HIS A 1 147 ? 1.674   -16.193 4.235   1.00 23.34 ? 169 HIS A CE1 1 
ATOM   1197 N NE2 . HIS A 1 147 ? 1.520   -17.486 4.014   1.00 24.46 ? 169 HIS A NE2 1 
ATOM   1198 N N   . GLN A 1 148 ? 7.833   -18.417 2.661   1.00 23.65 ? 170 GLN A N   1 
ATOM   1199 C CA  . GLN A 1 148 ? 9.118   -18.688 2.001   1.00 24.59 ? 170 GLN A CA  1 
ATOM   1200 C C   . GLN A 1 148 ? 9.133   -18.367 0.500   1.00 24.89 ? 170 GLN A C   1 
ATOM   1201 O O   . GLN A 1 148 ? 10.111  -17.806 -0.009  1.00 25.25 ? 170 GLN A O   1 
ATOM   1202 C CB  . GLN A 1 148 ? 9.555   -20.143 2.258   1.00 24.92 ? 170 GLN A CB  1 
ATOM   1203 C CG  . GLN A 1 148 ? 10.975  -20.495 1.781   1.00 26.23 ? 170 GLN A CG  1 
ATOM   1204 C CD  . GLN A 1 148 ? 12.042  -19.523 2.274   1.00 28.16 ? 170 GLN A CD  1 
ATOM   1205 O OE1 . GLN A 1 148 ? 12.151  -19.247 3.472   1.00 29.76 ? 170 GLN A OE1 1 
ATOM   1206 N NE2 . GLN A 1 148 ? 12.841  -19.006 1.346   1.00 29.44 ? 170 GLN A NE2 1 
ATOM   1207 N N   . GLU A 1 149 ? 8.045   -18.702 -0.189  1.00 25.37 ? 171 GLU A N   1 
ATOM   1208 C CA  . GLU A 1 149 ? 7.918   -18.443 -1.629  1.00 25.84 ? 171 GLU A CA  1 
ATOM   1209 C C   . GLU A 1 149 ? 8.025   -16.956 -1.992  1.00 25.54 ? 171 GLU A C   1 
ATOM   1210 O O   . GLU A 1 149 ? 8.315   -16.609 -3.141  1.00 25.97 ? 171 GLU A O   1 
ATOM   1211 C CB  . GLU A 1 149 ? 6.622   -19.051 -2.191  1.00 26.09 ? 171 GLU A CB  1 
ATOM   1212 C CG  . GLU A 1 149 ? 5.324   -18.467 -1.628  1.00 27.84 ? 171 GLU A CG  1 
ATOM   1213 C CD  . GLU A 1 149 ? 4.819   -19.189 -0.385  1.00 29.88 ? 171 GLU A CD  1 
ATOM   1214 O OE1 . GLU A 1 149 ? 5.634   -19.544 0.496   1.00 31.19 ? 171 GLU A OE1 1 
ATOM   1215 O OE2 . GLU A 1 149 ? 3.589   -19.391 -0.290  1.00 30.66 ? 171 GLU A OE2 1 
ATOM   1216 N N   . ASP A 1 150 ? 7.800   -16.087 -1.007  1.00 25.01 ? 172 ASP A N   1 
ATOM   1217 C CA  . ASP A 1 150 ? 7.907   -14.640 -1.204  1.00 24.59 ? 172 ASP A CA  1 
ATOM   1218 C C   . ASP A 1 150 ? 9.322   -14.077 -1.053  1.00 25.28 ? 172 ASP A C   1 
ATOM   1219 O O   . ASP A 1 150 ? 9.595   -12.955 -1.491  1.00 25.82 ? 172 ASP A O   1 
ATOM   1220 C CB  . ASP A 1 150 ? 6.946   -13.903 -0.268  1.00 23.51 ? 172 ASP A CB  1 
ATOM   1221 C CG  . ASP A 1 150 ? 5.493   -14.138 -0.626  1.00 20.59 ? 172 ASP A CG  1 
ATOM   1222 O OD1 . ASP A 1 150 ? 5.197   -14.313 -1.828  1.00 18.38 ? 172 ASP A OD1 1 
ATOM   1223 O OD2 . ASP A 1 150 ? 4.651   -14.138 0.294   1.00 16.27 ? 172 ASP A OD2 1 
ATOM   1224 N N   A ILE A 1 151 ? 10.215  -14.861 -0.455  0.50 25.46 ? 173 ILE A N   1 
ATOM   1225 N N   B ILE A 1 151 ? 10.203  -14.853 -0.429  0.50 25.56 ? 173 ILE A N   1 
ATOM   1226 C CA  A ILE A 1 151 ? 11.596  -14.433 -0.242  0.50 25.57 ? 173 ILE A CA  1 
ATOM   1227 C CA  B ILE A 1 151 ? 11.569  -14.414 -0.162  0.50 25.76 ? 173 ILE A CA  1 
ATOM   1228 C C   A ILE A 1 151 ? 12.555  -15.035 -1.268  0.50 25.71 ? 173 ILE A C   1 
ATOM   1229 C C   B ILE A 1 151 ? 12.522  -14.803 -1.288  0.50 25.88 ? 173 ILE A C   1 
ATOM   1230 O O   A ILE A 1 151 ? 12.456  -16.212 -1.613  0.50 25.81 ? 173 ILE A O   1 
ATOM   1231 O O   B ILE A 1 151 ? 12.986  -13.947 -2.042  0.50 25.94 ? 173 ILE A O   1 
ATOM   1232 C CB  A ILE A 1 151 ? 12.079  -14.776 1.176   0.50 25.59 ? 173 ILE A CB  1 
ATOM   1233 C CB  B ILE A 1 151 ? 12.085  -14.978 1.173   0.50 25.84 ? 173 ILE A CB  1 
ATOM   1234 C CG1 A ILE A 1 151 ? 11.098  -14.225 2.213   0.50 25.40 ? 173 ILE A CG1 1 
ATOM   1235 C CG1 B ILE A 1 151 ? 11.183  -14.516 2.322   0.50 25.85 ? 173 ILE A CG1 1 
ATOM   1236 C CG2 A ILE A 1 151 ? 13.482  -14.230 1.404   0.50 25.48 ? 173 ILE A CG2 1 
ATOM   1237 C CG2 B ILE A 1 151 ? 13.527  -14.551 1.407   0.50 25.77 ? 173 ILE A CG2 1 
ATOM   1238 C CD1 A ILE A 1 151 ? 11.477  -14.525 3.645   0.50 25.44 ? 173 ILE A CD1 1 
ATOM   1239 C CD1 B ILE A 1 151 ? 11.584  -15.053 3.677   0.50 26.69 ? 173 ILE A CD1 1 
HETATM 1240 C CAJ . 4XC B 2 .   ? 6.080   6.895   -7.701  1.00 10.35 ? 201 4XC A CAJ 1 
HETATM 1241 C CAH . 4XC B 2 .   ? 7.260   6.647   -6.763  1.00 9.98  ? 201 4XC A CAH 1 
HETATM 1242 C CAO . 4XC B 2 .   ? 6.970   6.964   -5.407  1.00 8.30  ? 201 4XC A CAO 1 
HETATM 1243 C CAF . 4XC B 2 .   ? 8.040   7.188   -4.532  1.00 9.57  ? 201 4XC A CAF 1 
HETATM 1244 C CAD . 4XC B 2 .   ? 7.811   7.491   -3.190  1.00 8.77  ? 201 4XC A CAD 1 
HETATM 1245 C CAE . 4XC B 2 .   ? 6.510   7.555   -2.694  1.00 7.51  ? 201 4XC A CAE 1 
HETATM 1246 C CAN . 4XC B 2 .   ? 5.441   7.319   -3.564  1.00 6.94  ? 201 4XC A CAN 1 
HETATM 1247 N NAB . 4XC B 2 .   ? 4.180   7.375   -3.090  1.00 8.52  ? 201 4XC A NAB 1 
HETATM 1248 C CAP . 4XC B 2 .   ? 5.647   7.015   -4.926  1.00 8.29  ? 201 4XC A CAP 1 
HETATM 1249 C CAK . 4XC B 2 .   ? 4.535   6.797   -5.800  1.00 9.27  ? 201 4XC A CAK 1 
HETATM 1250 N NAQ . 4XC B 2 .   ? 4.844   6.306   -7.166  1.00 9.92  ? 201 4XC A NAQ 1 
HETATM 1251 C CAI . 4XC B 2 .   ? 3.712   6.529   -8.106  1.00 12.02 ? 201 4XC A CAI 1 
HETATM 1252 C CAG . 4XC B 2 .   ? 3.867   5.625   -9.348  1.00 15.15 ? 201 4XC A CAG 1 
HETATM 1253 C CAM . 4XC B 2 .   ? 2.816   5.895   -10.428 1.00 16.75 ? 201 4XC A CAM 1 
HETATM 1254 O OAC . 4XC B 2 .   ? 1.753   6.446   -10.153 1.00 18.85 ? 201 4XC A OAC 1 
HETATM 1255 N NAL . 4XC B 2 .   ? 3.150   5.446   -11.657 1.00 17.84 ? 201 4XC A NAL 1 
HETATM 1256 C CAA . 4XC B 2 .   ? 2.194   5.662   -12.760 1.00 19.36 ? 201 4XC A CAA 1 
HETATM 1257 S S   . DMS C 3 .   ? 4.586   12.379  2.575   1.00 12.95 ? 202 DMS A S   1 
HETATM 1258 O O   . DMS C 3 .   ? 5.420   12.677  1.070   1.00 9.55  ? 202 DMS A O   1 
HETATM 1259 C C1  . DMS C 3 .   ? 4.760   13.987  3.386   1.00 11.20 ? 202 DMS A C1  1 
HETATM 1260 C C2  . DMS C 3 .   ? 2.854   12.417  2.151   1.00 10.25 ? 202 DMS A C2  1 
HETATM 1261 S S   . SO4 D 4 .   ? 0.411   4.324   8.486   1.00 42.86 ? 203 SO4 A S   1 
HETATM 1262 O O1  . SO4 D 4 .   ? 1.447   4.925   9.327   1.00 43.93 ? 203 SO4 A O1  1 
HETATM 1263 O O2  . SO4 D 4 .   ? -0.828  5.092   8.619   1.00 43.16 ? 203 SO4 A O2  1 
HETATM 1264 O O3  . SO4 D 4 .   ? 0.852   4.344   7.094   1.00 44.17 ? 203 SO4 A O3  1 
HETATM 1265 O O4  . SO4 D 4 .   ? 0.190   2.943   8.912   1.00 43.04 ? 203 SO4 A O4  1 
HETATM 1266 O O   . HOH E 5 .   ? 5.971   -10.793 -3.686  1.00 18.82 ? 301 HOH A O   1 
HETATM 1267 O O   . HOH E 5 .   ? -16.147 2.272   5.319   1.00 16.57 ? 302 HOH A O   1 
HETATM 1268 O O   . HOH E 5 .   ? 13.894  8.411   -4.262  1.00 14.03 ? 303 HOH A O   1 
HETATM 1269 O O   . HOH E 5 .   ? 8.119   14.724  5.609   1.00 11.68 ? 304 HOH A O   1 
HETATM 1270 O O   . HOH E 5 .   ? 0.000   6.297   -8.312  1.00 14.47 ? 305 HOH A O   1 
HETATM 1271 O O   . HOH E 5 .   ? -9.150  8.438   13.175  1.00 10.24 ? 306 HOH A O   1 
HETATM 1272 O O   . HOH E 5 .   ? 14.842  -12.652 5.696   1.00 25.09 ? 307 HOH A O   1 
HETATM 1273 O O   . HOH E 5 .   ? 0.023   0.225   -14.325 1.00 15.26 ? 308 HOH A O   1 
HETATM 1274 O O   . HOH E 5 .   ? 13.199  -0.623  -8.990  1.00 22.08 ? 309 HOH A O   1 
HETATM 1275 O O   . HOH E 5 .   ? -8.833  -7.369  5.216   1.00 16.41 ? 310 HOH A O   1 
HETATM 1276 O O   . HOH E 5 .   ? -8.811  7.432   -14.749 1.00 10.70 ? 311 HOH A O   1 
HETATM 1277 O O   . HOH E 5 .   ? -16.081 -0.346  -8.011  1.00 23.23 ? 312 HOH A O   1 
HETATM 1278 O O   . HOH E 5 .   ? 5.393   -13.409 2.846   1.00 15.10 ? 313 HOH A O   1 
HETATM 1279 O O   . HOH E 5 .   ? 20.733  -5.408  5.473   1.00 24.07 ? 314 HOH A O   1 
HETATM 1280 O O   . HOH E 5 .   ? 9.232   -8.979  -4.633  1.00 22.25 ? 315 HOH A O   1 
HETATM 1281 O O   . HOH E 5 .   ? -5.975  8.996   7.069   1.00 6.84  ? 316 HOH A O   1 
HETATM 1282 O O   . HOH E 5 .   ? -7.184  14.364  -4.177  1.00 25.95 ? 317 HOH A O   1 
HETATM 1283 O O   . HOH E 5 .   ? 4.063   14.298  -0.609  1.00 8.60  ? 318 HOH A O   1 
HETATM 1284 O O   . HOH E 5 .   ? 14.495  -5.849  -2.778  1.00 22.13 ? 319 HOH A O   1 
HETATM 1285 O O   . HOH E 5 .   ? -1.532  8.122   9.015   1.00 13.74 ? 320 HOH A O   1 
HETATM 1286 O O   . HOH E 5 .   ? -2.071  -9.149  -17.301 1.00 9.48  ? 321 HOH A O   1 
HETATM 1287 O O   . HOH E 5 .   ? 9.537   -3.724  14.928  1.00 19.57 ? 322 HOH A O   1 
HETATM 1288 O O   . HOH E 5 .   ? 5.081   -3.205  -5.712  1.00 7.60  ? 323 HOH A O   1 
HETATM 1289 O O   . HOH E 5 .   ? 12.351  -5.005  12.452  1.00 15.99 ? 324 HOH A O   1 
HETATM 1290 O O   . HOH E 5 .   ? -5.713  -15.084 -14.869 1.00 9.11  ? 325 HOH A O   1 
HETATM 1291 O O   . HOH E 5 .   ? -15.815 -2.839  5.462   1.00 11.16 ? 326 HOH A O   1 
HETATM 1292 O O   . HOH E 5 .   ? 11.734  5.209   -4.037  1.00 14.21 ? 327 HOH A O   1 
HETATM 1293 O O   . HOH E 5 .   ? -9.330  -3.924  6.420   1.00 11.11 ? 328 HOH A O   1 
HETATM 1294 O O   . HOH E 5 .   ? 2.891   -16.177 -9.184  1.00 17.11 ? 329 HOH A O   1 
HETATM 1295 O O   . HOH E 5 .   ? 4.542   -9.110  8.609   1.00 12.29 ? 330 HOH A O   1 
HETATM 1296 O O   . HOH E 5 .   ? -13.306 -6.394  -2.899  1.00 14.47 ? 331 HOH A O   1 
HETATM 1297 O O   . HOH E 5 .   ? 15.869  4.579   -0.623  1.00 18.03 ? 332 HOH A O   1 
HETATM 1298 O O   . HOH E 5 .   ? -16.970 7.487   -9.989  1.00 14.74 ? 333 HOH A O   1 
HETATM 1299 O O   . HOH E 5 .   ? 4.502   9.640   1.457   1.00 9.80  ? 334 HOH A O   1 
HETATM 1300 O O   . HOH E 5 .   ? -2.643  -7.901  6.935   1.00 20.64 ? 335 HOH A O   1 
HETATM 1301 O O   . HOH E 5 .   ? -20.853 -3.629  1.693   1.00 19.04 ? 336 HOH A O   1 
HETATM 1302 O O   . HOH E 5 .   ? -10.468 14.728  2.816   1.00 20.53 ? 337 HOH A O   1 
HETATM 1303 O O   . HOH E 5 .   ? 6.256   17.449  2.783   1.00 14.59 ? 338 HOH A O   1 
HETATM 1304 O O   . HOH E 5 .   ? 14.428  8.656   9.425   1.00 23.44 ? 339 HOH A O   1 
HETATM 1305 O O   . HOH E 5 .   ? 0.035   4.348   -16.449 1.00 23.89 ? 340 HOH A O   1 
HETATM 1306 O O   . HOH E 5 .   ? -16.736 6.451   -2.788  1.00 13.07 ? 341 HOH A O   1 
HETATM 1307 O O   . HOH E 5 .   ? -6.959  -6.639  -19.118 1.00 20.37 ? 342 HOH A O   1 
HETATM 1308 O O   . HOH E 5 .   ? -1.015  -13.101 -6.125  1.00 14.16 ? 343 HOH A O   1 
HETATM 1309 O O   . HOH E 5 .   ? -14.112 -3.504  -13.495 1.00 12.89 ? 344 HOH A O   1 
HETATM 1310 O O   . HOH E 5 .   ? -2.064  16.307  6.029   1.00 16.96 ? 345 HOH A O   1 
HETATM 1311 O O   . HOH E 5 .   ? 15.154  -13.703 13.365  1.00 16.29 ? 346 HOH A O   1 
HETATM 1312 O O   . HOH E 5 .   ? -15.703 -7.447  -6.123  1.00 17.35 ? 347 HOH A O   1 
HETATM 1313 O O   . HOH E 5 .   ? -6.212  -1.326  10.659  1.00 18.43 ? 348 HOH A O   1 
HETATM 1314 O O   . HOH E 5 .   ? -3.246  9.881   -9.988  1.00 26.06 ? 349 HOH A O   1 
HETATM 1315 O O   . HOH E 5 .   ? -4.782  11.084  -3.720  1.00 13.41 ? 350 HOH A O   1 
HETATM 1316 O O   . HOH E 5 .   ? -2.266  8.658   -3.646  1.00 14.85 ? 351 HOH A O   1 
HETATM 1317 O O   . HOH E 5 .   ? 10.748  -5.630  -5.955  1.00 17.78 ? 352 HOH A O   1 
HETATM 1318 O O   . HOH E 5 .   ? 16.307  9.987   6.326   1.00 21.58 ? 353 HOH A O   1 
HETATM 1319 O O   . HOH E 5 .   ? 16.168  -6.736  12.869  1.00 14.72 ? 354 HOH A O   1 
HETATM 1320 O O   . HOH E 5 .   ? -4.245  -7.053  -17.520 1.00 14.06 ? 355 HOH A O   1 
HETATM 1321 O O   . HOH E 5 .   ? 3.289   4.572   -3.265  1.00 8.19  ? 356 HOH A O   1 
HETATM 1322 O O   . HOH E 5 .   ? -13.555 -6.101  0.336   1.00 18.11 ? 357 HOH A O   1 
HETATM 1323 O O   . HOH E 5 .   ? -5.096  -8.069  5.817   1.00 13.39 ? 358 HOH A O   1 
HETATM 1324 O O   . HOH E 5 .   ? -0.755  11.581  11.549  1.00 22.85 ? 359 HOH A O   1 
HETATM 1325 O O   . HOH E 5 .   ? 2.339   9.512   -3.759  1.00 11.56 ? 360 HOH A O   1 
HETATM 1326 O O   . HOH E 5 .   ? -16.596 -3.876  1.601   1.00 13.63 ? 361 HOH A O   1 
HETATM 1327 O O   . HOH E 5 .   ? 6.196   -2.431  -12.560 1.00 24.48 ? 362 HOH A O   1 
HETATM 1328 O O   . HOH E 5 .   ? -16.353 3.263   -6.675  1.00 17.48 ? 363 HOH A O   1 
HETATM 1329 O O   . HOH E 5 .   ? -9.613  -6.289  -17.299 1.00 21.30 ? 364 HOH A O   1 
HETATM 1330 O O   . HOH E 5 .   ? -8.243  13.871  9.222   1.00 11.78 ? 365 HOH A O   1 
HETATM 1331 O O   . HOH E 5 .   ? -6.873  -9.594  -3.332  1.00 10.49 ? 366 HOH A O   1 
HETATM 1332 O O   . HOH E 5 .   ? -12.519 -8.758  -10.894 1.00 9.45  ? 367 HOH A O   1 
HETATM 1333 O O   . HOH E 5 .   ? 0.819   6.161   -5.720  1.00 14.01 ? 368 HOH A O   1 
HETATM 1334 O O   . HOH E 5 .   ? -14.526 -1.338  -12.053 1.00 13.49 ? 369 HOH A O   1 
HETATM 1335 O O   . HOH E 5 .   ? 11.332  3.403   -6.053  1.00 12.09 ? 370 HOH A O   1 
HETATM 1336 O O   . HOH E 5 .   ? -3.827  1.607   -15.569 1.00 22.68 ? 371 HOH A O   1 
HETATM 1337 O O   . HOH E 5 .   ? 1.062   10.572  -1.506  1.00 10.78 ? 372 HOH A O   1 
HETATM 1338 O O   . HOH E 5 .   ? 13.149  1.498   -5.462  1.00 17.60 ? 373 HOH A O   1 
HETATM 1339 O O   . HOH E 5 .   ? -15.959 -0.274  6.399   1.00 13.59 ? 374 HOH A O   1 
HETATM 1340 O O   . HOH E 5 .   ? 4.060   10.366  -7.950  1.00 25.08 ? 375 HOH A O   1 
HETATM 1341 O O   . HOH E 5 .   ? -15.859 5.095   -14.812 1.00 22.71 ? 376 HOH A O   1 
HETATM 1342 O O   . HOH E 5 .   ? -8.374  -3.161  10.460  1.00 22.33 ? 377 HOH A O   1 
HETATM 1343 O O   . HOH E 5 .   ? -9.070  16.152  4.544   1.00 21.80 ? 378 HOH A O   1 
HETATM 1344 O O   . HOH E 5 .   ? -9.616  16.188  9.065   1.00 25.08 ? 379 HOH A O   1 
HETATM 1345 O O   . HOH E 5 .   ? 11.326  8.097   -4.623  1.00 13.87 ? 380 HOH A O   1 
HETATM 1346 O O   . HOH E 5 .   ? 15.179  0.059   -7.461  1.00 23.09 ? 381 HOH A O   1 
HETATM 1347 O O   . HOH E 5 .   ? -1.633  10.614  -2.181  1.00 17.24 ? 382 HOH A O   1 
HETATM 1348 O O   . HOH E 5 .   ? -15.748 -6.903  -1.912  1.00 23.21 ? 383 HOH A O   1 
HETATM 1349 O O   . HOH E 5 .   ? -14.148 -11.975 -13.565 1.00 10.58 ? 384 HOH A O   1 
HETATM 1350 O O   . HOH E 5 .   ? -15.820 -5.390  -12.537 1.00 17.55 ? 385 HOH A O   1 
HETATM 1351 O O   . HOH E 5 .   ? 0.856   17.444  0.597   1.00 15.13 ? 386 HOH A O   1 
HETATM 1352 O O   . HOH E 5 .   ? -14.538 -11.898 -16.262 1.00 20.38 ? 387 HOH A O   1 
HETATM 1353 O O   . HOH E 5 .   ? -0.075  15.459  -1.251  1.00 17.53 ? 388 HOH A O   1 
# 
